data_1YN5
# 
_entry.id   1YN5 
# 
_audit_conform.dict_name       mmcif_pdbx.dic 
_audit_conform.dict_version    5.376 
_audit_conform.dict_location   http://mmcif.pdb.org/dictionaries/ascii/mmcif_pdbx.dic 
# 
loop_
_database_2.database_id 
_database_2.database_code 
_database_2.pdbx_database_accession 
_database_2.pdbx_DOI 
PDB   1YN5         pdb_00001yn5 10.2210/pdb1yn5/pdb 
RCSB  RCSB031706   ?            ?                   
WWPDB D_1000031706 ?            ?                   
# 
_pdbx_database_status.status_code                     REL 
_pdbx_database_status.entry_id                        1YN5 
_pdbx_database_status.recvd_initial_deposition_date   2005-01-23 
_pdbx_database_status.deposit_site                    RCSB 
_pdbx_database_status.process_site                    RCSB 
_pdbx_database_status.status_code_sf                  REL 
_pdbx_database_status.status_code_mr                  ? 
_pdbx_database_status.SG_entry                        ? 
_pdbx_database_status.pdb_format_compatible           Y 
_pdbx_database_status.status_code_cs                  ? 
_pdbx_database_status.status_code_nmr_data            ? 
_pdbx_database_status.methods_development_category    ? 
# 
loop_
_audit_author.name 
_audit_author.pdbx_ordinal 
'Geisbrecht, B.V.' 1 
'Hamaoka, B.Y.'    2 
'Perman, B.'       3 
'Zemla, A.'        4 
'Leahy, D.J.'      5 
# 
_citation.id                        primary 
_citation.title                     
'The Crystal Structures of EAP Domains from Staphylococcus aureus Reveal an Unexpected Homology to Bacterial Superantigens.' 
_citation.journal_abbrev            J.Biol.Chem. 
_citation.journal_volume            280 
_citation.page_first                17243 
_citation.page_last                 17250 
_citation.year                      2005 
_citation.journal_id_ASTM           JBCHA3 
_citation.country                   US 
_citation.journal_id_ISSN           0021-9258 
_citation.journal_id_CSD            0071 
_citation.book_publisher            ? 
_citation.pdbx_database_id_PubMed   15691839 
_citation.pdbx_database_id_DOI      10.1074/jbc.M412311200 
# 
loop_
_citation_author.citation_id 
_citation_author.name 
_citation_author.ordinal 
_citation_author.identifier_ORCID 
primary 'Geisbrecht, B.V.' 1 ? 
primary 'Hamaoka, B.Y.'    2 ? 
primary 'Perman, B.'       3 ? 
primary 'Zemla, A.'        4 ? 
primary 'Leahy, D.J.'      5 ? 
# 
_cell.entry_id           1YN5 
_cell.length_a           50.01 
_cell.length_b           31.97 
_cell.length_c           67.98 
_cell.angle_alpha        90 
_cell.angle_beta         105.21 
_cell.angle_gamma        90 
_cell.pdbx_unique_axis   ? 
_cell.Z_PDB              4 
# 
_symmetry.entry_id                         1YN5 
_symmetry.space_group_name_H-M             'P 1 21 1' 
_symmetry.pdbx_full_space_group_name_H-M   ? 
_symmetry.Int_Tables_number                4 
_symmetry.cell_setting                     ? 
_symmetry.space_group_name_Hall            ? 
# 
loop_
_entity.id 
_entity.type 
_entity.src_method 
_entity.pdbx_description 
_entity.formula_weight 
_entity.pdbx_number_of_molecules 
_entity.pdbx_ec 
_entity.pdbx_mutation 
_entity.pdbx_fragment 
_entity.details 
1 polymer man EapH2 11665.274 2  ? ? 'residues 42-144' ? 
2 water   nat water 18.015    76 ? ? ?                 ? 
# 
_entity_poly.entity_id                      1 
_entity_poly.type                           'polypeptide(L)' 
_entity_poly.nstd_linkage                   no 
_entity_poly.nstd_monomer                   no 
_entity_poly.pdbx_seq_one_letter_code       
;AKEMQNVPYTIAVDGIMAFNQSYLNLPKDSQLSYLDLGNKVKALLYDERGVTPEKIRNAKSAVYTITWKDGSKKEVDLKK
DSYTANLFDSNSIKQIDINVKTK
;
_entity_poly.pdbx_seq_one_letter_code_can   
;AKEMQNVPYTIAVDGIMAFNQSYLNLPKDSQLSYLDLGNKVKALLYDERGVTPEKIRNAKSAVYTITWKDGSKKEVDLKK
DSYTANLFDSNSIKQIDINVKTK
;
_entity_poly.pdbx_strand_id                 A,B 
_entity_poly.pdbx_target_identifier         ? 
# 
loop_
_entity_poly_seq.entity_id 
_entity_poly_seq.num 
_entity_poly_seq.mon_id 
_entity_poly_seq.hetero 
1 1   ALA n 
1 2   LYS n 
1 3   GLU n 
1 4   MET n 
1 5   GLN n 
1 6   ASN n 
1 7   VAL n 
1 8   PRO n 
1 9   TYR n 
1 10  THR n 
1 11  ILE n 
1 12  ALA n 
1 13  VAL n 
1 14  ASP n 
1 15  GLY n 
1 16  ILE n 
1 17  MET n 
1 18  ALA n 
1 19  PHE n 
1 20  ASN n 
1 21  GLN n 
1 22  SER n 
1 23  TYR n 
1 24  LEU n 
1 25  ASN n 
1 26  LEU n 
1 27  PRO n 
1 28  LYS n 
1 29  ASP n 
1 30  SER n 
1 31  GLN n 
1 32  LEU n 
1 33  SER n 
1 34  TYR n 
1 35  LEU n 
1 36  ASP n 
1 37  LEU n 
1 38  GLY n 
1 39  ASN n 
1 40  LYS n 
1 41  VAL n 
1 42  LYS n 
1 43  ALA n 
1 44  LEU n 
1 45  LEU n 
1 46  TYR n 
1 47  ASP n 
1 48  GLU n 
1 49  ARG n 
1 50  GLY n 
1 51  VAL n 
1 52  THR n 
1 53  PRO n 
1 54  GLU n 
1 55  LYS n 
1 56  ILE n 
1 57  ARG n 
1 58  ASN n 
1 59  ALA n 
1 60  LYS n 
1 61  SER n 
1 62  ALA n 
1 63  VAL n 
1 64  TYR n 
1 65  THR n 
1 66  ILE n 
1 67  THR n 
1 68  TRP n 
1 69  LYS n 
1 70  ASP n 
1 71  GLY n 
1 72  SER n 
1 73  LYS n 
1 74  LYS n 
1 75  GLU n 
1 76  VAL n 
1 77  ASP n 
1 78  LEU n 
1 79  LYS n 
1 80  LYS n 
1 81  ASP n 
1 82  SER n 
1 83  TYR n 
1 84  THR n 
1 85  ALA n 
1 86  ASN n 
1 87  LEU n 
1 88  PHE n 
1 89  ASP n 
1 90  SER n 
1 91  ASN n 
1 92  SER n 
1 93  ILE n 
1 94  LYS n 
1 95  GLN n 
1 96  ILE n 
1 97  ASP n 
1 98  ILE n 
1 99  ASN n 
1 100 VAL n 
1 101 LYS n 
1 102 THR n 
1 103 LYS n 
# 
_entity_src_gen.entity_id                          1 
_entity_src_gen.pdbx_src_id                        1 
_entity_src_gen.pdbx_alt_source_flag               sample 
_entity_src_gen.pdbx_seq_type                      ? 
_entity_src_gen.pdbx_beg_seq_num                   ? 
_entity_src_gen.pdbx_end_seq_num                   ? 
_entity_src_gen.gene_src_common_name               ? 
_entity_src_gen.gene_src_genus                     Staphylococcus 
_entity_src_gen.pdbx_gene_src_gene                 ? 
_entity_src_gen.gene_src_species                   ? 
_entity_src_gen.gene_src_strain                    Mu50 
_entity_src_gen.gene_src_tissue                    ? 
_entity_src_gen.gene_src_tissue_fraction           ? 
_entity_src_gen.gene_src_details                   ? 
_entity_src_gen.pdbx_gene_src_fragment             ? 
_entity_src_gen.pdbx_gene_src_scientific_name      'Staphylococcus aureus' 
_entity_src_gen.pdbx_gene_src_ncbi_taxonomy_id     1280 
_entity_src_gen.pdbx_gene_src_variant              ? 
_entity_src_gen.pdbx_gene_src_cell_line            ? 
_entity_src_gen.pdbx_gene_src_atcc                 ? 
_entity_src_gen.pdbx_gene_src_organ                ? 
_entity_src_gen.pdbx_gene_src_organelle            ? 
_entity_src_gen.pdbx_gene_src_cell                 ? 
_entity_src_gen.pdbx_gene_src_cellular_location    ? 
_entity_src_gen.host_org_common_name               ? 
_entity_src_gen.pdbx_host_org_scientific_name      'Escherichia coli' 
_entity_src_gen.pdbx_host_org_ncbi_taxonomy_id     562 
_entity_src_gen.host_org_genus                     Escherichia 
_entity_src_gen.pdbx_host_org_gene                 ? 
_entity_src_gen.pdbx_host_org_organ                ? 
_entity_src_gen.host_org_species                   ? 
_entity_src_gen.pdbx_host_org_tissue               ? 
_entity_src_gen.pdbx_host_org_tissue_fraction      ? 
_entity_src_gen.pdbx_host_org_strain               'B834(DE3)' 
_entity_src_gen.pdbx_host_org_variant              ? 
_entity_src_gen.pdbx_host_org_cell_line            ? 
_entity_src_gen.pdbx_host_org_atcc                 ? 
_entity_src_gen.pdbx_host_org_culture_collection   ? 
_entity_src_gen.pdbx_host_org_cell                 ? 
_entity_src_gen.pdbx_host_org_organelle            ? 
_entity_src_gen.pdbx_host_org_cellular_location    ? 
_entity_src_gen.pdbx_host_org_vector_type          Plasmid 
_entity_src_gen.pdbx_host_org_vector               ? 
_entity_src_gen.host_org_details                   ? 
_entity_src_gen.expression_system_id               ? 
_entity_src_gen.plasmid_name                       'pET28 Derivative' 
_entity_src_gen.plasmid_details                    ? 
_entity_src_gen.pdbx_description                   ? 
# 
_struct_ref.id                         1 
_struct_ref.db_name                    UNP 
_struct_ref.db_code                    Q99VA9_STAAM 
_struct_ref.pdbx_db_accession          Q99VA9 
_struct_ref.entity_id                  1 
_struct_ref.pdbx_seq_one_letter_code   
;AKEMQNVPYTIAVDGIMAFNQSYLNLPKDSQLSYLDLGNKVKALLYDERGVTPEKIRNAKSAVYTITWKDGSKKEVDLKK
DSYTANLFDSNSIKQIDINVKTK
;
_struct_ref.pdbx_align_begin           42 
_struct_ref.pdbx_db_isoform            ? 
# 
loop_
_struct_ref_seq.align_id 
_struct_ref_seq.ref_id 
_struct_ref_seq.pdbx_PDB_id_code 
_struct_ref_seq.pdbx_strand_id 
_struct_ref_seq.seq_align_beg 
_struct_ref_seq.pdbx_seq_align_beg_ins_code 
_struct_ref_seq.seq_align_end 
_struct_ref_seq.pdbx_seq_align_end_ins_code 
_struct_ref_seq.pdbx_db_accession 
_struct_ref_seq.db_align_beg 
_struct_ref_seq.pdbx_db_align_beg_ins_code 
_struct_ref_seq.db_align_end 
_struct_ref_seq.pdbx_db_align_end_ins_code 
_struct_ref_seq.pdbx_auth_seq_align_beg 
_struct_ref_seq.pdbx_auth_seq_align_end 
1 1 1YN5 A 1 ? 103 ? Q99VA9 42 ? 144 ? 42 144 
2 1 1YN5 B 1 ? 103 ? Q99VA9 42 ? 144 ? 42 144 
# 
loop_
_chem_comp.id 
_chem_comp.type 
_chem_comp.mon_nstd_flag 
_chem_comp.name 
_chem_comp.pdbx_synonyms 
_chem_comp.formula 
_chem_comp.formula_weight 
ALA 'L-peptide linking' y ALANINE         ? 'C3 H7 N O2'     89.093  
ARG 'L-peptide linking' y ARGININE        ? 'C6 H15 N4 O2 1' 175.209 
ASN 'L-peptide linking' y ASPARAGINE      ? 'C4 H8 N2 O3'    132.118 
ASP 'L-peptide linking' y 'ASPARTIC ACID' ? 'C4 H7 N O4'     133.103 
GLN 'L-peptide linking' y GLUTAMINE       ? 'C5 H10 N2 O3'   146.144 
GLU 'L-peptide linking' y 'GLUTAMIC ACID' ? 'C5 H9 N O4'     147.129 
GLY 'peptide linking'   y GLYCINE         ? 'C2 H5 N O2'     75.067  
HOH non-polymer         . WATER           ? 'H2 O'           18.015  
ILE 'L-peptide linking' y ISOLEUCINE      ? 'C6 H13 N O2'    131.173 
LEU 'L-peptide linking' y LEUCINE         ? 'C6 H13 N O2'    131.173 
LYS 'L-peptide linking' y LYSINE          ? 'C6 H15 N2 O2 1' 147.195 
MET 'L-peptide linking' y METHIONINE      ? 'C5 H11 N O2 S'  149.211 
PHE 'L-peptide linking' y PHENYLALANINE   ? 'C9 H11 N O2'    165.189 
PRO 'L-peptide linking' y PROLINE         ? 'C5 H9 N O2'     115.130 
SER 'L-peptide linking' y SERINE          ? 'C3 H7 N O3'     105.093 
THR 'L-peptide linking' y THREONINE       ? 'C4 H9 N O3'     119.119 
TRP 'L-peptide linking' y TRYPTOPHAN      ? 'C11 H12 N2 O2'  204.225 
TYR 'L-peptide linking' y TYROSINE        ? 'C9 H11 N O3'    181.189 
VAL 'L-peptide linking' y VALINE          ? 'C5 H11 N O2'    117.146 
# 
_exptl.entry_id          1YN5 
_exptl.method            'X-RAY DIFFRACTION' 
_exptl.crystals_number   1 
# 
_exptl_crystal.id                    1 
_exptl_crystal.density_meas          ? 
_exptl_crystal.density_Matthews      2.25 
_exptl_crystal.density_percent_sol   45.28 
_exptl_crystal.description           ? 
_exptl_crystal.F_000                 ? 
_exptl_crystal.preparation           ? 
# 
_exptl_crystal_grow.crystal_id      1 
_exptl_crystal_grow.method          'VAPOR DIFFUSION, HANGING DROP' 
_exptl_crystal_grow.temp            293 
_exptl_crystal_grow.temp_details    ? 
_exptl_crystal_grow.pH              6.4 
_exptl_crystal_grow.pdbx_details    
'PEG 8000, ammonium sulfate, 2,6-hexanediol, cacodylate, pH 6.4, VAPOR DIFFUSION, HANGING DROP, temperature 293K' 
_exptl_crystal_grow.pdbx_pH_range   . 
# 
_diffrn.id                     1 
_diffrn.ambient_temp           93 
_diffrn.ambient_temp_details   ? 
_diffrn.crystal_id             1 
# 
_diffrn_radiation.diffrn_id                        1 
_diffrn_radiation.wavelength_id                    1 
_diffrn_radiation.pdbx_monochromatic_or_laue_m_l   M 
_diffrn_radiation.monochromator                    ? 
_diffrn_radiation.pdbx_diffrn_protocol             'SINGLE WAVELENGTH' 
_diffrn_radiation.pdbx_scattering_type             x-ray 
# 
_diffrn_radiation_wavelength.id           1 
_diffrn_radiation_wavelength.wavelength   1.5418 
_diffrn_radiation_wavelength.wt           1.0 
# 
_diffrn_source.diffrn_id                   1 
_diffrn_source.source                      'ROTATING ANODE' 
_diffrn_source.type                        'RIGAKU RU200' 
_diffrn_source.pdbx_synchrotron_site       ? 
_diffrn_source.pdbx_synchrotron_beamline   ? 
_diffrn_source.pdbx_wavelength             ? 
_diffrn_source.pdbx_wavelength_list        1.5418 
# 
_reflns.entry_id                     1YN5 
_reflns.observed_criterion_sigma_I   ? 
_reflns.observed_criterion_sigma_F   ? 
_reflns.d_resolution_low             30 
_reflns.d_resolution_high            2.2 
_reflns.number_obs                   9383 
_reflns.number_all                   ? 
_reflns.percent_possible_obs         91.6 
_reflns.pdbx_Rmerge_I_obs            ? 
_reflns.pdbx_Rsym_value              ? 
_reflns.pdbx_netI_over_sigmaI        ? 
_reflns.B_iso_Wilson_estimate        19.8 
_reflns.pdbx_redundancy              ? 
_reflns.R_free_details               ? 
_reflns.limit_h_max                  ? 
_reflns.limit_h_min                  ? 
_reflns.limit_k_max                  ? 
_reflns.limit_k_min                  ? 
_reflns.limit_l_max                  ? 
_reflns.limit_l_min                  ? 
_reflns.observed_criterion_F_max     ? 
_reflns.observed_criterion_F_min     ? 
_reflns.pdbx_chi_squared             ? 
_reflns.pdbx_scaling_rejects         ? 
_reflns.pdbx_diffrn_id               1 
_reflns.pdbx_ordinal                 1 
# 
_reflns_shell.d_res_high             2.2 
_reflns_shell.d_res_low              2.34 
_reflns_shell.percent_possible_all   51.3 
_reflns_shell.Rmerge_I_obs           ? 
_reflns_shell.pdbx_Rsym_value        ? 
_reflns_shell.meanI_over_sigI_obs    ? 
_reflns_shell.pdbx_redundancy        ? 
_reflns_shell.percent_possible_obs   ? 
_reflns_shell.number_unique_all      ? 
_reflns_shell.number_measured_all    ? 
_reflns_shell.number_measured_obs    ? 
_reflns_shell.number_unique_obs      ? 
_reflns_shell.pdbx_chi_squared       ? 
_reflns_shell.pdbx_diffrn_id         ? 
_reflns_shell.pdbx_ordinal           1 
# 
_refine.entry_id                                 1YN5 
_refine.ls_number_reflns_obs                     9383 
_refine.ls_number_reflns_all                     ? 
_refine.pdbx_ls_sigma_I                          ? 
_refine.pdbx_ls_sigma_F                          0.0 
_refine.pdbx_data_cutoff_high_absF               414928.59 
_refine.pdbx_data_cutoff_low_absF                0.000000 
_refine.pdbx_data_cutoff_high_rms_absF           ? 
_refine.ls_d_res_low                             28.74 
_refine.ls_d_res_high                            2.20 
_refine.ls_percent_reflns_obs                    86.7 
_refine.ls_R_factor_obs                          0.258 
_refine.ls_R_factor_all                          ? 
_refine.ls_R_factor_R_work                       0.258 
_refine.ls_R_factor_R_free                       0.317 
_refine.ls_R_factor_R_free_error                 0.014 
_refine.ls_R_factor_R_free_error_details         ? 
_refine.ls_percent_reflns_R_free                 5.3 
_refine.ls_number_reflns_R_free                  500 
_refine.ls_number_parameters                     ? 
_refine.ls_number_restraints                     ? 
_refine.occupancy_min                            ? 
_refine.occupancy_max                            ? 
_refine.correlation_coeff_Fo_to_Fc               ? 
_refine.correlation_coeff_Fo_to_Fc_free          ? 
_refine.B_iso_mean                               31.6 
_refine.aniso_B[1][1]                            -3.92 
_refine.aniso_B[2][2]                            -8.65 
_refine.aniso_B[3][3]                            12.57 
_refine.aniso_B[1][2]                            0.00 
_refine.aniso_B[1][3]                            -9.55 
_refine.aniso_B[2][3]                            0.00 
_refine.solvent_model_details                    'FLAT MODEL' 
_refine.solvent_model_param_ksol                 0.348524 
_refine.solvent_model_param_bsol                 44.5064 
_refine.pdbx_solvent_vdw_probe_radii             ? 
_refine.pdbx_solvent_ion_probe_radii             ? 
_refine.pdbx_solvent_shrinkage_radii             ? 
_refine.pdbx_ls_cross_valid_method               THROUGHOUT 
_refine.details                                  ? 
_refine.pdbx_starting_model                      'EapH1, pdb entry 1YN4' 
_refine.pdbx_method_to_determine_struct          'MOLECULAR REPLACEMENT' 
_refine.pdbx_isotropic_thermal_model             RESTRAINED 
_refine.pdbx_stereochemistry_target_values       'Engh & Huber' 
_refine.pdbx_stereochem_target_val_spec_case     ? 
_refine.pdbx_R_Free_selection_details            RANDOM 
_refine.pdbx_overall_ESU_R                       ? 
_refine.pdbx_overall_ESU_R_Free                  ? 
_refine.overall_SU_ML                            ? 
_refine.overall_SU_B                             ? 
_refine.ls_redundancy_reflns_obs                 ? 
_refine.B_iso_min                                ? 
_refine.B_iso_max                                ? 
_refine.overall_SU_R_Cruickshank_DPI             ? 
_refine.overall_SU_R_free                        ? 
_refine.ls_wR_factor_R_free                      ? 
_refine.ls_wR_factor_R_work                      ? 
_refine.overall_FOM_free_R_set                   ? 
_refine.overall_FOM_work_R_set                   ? 
_refine.pdbx_refine_id                           'X-RAY DIFFRACTION' 
_refine.pdbx_diffrn_id                           1 
_refine.pdbx_TLS_residual_ADP_flag               ? 
_refine.pdbx_overall_phase_error                 ? 
_refine.pdbx_overall_SU_R_free_Cruickshank_DPI   ? 
_refine.pdbx_overall_SU_R_Blow_DPI               ? 
_refine.pdbx_overall_SU_R_free_Blow_DPI          ? 
# 
_refine_analyze.entry_id                        1YN5 
_refine_analyze.Luzzati_coordinate_error_obs    0.37 
_refine_analyze.Luzzati_sigma_a_obs             0.50 
_refine_analyze.Luzzati_d_res_low_obs           5.00 
_refine_analyze.Luzzati_coordinate_error_free   0.43 
_refine_analyze.Luzzati_sigma_a_free            0.51 
_refine_analyze.Luzzati_d_res_low_free          ? 
_refine_analyze.number_disordered_residues      ? 
_refine_analyze.occupancy_sum_hydrogen          ? 
_refine_analyze.occupancy_sum_non_hydrogen      ? 
_refine_analyze.pdbx_Luzzati_d_res_high_obs     ? 
_refine_analyze.pdbx_refine_id                  'X-RAY DIFFRACTION' 
# 
_refine_hist.pdbx_refine_id                   'X-RAY DIFFRACTION' 
_refine_hist.cycle_id                         LAST 
_refine_hist.pdbx_number_atoms_protein        1591 
_refine_hist.pdbx_number_atoms_nucleic_acid   0 
_refine_hist.pdbx_number_atoms_ligand         0 
_refine_hist.number_atoms_solvent             76 
_refine_hist.number_atoms_total               1667 
_refine_hist.d_res_high                       2.20 
_refine_hist.d_res_low                        28.74 
# 
loop_
_refine_ls_restr.type 
_refine_ls_restr.dev_ideal 
_refine_ls_restr.dev_ideal_target 
_refine_ls_restr.weight 
_refine_ls_restr.number 
_refine_ls_restr.pdbx_refine_id 
_refine_ls_restr.pdbx_restraint_function 
c_bond_d                0.010 ?    ? ? 'X-RAY DIFFRACTION' ? 
c_bond_d_na             ?     ?    ? ? 'X-RAY DIFFRACTION' ? 
c_bond_d_prot           ?     ?    ? ? 'X-RAY DIFFRACTION' ? 
c_angle_d               ?     ?    ? ? 'X-RAY DIFFRACTION' ? 
c_angle_d_na            ?     ?    ? ? 'X-RAY DIFFRACTION' ? 
c_angle_d_prot          ?     ?    ? ? 'X-RAY DIFFRACTION' ? 
c_angle_deg             1.5   ?    ? ? 'X-RAY DIFFRACTION' ? 
c_angle_deg_na          ?     ?    ? ? 'X-RAY DIFFRACTION' ? 
c_angle_deg_prot        ?     ?    ? ? 'X-RAY DIFFRACTION' ? 
c_dihedral_angle_d      24.8  ?    ? ? 'X-RAY DIFFRACTION' ? 
c_dihedral_angle_d_na   ?     ?    ? ? 'X-RAY DIFFRACTION' ? 
c_dihedral_angle_d_prot ?     ?    ? ? 'X-RAY DIFFRACTION' ? 
c_improper_angle_d      0.92  ?    ? ? 'X-RAY DIFFRACTION' ? 
c_improper_angle_d_na   ?     ?    ? ? 'X-RAY DIFFRACTION' ? 
c_improper_angle_d_prot ?     ?    ? ? 'X-RAY DIFFRACTION' ? 
c_mcbond_it             1.23  1.50 ? ? 'X-RAY DIFFRACTION' ? 
c_mcangle_it            2.02  2.00 ? ? 'X-RAY DIFFRACTION' ? 
c_scbond_it             1.88  2.00 ? ? 'X-RAY DIFFRACTION' ? 
c_scangle_it            2.80  2.50 ? ? 'X-RAY DIFFRACTION' ? 
# 
_refine_ls_shell.pdbx_total_number_of_bins_used   6 
_refine_ls_shell.d_res_high                       2.20 
_refine_ls_shell.d_res_low                        2.34 
_refine_ls_shell.number_reflns_R_work             854 
_refine_ls_shell.R_factor_R_work                  0.413 
_refine_ls_shell.percent_reflns_obs               51.0 
_refine_ls_shell.R_factor_R_free                  0.431 
_refine_ls_shell.R_factor_R_free_error            0.059 
_refine_ls_shell.percent_reflns_R_free            5.8 
_refine_ls_shell.number_reflns_R_free             53 
_refine_ls_shell.redundancy_reflns_obs            ? 
_refine_ls_shell.number_reflns_all                ? 
_refine_ls_shell.number_reflns_obs                ? 
_refine_ls_shell.pdbx_refine_id                   'X-RAY DIFFRACTION' 
_refine_ls_shell.R_factor_all                     ? 
# 
loop_
_pdbx_xplor_file.serial_no 
_pdbx_xplor_file.param_file 
_pdbx_xplor_file.topol_file 
_pdbx_xplor_file.pdbx_refine_id 
1 protein_rep.param protein.top 'X-RAY DIFFRACTION' 
2 water_rep.param   water.top   'X-RAY DIFFRACTION' 
# 
_struct.entry_id                  1YN5 
_struct.title                     
'Crystal Structures of EAP Domains from Staphylococcus aureus Reveal an Unexpected Homology to Bacterial Superantigens' 
_struct.pdbx_model_details        ? 
_struct.pdbx_CASP_flag            ? 
_struct.pdbx_model_type_details   ? 
# 
_struct_keywords.entry_id        1YN5 
_struct_keywords.pdbx_keywords   'UNKNOWN FUNCTION' 
_struct_keywords.text            
'Virulence factor, Toxin, Extracellular Adherence Protein, Staphylococcus aureus, UNKNOWN FUNCTION' 
# 
loop_
_struct_asym.id 
_struct_asym.pdbx_blank_PDB_chainid_flag 
_struct_asym.pdbx_modified 
_struct_asym.entity_id 
_struct_asym.details 
A N N 1 ? 
B N N 1 ? 
C N N 2 ? 
D N N 2 ? 
# 
loop_
_struct_biol.id 
_struct_biol.pdbx_parent_biol_id 
_struct_biol.details 
1 ? ? 
2 ? ? 
# 
loop_
_struct_conf.conf_type_id 
_struct_conf.id 
_struct_conf.pdbx_PDB_helix_id 
_struct_conf.beg_label_comp_id 
_struct_conf.beg_label_asym_id 
_struct_conf.beg_label_seq_id 
_struct_conf.pdbx_beg_PDB_ins_code 
_struct_conf.end_label_comp_id 
_struct_conf.end_label_asym_id 
_struct_conf.end_label_seq_id 
_struct_conf.pdbx_end_PDB_ins_code 
_struct_conf.beg_auth_comp_id 
_struct_conf.beg_auth_asym_id 
_struct_conf.beg_auth_seq_id 
_struct_conf.end_auth_comp_id 
_struct_conf.end_auth_asym_id 
_struct_conf.end_auth_seq_id 
_struct_conf.pdbx_PDB_helix_class 
_struct_conf.details 
_struct_conf.pdbx_PDB_helix_length 
HELX_P HELX_P1 1 TYR A 34 ? GLY A 50 ? TYR A 75  GLY A 91  1 ? 17 
HELX_P HELX_P2 2 THR A 52 ? ALA A 59 ? THR A 93  ALA A 100 1 ? 8  
HELX_P HELX_P3 3 LYS A 79 ? ASP A 81 ? LYS A 120 ASP A 122 5 ? 3  
HELX_P HELX_P4 4 TYR B 34 ? GLY B 50 ? TYR B 75  GLY B 91  1 ? 17 
HELX_P HELX_P5 5 THR B 52 ? ALA B 59 ? THR B 93  ALA B 100 1 ? 8  
# 
_struct_conf_type.id          HELX_P 
_struct_conf_type.criteria    ? 
_struct_conf_type.reference   ? 
# 
loop_
_struct_sheet.id 
_struct_sheet.type 
_struct_sheet.number_strands 
_struct_sheet.details 
A ? 3 ? 
B ? 5 ? 
C ? 2 ? 
D ? 3 ? 
E ? 5 ? 
F ? 2 ? 
# 
loop_
_struct_sheet_order.sheet_id 
_struct_sheet_order.range_id_1 
_struct_sheet_order.range_id_2 
_struct_sheet_order.offset 
_struct_sheet_order.sense 
A 1 2 ? anti-parallel 
A 2 3 ? anti-parallel 
B 1 2 ? anti-parallel 
B 2 3 ? parallel      
B 3 4 ? anti-parallel 
B 4 5 ? anti-parallel 
C 1 2 ? anti-parallel 
D 1 2 ? anti-parallel 
D 2 3 ? anti-parallel 
E 1 2 ? anti-parallel 
E 2 3 ? parallel      
E 3 4 ? anti-parallel 
E 4 5 ? anti-parallel 
F 1 2 ? anti-parallel 
# 
loop_
_struct_sheet_range.sheet_id 
_struct_sheet_range.id 
_struct_sheet_range.beg_label_comp_id 
_struct_sheet_range.beg_label_asym_id 
_struct_sheet_range.beg_label_seq_id 
_struct_sheet_range.pdbx_beg_PDB_ins_code 
_struct_sheet_range.end_label_comp_id 
_struct_sheet_range.end_label_asym_id 
_struct_sheet_range.end_label_seq_id 
_struct_sheet_range.pdbx_end_PDB_ins_code 
_struct_sheet_range.beg_auth_comp_id 
_struct_sheet_range.beg_auth_asym_id 
_struct_sheet_range.beg_auth_seq_id 
_struct_sheet_range.end_auth_comp_id 
_struct_sheet_range.end_auth_asym_id 
_struct_sheet_range.end_auth_seq_id 
A 1 ILE A 16 ? MET A 17  ? ILE A 57  MET A 58  
A 2 MET A 4  ? VAL A 13  ? MET A 45  VAL A 54  
A 3 SER A 22 ? PRO A 27  ? SER A 63  PRO A 68  
B 1 ILE A 16 ? MET A 17  ? ILE A 57  MET A 58  
B 2 MET A 4  ? VAL A 13  ? MET A 45  VAL A 54  
B 3 ILE A 93 ? LYS A 101 ? ILE A 134 LYS A 142 
B 4 SER A 61 ? TRP A 68  ? SER A 102 TRP A 109 
B 5 LYS A 73 ? ASP A 77  ? LYS A 114 ASP A 118 
C 1 GLN A 31 ? SER A 33  ? GLN A 72  SER A 74  
C 2 LEU A 87 ? ASP A 89  ? LEU A 128 ASP A 130 
D 1 ILE B 16 ? MET B 17  ? ILE B 57  MET B 58  
D 2 GLN B 5  ? VAL B 13  ? GLN B 46  VAL B 54  
D 3 SER B 22 ? LEU B 26  ? SER B 63  LEU B 67  
E 1 ILE B 16 ? MET B 17  ? ILE B 57  MET B 58  
E 2 GLN B 5  ? VAL B 13  ? GLN B 46  VAL B 54  
E 3 ILE B 93 ? LYS B 101 ? ILE B 134 LYS B 142 
E 4 SER B 61 ? TRP B 68  ? SER B 102 TRP B 109 
E 5 LYS B 73 ? ASP B 77  ? LYS B 114 ASP B 118 
F 1 GLN B 31 ? SER B 33  ? GLN B 72  SER B 74  
F 2 LEU B 87 ? ASP B 89  ? LEU B 128 ASP B 130 
# 
loop_
_pdbx_struct_sheet_hbond.sheet_id 
_pdbx_struct_sheet_hbond.range_id_1 
_pdbx_struct_sheet_hbond.range_id_2 
_pdbx_struct_sheet_hbond.range_1_label_atom_id 
_pdbx_struct_sheet_hbond.range_1_label_comp_id 
_pdbx_struct_sheet_hbond.range_1_label_asym_id 
_pdbx_struct_sheet_hbond.range_1_label_seq_id 
_pdbx_struct_sheet_hbond.range_1_PDB_ins_code 
_pdbx_struct_sheet_hbond.range_1_auth_atom_id 
_pdbx_struct_sheet_hbond.range_1_auth_comp_id 
_pdbx_struct_sheet_hbond.range_1_auth_asym_id 
_pdbx_struct_sheet_hbond.range_1_auth_seq_id 
_pdbx_struct_sheet_hbond.range_2_label_atom_id 
_pdbx_struct_sheet_hbond.range_2_label_comp_id 
_pdbx_struct_sheet_hbond.range_2_label_asym_id 
_pdbx_struct_sheet_hbond.range_2_label_seq_id 
_pdbx_struct_sheet_hbond.range_2_PDB_ins_code 
_pdbx_struct_sheet_hbond.range_2_auth_atom_id 
_pdbx_struct_sheet_hbond.range_2_auth_comp_id 
_pdbx_struct_sheet_hbond.range_2_auth_asym_id 
_pdbx_struct_sheet_hbond.range_2_auth_seq_id 
A 1 2 O ILE A 16 ? O ILE A 57  N VAL A 13 ? N VAL A 54  
A 2 3 N VAL A 7  ? N VAL A 48  O LEU A 24 ? O LEU A 65  
B 1 2 O ILE A 16 ? O ILE A 57  N VAL A 13 ? N VAL A 54  
B 2 3 N THR A 10 ? N THR A 51  O ILE A 98 ? O ILE A 139 
B 3 4 O ASP A 97 ? O ASP A 138 N THR A 65 ? N THR A 106 
B 4 5 N ILE A 66 ? N ILE A 107 O LYS A 74 ? O LYS A 115 
C 1 2 N LEU A 32 ? N LEU A 73  O PHE A 88 ? O PHE A 129 
D 1 2 O ILE B 16 ? O ILE B 57  N VAL B 13 ? N VAL B 54  
D 2 3 N GLN B 5  ? N GLN B 46  O LEU B 26 ? O LEU B 67  
E 1 2 O ILE B 16 ? O ILE B 57  N VAL B 13 ? N VAL B 54  
E 2 3 N THR B 10 ? N THR B 51  O ILE B 98 ? O ILE B 139 
E 3 4 O ASN B 99 ? O ASN B 140 N VAL B 63 ? N VAL B 104 
E 4 5 N ILE B 66 ? N ILE B 107 O LYS B 74 ? O LYS B 115 
F 1 2 N LEU B 32 ? N LEU B 73  O PHE B 88 ? O PHE B 129 
# 
_atom_sites.entry_id                    1YN5 
_atom_sites.fract_transf_matrix[1][1]   -0.01026550 
_atom_sites.fract_transf_matrix[1][2]   0.00703051 
_atom_sites.fract_transf_matrix[1][3]   0.01657083 
_atom_sites.fract_transf_matrix[2][1]   0.02160388 
_atom_sites.fract_transf_matrix[2][2]   0.02227513 
_atom_sites.fract_transf_matrix[2][3]   0.00393276 
_atom_sites.fract_transf_matrix[3][1]   -0.00973096 
_atom_sites.fract_transf_matrix[3][2]   0.01039784 
_atom_sites.fract_transf_matrix[3][3]   -0.00543809 
_atom_sites.fract_transf_vector[1]      0.495923 
_atom_sites.fract_transf_vector[2]      0.321020 
_atom_sites.fract_transf_vector[3]      0.245139 
# 
loop_
_atom_type.symbol 
C 
N 
O 
S 
# 
loop_
_atom_site.group_PDB 
_atom_site.id 
_atom_site.type_symbol 
_atom_site.label_atom_id 
_atom_site.label_alt_id 
_atom_site.label_comp_id 
_atom_site.label_asym_id 
_atom_site.label_entity_id 
_atom_site.label_seq_id 
_atom_site.pdbx_PDB_ins_code 
_atom_site.Cartn_x 
_atom_site.Cartn_y 
_atom_site.Cartn_z 
_atom_site.occupancy 
_atom_site.B_iso_or_equiv 
_atom_site.pdbx_formal_charge 
_atom_site.auth_seq_id 
_atom_site.auth_comp_id 
_atom_site.auth_asym_id 
_atom_site.auth_atom_id 
_atom_site.pdbx_PDB_model_num 
ATOM   1    N N   . ALA A 1 1   ? 19.912  -15.204 7.613   1.00 53.07 ? 42  ALA A N   1 
ATOM   2    C CA  . ALA A 1 1   ? 19.665  -15.746 6.295   1.00 51.98 ? 42  ALA A CA  1 
ATOM   3    C C   . ALA A 1 1   ? 18.814  -16.990 6.288   1.00 51.85 ? 42  ALA A C   1 
ATOM   4    O O   . ALA A 1 1   ? 17.881  -17.137 5.517   1.00 54.77 ? 42  ALA A O   1 
ATOM   5    C CB  . ALA A 1 1   ? 21.016  -16.072 5.622   1.00 52.01 ? 42  ALA A CB  1 
ATOM   6    N N   . LYS A 1 2   ? 19.191  -17.882 7.195   1.00 50.01 ? 43  LYS A N   1 
ATOM   7    C CA  . LYS A 1 2   ? 18.695  -19.268 7.207   1.00 46.52 ? 43  LYS A CA  1 
ATOM   8    C C   . LYS A 1 2   ? 17.304  -19.618 7.715   1.00 44.38 ? 43  LYS A C   1 
ATOM   9    O O   . LYS A 1 2   ? 16.600  -20.399 7.061   1.00 44.76 ? 43  LYS A O   1 
ATOM   10   C CB  . LYS A 1 2   ? 19.740  -20.080 7.919   1.00 46.88 ? 43  LYS A CB  1 
ATOM   11   C CG  . LYS A 1 2   ? 19.858  -21.522 7.439   1.00 49.02 ? 43  LYS A CG  1 
ATOM   12   C CD  . LYS A 1 2   ? 19.857  -21.719 5.931   1.00 51.68 ? 43  LYS A CD  1 
ATOM   13   C CE  . LYS A 1 2   ? 19.951  -23.206 5.585   1.00 54.43 ? 43  LYS A CE  1 
ATOM   14   N NZ  . LYS A 1 2   ? 19.855  -23.452 4.117   1.00 58.08 ? 43  LYS A NZ  1 
ATOM   15   N N   . GLU A 1 3   ? 16.894  -19.097 8.897   1.00 41.24 ? 44  GLU A N   1 
ATOM   16   C CA  . GLU A 1 3   ? 15.582  -19.376 9.511   1.00 38.66 ? 44  GLU A CA  1 
ATOM   17   C C   . GLU A 1 3   ? 14.458  -19.122 8.505   1.00 36.11 ? 44  GLU A C   1 
ATOM   18   O O   . GLU A 1 3   ? 14.397  -18.091 7.838   1.00 35.95 ? 44  GLU A O   1 
ATOM   19   C CB  . GLU A 1 3   ? 15.334  -18.564 10.780  1.00 39.30 ? 44  GLU A CB  1 
ATOM   20   C CG  . GLU A 1 3   ? 14.129  -19.042 11.598  1.00 38.59 ? 44  GLU A CG  1 
ATOM   21   C CD  . GLU A 1 3   ? 13.690  -18.023 12.643  1.00 38.10 ? 44  GLU A CD  1 
ATOM   22   O OE1 . GLU A 1 3   ? 14.466  -17.098 12.946  1.00 37.96 ? 44  GLU A OE1 1 
ATOM   23   O OE2 . GLU A 1 3   ? 12.562  -18.162 13.159  1.00 36.33 ? 44  GLU A OE2 1 
ATOM   24   N N   . MET A 1 4   ? 13.568  -20.101 8.415   1.00 34.32 ? 45  MET A N   1 
ATOM   25   C CA  . MET A 1 4   ? 12.450  -20.031 7.492   1.00 34.05 ? 45  MET A CA  1 
ATOM   26   C C   . MET A 1 4   ? 11.227  -19.337 8.117   1.00 33.62 ? 45  MET A C   1 
ATOM   27   O O   . MET A 1 4   ? 11.113  -19.216 9.336   1.00 32.68 ? 45  MET A O   1 
ATOM   28   C CB  . MET A 1 4   ? 12.092  -21.448 7.041   1.00 34.02 ? 45  MET A CB  1 
ATOM   29   C CG  . MET A 1 4   ? 11.757  -21.567 5.573   1.00 34.77 ? 45  MET A CG  1 
ATOM   30   S SD  . MET A 1 4   ? 13.157  -21.309 4.467   1.00 36.49 ? 45  MET A SD  1 
ATOM   31   C CE  . MET A 1 4   ? 13.376  -22.919 3.797   1.00 36.83 ? 45  MET A CE  1 
ATOM   32   N N   . GLN A 1 5   ? 10.308  -18.890 7.272   1.00 34.25 ? 46  GLN A N   1 
ATOM   33   C CA  . GLN A 1 5   ? 9.103   -18.209 7.732   1.00 34.24 ? 46  GLN A CA  1 
ATOM   34   C C   . GLN A 1 5   ? 7.933   -18.759 6.923   1.00 33.55 ? 46  GLN A C   1 
ATOM   35   O O   . GLN A 1 5   ? 8.107   -19.105 5.758   1.00 35.16 ? 46  GLN A O   1 
ATOM   36   C CB  . GLN A 1 5   ? 9.254   -16.706 7.483   1.00 36.34 ? 46  GLN A CB  1 
ATOM   37   C CG  . GLN A 1 5   ? 8.438   -15.802 8.393   1.00 40.25 ? 46  GLN A CG  1 
ATOM   38   C CD  . GLN A 1 5   ? 8.851   -15.896 9.857   1.00 41.97 ? 46  GLN A CD  1 
ATOM   39   O OE1 . GLN A 1 5   ? 10.019  -16.115 10.177  1.00 43.73 ? 46  GLN A OE1 1 
ATOM   40   N NE2 . GLN A 1 5   ? 7.894   -15.707 10.751  1.00 43.01 ? 46  GLN A NE2 1 
ATOM   41   N N   . ASN A 1 6   ? 6.756   -18.865 7.536   1.00 32.60 ? 47  ASN A N   1 
ATOM   42   C CA  . ASN A 1 6   ? 5.588   -19.357 6.816   1.00 31.11 ? 47  ASN A CA  1 
ATOM   43   C C   . ASN A 1 6   ? 4.870   -18.213 6.127   1.00 30.61 ? 47  ASN A C   1 
ATOM   44   O O   . ASN A 1 6   ? 4.423   -17.266 6.782   1.00 31.74 ? 47  ASN A O   1 
ATOM   45   C CB  . ASN A 1 6   ? 4.600   -20.046 7.755   1.00 31.51 ? 47  ASN A CB  1 
ATOM   46   C CG  . ASN A 1 6   ? 5.110   -21.370 8.268   1.00 32.89 ? 47  ASN A CG  1 
ATOM   47   O OD1 . ASN A 1 6   ? 5.590   -22.195 7.498   1.00 33.33 ? 47  ASN A OD1 1 
ATOM   48   N ND2 . ASN A 1 6   ? 4.995   -21.592 9.578   1.00 34.02 ? 47  ASN A ND2 1 
ATOM   49   N N   . VAL A 1 7   ? 4.772   -18.294 4.803   1.00 29.27 ? 48  VAL A N   1 
ATOM   50   C CA  . VAL A 1 7   ? 4.089   -17.279 4.015   1.00 27.52 ? 48  VAL A CA  1 
ATOM   51   C C   . VAL A 1 7   ? 2.852   -17.951 3.485   1.00 27.99 ? 48  VAL A C   1 
ATOM   52   O O   . VAL A 1 7   ? 2.936   -18.878 2.675   1.00 31.77 ? 48  VAL A O   1 
ATOM   53   C CB  . VAL A 1 7   ? 4.923   -16.820 2.833   1.00 26.90 ? 48  VAL A CB  1 
ATOM   54   C CG1 . VAL A 1 7   ? 4.144   -15.822 2.014   1.00 26.68 ? 48  VAL A CG1 1 
ATOM   55   C CG2 . VAL A 1 7   ? 6.200   -16.210 3.325   1.00 25.48 ? 48  VAL A CG2 1 
ATOM   56   N N   . PRO A 1 8   ? 1.679   -17.499 3.926   1.00 24.57 ? 49  PRO A N   1 
ATOM   57   C CA  . PRO A 1 8   ? 0.442   -18.112 3.459   1.00 23.74 ? 49  PRO A CA  1 
ATOM   58   C C   . PRO A 1 8   ? 0.147   -17.712 2.028   1.00 22.41 ? 49  PRO A C   1 
ATOM   59   O O   . PRO A 1 8   ? 0.553   -16.632 1.596   1.00 22.08 ? 49  PRO A O   1 
ATOM   60   C CB  . PRO A 1 8   ? -0.591  -17.562 4.437   1.00 25.08 ? 49  PRO A CB  1 
ATOM   61   C CG  . PRO A 1 8   ? -0.093  -16.167 4.680   1.00 24.25 ? 49  PRO A CG  1 
ATOM   62   C CD  . PRO A 1 8   ? 1.407   -16.404 4.872   1.00 25.10 ? 49  PRO A CD  1 
ATOM   63   N N   . TYR A 1 9   ? -0.560  -18.578 1.308   1.00 19.78 ? 50  TYR A N   1 
ATOM   64   C CA  . TYR A 1 9   ? -0.931  -18.313 -0.078  1.00 20.18 ? 50  TYR A CA  1 
ATOM   65   C C   . TYR A 1 9   ? -2.289  -18.958 -0.365  1.00 21.32 ? 50  TYR A C   1 
ATOM   66   O O   . TYR A 1 9   ? -2.723  -19.863 0.342   1.00 21.84 ? 50  TYR A O   1 
ATOM   67   C CB  . TYR A 1 9   ? 0.122   -18.882 -1.046  1.00 18.51 ? 50  TYR A CB  1 
ATOM   68   C CG  . TYR A 1 9   ? 0.154   -20.400 -1.112  1.00 20.39 ? 50  TYR A CG  1 
ATOM   69   C CD1 . TYR A 1 9   ? -0.820  -21.122 -1.811  1.00 21.46 ? 50  TYR A CD1 1 
ATOM   70   C CD2 . TYR A 1 9   ? 1.141   -21.116 -0.439  1.00 20.68 ? 50  TYR A CD2 1 
ATOM   71   C CE1 . TYR A 1 9   ? -0.805  -22.518 -1.826  1.00 21.22 ? 50  TYR A CE1 1 
ATOM   72   C CE2 . TYR A 1 9   ? 1.166   -22.501 -0.448  1.00 18.74 ? 50  TYR A CE2 1 
ATOM   73   C CZ  . TYR A 1 9   ? 0.196   -23.197 -1.134  1.00 21.88 ? 50  TYR A CZ  1 
ATOM   74   O OH  . TYR A 1 9   ? 0.225   -24.576 -1.093  1.00 19.11 ? 50  TYR A OH  1 
ATOM   75   N N   . THR A 1 10  ? -2.967  -18.477 -1.394  1.00 21.42 ? 51  THR A N   1 
ATOM   76   C CA  . THR A 1 10  ? -4.247  -19.047 -1.772  1.00 23.54 ? 51  THR A CA  1 
ATOM   77   C C   . THR A 1 10  ? -4.188  -19.306 -3.266  1.00 25.48 ? 51  THR A C   1 
ATOM   78   O O   . THR A 1 10  ? -3.482  -18.604 -3.994  1.00 25.05 ? 51  THR A O   1 
ATOM   79   C CB  . THR A 1 10  ? -5.434  -18.085 -1.502  1.00 22.23 ? 51  THR A CB  1 
ATOM   80   O OG1 . THR A 1 10  ? -5.246  -16.873 -2.244  1.00 19.05 ? 51  THR A OG1 1 
ATOM   81   C CG2 . THR A 1 10  ? -5.548  -17.775 -0.019  1.00 19.93 ? 51  THR A CG2 1 
ATOM   82   N N   . ILE A 1 11  ? -4.913  -20.320 -3.722  1.00 25.38 ? 52  ILE A N   1 
ATOM   83   C CA  . ILE A 1 11  ? -4.936  -20.614 -5.142  1.00 27.61 ? 52  ILE A CA  1 
ATOM   84   C C   . ILE A 1 11  ? -6.368  -20.648 -5.617  1.00 28.01 ? 52  ILE A C   1 
ATOM   85   O O   . ILE A 1 11  ? -7.189  -21.410 -5.090  1.00 27.90 ? 52  ILE A O   1 
ATOM   86   C CB  . ILE A 1 11  ? -4.336  -21.972 -5.491  1.00 28.01 ? 52  ILE A CB  1 
ATOM   87   C CG1 . ILE A 1 11  ? -2.842  -21.989 -5.198  1.00 30.13 ? 52  ILE A CG1 1 
ATOM   88   C CG2 . ILE A 1 11  ? -4.543  -22.245 -6.973  1.00 28.83 ? 52  ILE A CG2 1 
ATOM   89   C CD1 . ILE A 1 11  ? -2.179  -23.309 -5.562  1.00 31.07 ? 52  ILE A CD1 1 
ATOM   90   N N   . ALA A 1 12  ? -6.651  -19.832 -6.623  1.00 26.89 ? 53  ALA A N   1 
ATOM   91   C CA  . ALA A 1 12  ? -7.975  -19.768 -7.184  1.00 26.75 ? 53  ALA A CA  1 
ATOM   92   C C   . ALA A 1 12  ? -7.881  -20.015 -8.673  1.00 26.22 ? 53  ALA A C   1 
ATOM   93   O O   . ALA A 1 12  ? -7.226  -19.276 -9.381  1.00 28.24 ? 53  ALA A O   1 
ATOM   94   C CB  . ALA A 1 12  ? -8.582  -18.403 -6.915  1.00 24.82 ? 53  ALA A CB  1 
ATOM   95   N N   . VAL A 1 13  ? -8.522  -21.068 -9.148  1.00 27.07 ? 54  VAL A N   1 
ATOM   96   C CA  . VAL A 1 13  ? -8.526  -21.350 -10.571 1.00 28.63 ? 54  VAL A CA  1 
ATOM   97   C C   . VAL A 1 13  ? -9.983  -21.305 -11.005 1.00 29.02 ? 54  VAL A C   1 
ATOM   98   O O   . VAL A 1 13  ? -10.782 -22.138 -10.586 1.00 27.87 ? 54  VAL A O   1 
ATOM   99   C CB  . VAL A 1 13  ? -7.932  -22.735 -10.890 1.00 29.60 ? 54  VAL A CB  1 
ATOM   100  C CG1 . VAL A 1 13  ? -7.891  -22.946 -12.387 1.00 28.46 ? 54  VAL A CG1 1 
ATOM   101  C CG2 . VAL A 1 13  ? -6.538  -22.840 -10.314 1.00 28.73 ? 54  VAL A CG2 1 
ATOM   102  N N   . ASP A 1 14  ? -10.321 -20.320 -11.829 1.00 30.77 ? 55  ASP A N   1 
ATOM   103  C CA  . ASP A 1 14  ? -11.689 -20.155 -12.295 1.00 31.81 ? 55  ASP A CA  1 
ATOM   104  C C   . ASP A 1 14  ? -12.617 -20.090 -11.090 1.00 32.04 ? 55  ASP A C   1 
ATOM   105  O O   . ASP A 1 14  ? -13.696 -20.679 -11.087 1.00 31.35 ? 55  ASP A O   1 
ATOM   106  C CB  . ASP A 1 14  ? -12.099 -21.321 -13.195 1.00 34.69 ? 55  ASP A CB  1 
ATOM   107  C CG  . ASP A 1 14  ? -11.333 -21.341 -14.520 1.00 37.94 ? 55  ASP A CG  1 
ATOM   108  O OD1 . ASP A 1 14  ? -11.286 -20.279 -15.181 1.00 38.06 ? 55  ASP A OD1 1 
ATOM   109  O OD2 . ASP A 1 14  ? -10.790 -22.411 -14.905 1.00 38.21 ? 55  ASP A OD2 1 
ATOM   110  N N   . GLY A 1 15  ? -12.179 -19.379 -10.059 1.00 31.74 ? 56  GLY A N   1 
ATOM   111  C CA  . GLY A 1 15  ? -12.986 -19.241 -8.869  1.00 32.30 ? 56  GLY A CA  1 
ATOM   112  C C   . GLY A 1 15  ? -12.794 -20.337 -7.843  1.00 34.09 ? 56  GLY A C   1 
ATOM   113  O O   . GLY A 1 15  ? -13.029 -20.110 -6.664  1.00 35.17 ? 56  GLY A O   1 
ATOM   114  N N   . ILE A 1 16  ? -12.368 -21.523 -8.264  1.00 34.89 ? 57  ILE A N   1 
ATOM   115  C CA  . ILE A 1 16  ? -12.174 -22.614 -7.312  1.00 36.00 ? 57  ILE A CA  1 
ATOM   116  C C   . ILE A 1 16  ? -10.975 -22.344 -6.407  1.00 36.42 ? 57  ILE A C   1 
ATOM   117  O O   . ILE A 1 16  ? -9.890  -22.012 -6.893  1.00 36.56 ? 57  ILE A O   1 
ATOM   118  C CB  . ILE A 1 16  ? -11.991 -23.938 -8.057  1.00 36.51 ? 57  ILE A CB  1 
ATOM   119  N N   . MET A 1 17  ? -11.180 -22.482 -5.097  1.00 37.34 ? 58  MET A N   1 
ATOM   120  C CA  . MET A 1 17  ? -10.121 -22.253 -4.122  1.00 40.23 ? 58  MET A CA  1 
ATOM   121  C C   . MET A 1 17  ? -9.831  -23.466 -3.247  1.00 42.67 ? 58  MET A C   1 
ATOM   122  O O   . MET A 1 17  ? -10.708 -24.293 -3.016  1.00 42.32 ? 58  MET A O   1 
ATOM   123  C CB  . MET A 1 17  ? -10.470 -21.067 -3.229  1.00 40.61 ? 58  MET A CB  1 
ATOM   124  C CG  . MET A 1 17  ? -10.580 -19.762 -3.985  1.00 41.86 ? 58  MET A CG  1 
ATOM   125  S SD  . MET A 1 17  ? -10.043 -18.369 -2.993  1.00 43.08 ? 58  MET A SD  1 
ATOM   126  C CE  . MET A 1 17  ? -8.280  -18.545 -3.121  1.00 43.69 ? 58  MET A CE  1 
ATOM   127  N N   . ALA A 1 18  ? -8.612  -23.545 -2.774  1.00 45.01 ? 59  ALA A N   1 
ATOM   128  C CA  . ALA A 1 18  ? -8.207  -24.655 -1.908  1.00 46.77 ? 59  ALA A CA  1 
ATOM   129  C C   . ALA A 1 18  ? -9.083  -24.784 -0.662  1.00 48.17 ? 59  ALA A C   1 
ATOM   130  O O   . ALA A 1 18  ? -9.570  -23.772 -0.156  1.00 49.58 ? 59  ALA A O   1 
ATOM   131  C CB  . ALA A 1 18  ? -6.755  -24.491 -1.483  1.00 46.65 ? 59  ALA A CB  1 
ATOM   132  N N   . PHE A 1 19  ? -9.228  -26.023 -0.141  1.00 49.83 ? 60  PHE A N   1 
ATOM   133  C CA  . PHE A 1 19  ? -9.992  -26.207 1.056   1.00 51.91 ? 60  PHE A CA  1 
ATOM   134  C C   . PHE A 1 19  ? -9.491  -25.247 2.217   1.00 53.31 ? 60  PHE A C   1 
ATOM   135  O O   . PHE A 1 19  ? -10.374 -24.544 2.708   1.00 52.61 ? 60  PHE A O   1 
ATOM   136  C CB  . PHE A 1 19  ? -10.210 -27.699 1.360   1.00 52.47 ? 60  PHE A CB  1 
ATOM   137  C CG  . PHE A 1 19  ? -11.322 -27.971 2.372   1.00 52.62 ? 60  PHE A CG  1 
ATOM   138  C CD1 . PHE A 1 19  ? -12.672 -27.709 2.140   1.00 52.25 ? 60  PHE A CD1 1 
ATOM   139  C CD2 . PHE A 1 19  ? -10.967 -28.534 3.593   1.00 52.46 ? 60  PHE A CD2 1 
ATOM   140  C CE1 . PHE A 1 19  ? -13.624 -27.977 3.106   1.00 52.04 ? 60  PHE A CE1 1 
ATOM   141  C CE2 . PHE A 1 19  ? -11.913 -28.804 4.566   1.00 51.52 ? 60  PHE A CE2 1 
ATOM   142  C CZ  . PHE A 1 19  ? -13.231 -28.516 4.326   1.00 52.44 ? 60  PHE A CZ  1 
ATOM   143  N N   . ASN A 1 20  ? -8.263  -25.090 2.765   1.00 54.60 ? 61  ASN A N   1 
ATOM   144  C CA  . ASN A 1 20  ? -8.120  -24.119 3.886   1.00 54.50 ? 61  ASN A CA  1 
ATOM   145  C C   . ASN A 1 20  ? -6.955  -23.278 3.659   1.00 54.05 ? 61  ASN A C   1 
ATOM   146  O O   . ASN A 1 20  ? -7.042  -22.133 3.220   1.00 54.10 ? 61  ASN A O   1 
ATOM   147  C CB  . ASN A 1 20  ? -8.020  -24.777 5.251   1.00 54.97 ? 61  ASN A CB  1 
ATOM   148  C CG  . ASN A 1 20  ? -9.056  -24.186 6.172   1.00 55.74 ? 61  ASN A CG  1 
ATOM   149  O OD1 . ASN A 1 20  ? -9.191  -22.968 6.282   1.00 56.28 ? 61  ASN A OD1 1 
ATOM   150  N ND2 . ASN A 1 20  ? -9.801  -25.050 6.854   1.00 56.63 ? 61  ASN A ND2 1 
ATOM   151  N N   . GLN A 1 21  ? -5.858  -23.779 3.925   1.00 52.82 ? 62  GLN A N   1 
ATOM   152  C CA  . GLN A 1 21  ? -4.923  -22.819 3.613   1.00 51.09 ? 62  GLN A CA  1 
ATOM   153  C C   . GLN A 1 21  ? -3.651  -23.427 3.847   1.00 47.97 ? 62  GLN A C   1 
ATOM   154  O O   . GLN A 1 21  ? -3.414  -24.201 4.780   1.00 48.37 ? 62  GLN A O   1 
ATOM   155  C CB  . GLN A 1 21  ? -5.070  -21.528 4.428   1.00 53.30 ? 62  GLN A CB  1 
ATOM   156  C CG  . GLN A 1 21  ? -4.450  -20.285 3.808   1.00 54.78 ? 62  GLN A CG  1 
ATOM   157  C CD  . GLN A 1 21  ? -4.714  -19.055 4.642   1.00 57.24 ? 62  GLN A CD  1 
ATOM   158  O OE1 . GLN A 1 21  ? -4.192  -18.911 5.735   1.00 58.49 ? 62  GLN A OE1 1 
ATOM   159  N NE2 . GLN A 1 21  ? -5.503  -18.043 4.297   1.00 57.66 ? 62  GLN A NE2 1 
ATOM   160  N N   . SER A 1 22  ? -2.828  -23.073 2.952   1.00 43.53 ? 63  SER A N   1 
ATOM   161  C CA  . SER A 1 22  ? -1.514  -23.651 3.101   1.00 39.76 ? 63  SER A CA  1 
ATOM   162  C C   . SER A 1 22  ? -0.456  -22.580 3.196   1.00 36.76 ? 63  SER A C   1 
ATOM   163  O O   . SER A 1 22  ? -0.721  -21.396 2.986   1.00 34.58 ? 63  SER A O   1 
ATOM   164  C CB  . SER A 1 22  ? -1.239  -24.584 1.924   1.00 39.30 ? 63  SER A CB  1 
ATOM   165  O OG  . SER A 1 22  ? -2.048  -24.205 0.830   1.00 41.64 ? 63  SER A OG  1 
ATOM   166  N N   . TYR A 1 23  ? 0.757   -23.011 3.508   1.00 34.66 ? 64  TYR A N   1 
ATOM   167  C CA  . TYR A 1 23  ? 1.859   -22.089 3.654   1.00 33.14 ? 64  TYR A CA  1 
ATOM   168  C C   . TYR A 1 23  ? 3.014   -22.432 2.756   1.00 32.73 ? 64  TYR A C   1 
ATOM   169  O O   . TYR A 1 23  ? 3.085   -23.514 2.186   1.00 32.91 ? 64  TYR A O   1 
ATOM   170  C CB  . TYR A 1 23  ? 2.323   -22.056 5.107   1.00 33.25 ? 64  TYR A CB  1 
ATOM   171  C CG  . TYR A 1 23  ? 1.255   -21.538 6.037   1.00 34.28 ? 64  TYR A CG  1 
ATOM   172  C CD1 . TYR A 1 23  ? 0.144   -22.316 6.361   1.00 36.38 ? 64  TYR A CD1 1 
ATOM   173  C CD2 . TYR A 1 23  ? 1.326   -20.244 6.545   1.00 35.32 ? 64  TYR A CD2 1 
ATOM   174  C CE1 . TYR A 1 23  ? -0.876  -21.814 7.173   1.00 38.15 ? 64  TYR A CE1 1 
ATOM   175  C CE2 . TYR A 1 23  ? 0.320   -19.730 7.350   1.00 36.95 ? 64  TYR A CE2 1 
ATOM   176  C CZ  . TYR A 1 23  ? -0.781  -20.517 7.667   1.00 39.09 ? 64  TYR A CZ  1 
ATOM   177  O OH  . TYR A 1 23  ? -1.781  -20.001 8.474   1.00 39.38 ? 64  TYR A OH  1 
ATOM   178  N N   . LEU A 1 24  ? 3.934   -21.489 2.647   1.00 31.94 ? 65  LEU A N   1 
ATOM   179  C CA  . LEU A 1 24  ? 5.107   -21.648 1.812   1.00 31.94 ? 65  LEU A CA  1 
ATOM   180  C C   . LEU A 1 24  ? 6.294   -21.094 2.588   1.00 30.62 ? 65  LEU A C   1 
ATOM   181  O O   . LEU A 1 24  ? 6.162   -20.109 3.307   1.00 29.39 ? 65  LEU A O   1 
ATOM   182  C CB  . LEU A 1 24  ? 4.856   -20.907 0.493   1.00 32.96 ? 65  LEU A CB  1 
ATOM   183  C CG  . LEU A 1 24  ? 5.839   -20.000 -0.228  1.00 35.06 ? 65  LEU A CG  1 
ATOM   184  C CD1 . LEU A 1 24  ? 5.139   -19.522 -1.487  1.00 36.87 ? 65  LEU A CD1 1 
ATOM   185  C CD2 . LEU A 1 24  ? 6.242   -18.811 0.629   1.00 34.77 ? 65  LEU A CD2 1 
ATOM   186  N N   . ASN A 1 25  ? 7.454   -21.727 2.449   1.00 31.18 ? 66  ASN A N   1 
ATOM   187  C CA  . ASN A 1 25  ? 8.627   -21.280 3.185   1.00 30.14 ? 66  ASN A CA  1 
ATOM   188  C C   . ASN A 1 25  ? 9.624   -20.394 2.449   1.00 29.29 ? 66  ASN A C   1 
ATOM   189  O O   . ASN A 1 25  ? 10.021  -20.681 1.323   1.00 28.08 ? 66  ASN A O   1 
ATOM   190  C CB  . ASN A 1 25  ? 9.333   -22.493 3.775   1.00 31.30 ? 66  ASN A CB  1 
ATOM   191  C CG  . ASN A 1 25  ? 8.594   -23.053 4.980   1.00 33.52 ? 66  ASN A CG  1 
ATOM   192  O OD1 . ASN A 1 25  ? 8.996   -24.060 5.570   1.00 33.39 ? 66  ASN A OD1 1 
ATOM   193  N ND2 . ASN A 1 25  ? 7.505   -22.390 5.357   1.00 34.92 ? 66  ASN A ND2 1 
ATOM   194  N N   . LEU A 1 26  ? 10.017  -19.311 3.112   1.00 28.25 ? 67  LEU A N   1 
ATOM   195  C CA  . LEU A 1 26  ? 10.970  -18.355 2.573   1.00 28.37 ? 67  LEU A CA  1 
ATOM   196  C C   . LEU A 1 26  ? 11.974  -17.925 3.634   1.00 28.93 ? 67  LEU A C   1 
ATOM   197  O O   . LEU A 1 26  ? 11.597  -17.619 4.763   1.00 30.84 ? 67  LEU A O   1 
ATOM   198  C CB  . LEU A 1 26  ? 10.247  -17.105 2.090   1.00 28.15 ? 67  LEU A CB  1 
ATOM   199  C CG  . LEU A 1 26  ? 9.229   -17.218 0.964   1.00 27.75 ? 67  LEU A CG  1 
ATOM   200  C CD1 . LEU A 1 26  ? 8.659   -15.834 0.701   1.00 25.47 ? 67  LEU A CD1 1 
ATOM   201  C CD2 . LEU A 1 26  ? 9.878   -17.785 -0.289  1.00 25.69 ? 67  LEU A CD2 1 
ATOM   202  N N   . PRO A 1 27  ? 13.271  -17.904 3.289   1.00 28.95 ? 68  PRO A N   1 
ATOM   203  C CA  . PRO A 1 27  ? 14.313  -17.497 4.234   1.00 28.56 ? 68  PRO A CA  1 
ATOM   204  C C   . PRO A 1 27  ? 14.093  -16.058 4.683   1.00 26.85 ? 68  PRO A C   1 
ATOM   205  O O   . PRO A 1 27  ? 13.867  -15.169 3.867   1.00 27.17 ? 68  PRO A O   1 
ATOM   206  C CB  . PRO A 1 27  ? 15.590  -17.628 3.409   1.00 27.53 ? 68  PRO A CB  1 
ATOM   207  C CG  . PRO A 1 27  ? 15.285  -18.774 2.533   1.00 30.00 ? 68  PRO A CG  1 
ATOM   208  C CD  . PRO A 1 27  ? 13.877  -18.471 2.071   1.00 30.43 ? 68  PRO A CD  1 
ATOM   209  N N   . LYS A 1 28  ? 14.166  -15.819 5.981   1.00 26.38 ? 69  LYS A N   1 
ATOM   210  C CA  . LYS A 1 28  ? 13.993  -14.464 6.464   1.00 26.65 ? 69  LYS A CA  1 
ATOM   211  C C   . LYS A 1 28  ? 15.319  -13.740 6.228   1.00 27.08 ? 69  LYS A C   1 
ATOM   212  O O   . LYS A 1 28  ? 16.329  -14.381 5.932   1.00 27.53 ? 69  LYS A O   1 
ATOM   213  C CB  . LYS A 1 28  ? 13.637  -14.475 7.947   1.00 24.79 ? 69  LYS A CB  1 
ATOM   214  C CG  . LYS A 1 28  ? 14.733  -14.987 8.840   1.00 24.90 ? 69  LYS A CG  1 
ATOM   215  C CD  . LYS A 1 28  ? 14.413  -14.698 10.295  1.00 22.53 ? 69  LYS A CD  1 
ATOM   216  C CE  . LYS A 1 28  ? 15.664  -14.807 11.138  1.00 25.32 ? 69  LYS A CE  1 
ATOM   217  N NZ  . LYS A 1 28  ? 15.411  -14.413 12.546  1.00 29.65 ? 69  LYS A NZ  1 
ATOM   218  N N   . ASP A 1 29  ? 15.306  -12.414 6.328   1.00 26.23 ? 70  ASP A N   1 
ATOM   219  C CA  . ASP A 1 29  ? 16.499  -11.607 6.126   1.00 25.68 ? 70  ASP A CA  1 
ATOM   220  C C   . ASP A 1 29  ? 17.250  -11.905 4.840   1.00 25.78 ? 70  ASP A C   1 
ATOM   221  O O   . ASP A 1 29  ? 18.486  -11.994 4.847   1.00 24.94 ? 70  ASP A O   1 
ATOM   222  C CB  . ASP A 1 29  ? 17.422  -11.789 7.313   1.00 26.49 ? 70  ASP A CB  1 
ATOM   223  C CG  . ASP A 1 29  ? 16.751  -11.422 8.589   1.00 28.03 ? 70  ASP A CG  1 
ATOM   224  O OD1 . ASP A 1 29  ? 17.306  -11.695 9.670   1.00 31.40 ? 70  ASP A OD1 1 
ATOM   225  O OD2 . ASP A 1 29  ? 15.649  -10.852 8.499   1.00 30.48 ? 70  ASP A OD2 1 
ATOM   226  N N   . SER A 1 30  ? 16.516  -12.016 3.737   1.00 24.94 ? 71  SER A N   1 
ATOM   227  C CA  . SER A 1 30  ? 17.153  -12.316 2.458   1.00 25.77 ? 71  SER A CA  1 
ATOM   228  C C   . SER A 1 30  ? 16.611  -11.487 1.291   1.00 25.99 ? 71  SER A C   1 
ATOM   229  O O   . SER A 1 30  ? 15.508  -10.971 1.357   1.00 26.94 ? 71  SER A O   1 
ATOM   230  C CB  . SER A 1 30  ? 16.970  -13.804 2.140   1.00 25.01 ? 71  SER A CB  1 
ATOM   231  O OG  . SER A 1 30  ? 17.228  -14.599 3.282   1.00 24.79 ? 71  SER A OG  1 
ATOM   232  N N   . GLN A 1 31  ? 17.408  -11.351 0.237   1.00 26.06 ? 72  GLN A N   1 
ATOM   233  C CA  . GLN A 1 31  ? 16.991  -10.640 -0.965  1.00 27.02 ? 72  GLN A CA  1 
ATOM   234  C C   . GLN A 1 31  ? 16.800  -11.727 -2.010  1.00 27.07 ? 72  GLN A C   1 
ATOM   235  O O   . GLN A 1 31  ? 17.761  -12.198 -2.615  1.00 28.20 ? 72  GLN A O   1 
ATOM   236  C CB  . GLN A 1 31  ? 18.059  -9.642  -1.428  1.00 28.52 ? 72  GLN A CB  1 
ATOM   237  C CG  . GLN A 1 31  ? 18.091  -8.373  -0.623  1.00 31.29 ? 72  GLN A CG  1 
ATOM   238  C CD  . GLN A 1 31  ? 18.281  -8.633  0.857   1.00 34.25 ? 72  GLN A CD  1 
ATOM   239  O OE1 . GLN A 1 31  ? 19.307  -9.174  1.274   1.00 36.53 ? 72  GLN A OE1 1 
ATOM   240  N NE2 . GLN A 1 31  ? 17.295  -8.247  1.665   1.00 37.29 ? 72  GLN A NE2 1 
ATOM   241  N N   . LEU A 1 32  ? 15.549  -12.125 -2.206  1.00 25.65 ? 73  LEU A N   1 
ATOM   242  C CA  . LEU A 1 32  ? 15.221  -13.170 -3.153  1.00 22.97 ? 73  LEU A CA  1 
ATOM   243  C C   . LEU A 1 32  ? 14.858  -12.647 -4.532  1.00 23.47 ? 73  LEU A C   1 
ATOM   244  O O   . LEU A 1 32  ? 14.580  -11.455 -4.721  1.00 22.39 ? 73  LEU A O   1 
ATOM   245  C CB  . LEU A 1 32  ? 14.090  -14.027 -2.593  1.00 22.45 ? 73  LEU A CB  1 
ATOM   246  C CG  . LEU A 1 32  ? 14.281  -14.467 -1.131  1.00 22.12 ? 73  LEU A CG  1 
ATOM   247  C CD1 . LEU A 1 32  ? 13.165  -15.414 -0.758  1.00 20.77 ? 73  LEU A CD1 1 
ATOM   248  C CD2 . LEU A 1 32  ? 15.642  -15.161 -0.947  1.00 20.09 ? 73  LEU A CD2 1 
ATOM   249  N N   . SER A 1 33  ? 14.842  -13.578 -5.480  1.00 23.23 ? 74  SER A N   1 
ATOM   250  C CA  . SER A 1 33  ? 14.572  -13.301 -6.881  1.00 23.84 ? 74  SER A CA  1 
ATOM   251  C C   . SER A 1 33  ? 13.120  -13.517 -7.246  1.00 21.53 ? 74  SER A C   1 
ATOM   252  O O   . SER A 1 33  ? 12.500  -14.487 -6.815  1.00 20.25 ? 74  SER A O   1 
ATOM   253  C CB  . SER A 1 33  ? 15.448  -14.220 -7.739  1.00 23.94 ? 74  SER A CB  1 
ATOM   254  O OG  . SER A 1 33  ? 15.046  -14.222 -9.092  1.00 27.02 ? 74  SER A OG  1 
ATOM   255  N N   . TYR A 1 34  ? 12.571  -12.610 -8.045  1.00 20.78 ? 75  TYR A N   1 
ATOM   256  C CA  . TYR A 1 34  ? 11.189  -12.764 -8.466  1.00 21.40 ? 75  TYR A CA  1 
ATOM   257  C C   . TYR A 1 34  ? 11.087  -13.980 -9.377  1.00 21.16 ? 75  TYR A C   1 
ATOM   258  O O   . TYR A 1 34  ? 10.040  -14.601 -9.477  1.00 22.95 ? 75  TYR A O   1 
ATOM   259  C CB  . TYR A 1 34  ? 10.688  -11.527 -9.211  1.00 20.56 ? 75  TYR A CB  1 
ATOM   260  C CG  . TYR A 1 34  ? 10.194  -10.426 -8.312  1.00 20.52 ? 75  TYR A CG  1 
ATOM   261  C CD1 . TYR A 1 34  ? 11.030  -9.378  -7.936  1.00 19.67 ? 75  TYR A CD1 1 
ATOM   262  C CD2 . TYR A 1 34  ? 8.881   -10.440 -7.821  1.00 21.68 ? 75  TYR A CD2 1 
ATOM   263  C CE1 . TYR A 1 34  ? 10.566  -8.366  -7.081  1.00 21.96 ? 75  TYR A CE1 1 
ATOM   264  C CE2 . TYR A 1 34  ? 8.406   -9.435  -6.973  1.00 22.95 ? 75  TYR A CE2 1 
ATOM   265  C CZ  . TYR A 1 34  ? 9.250   -8.402  -6.607  1.00 22.49 ? 75  TYR A CZ  1 
ATOM   266  O OH  . TYR A 1 34  ? 8.777   -7.418  -5.773  1.00 21.60 ? 75  TYR A OH  1 
ATOM   267  N N   . LEU A 1 35  ? 12.184  -14.324 -10.039 1.00 21.50 ? 76  LEU A N   1 
ATOM   268  C CA  . LEU A 1 35  ? 12.186  -15.482 -10.933 1.00 21.62 ? 76  LEU A CA  1 
ATOM   269  C C   . LEU A 1 35  ? 11.924  -16.742 -10.144 1.00 21.81 ? 76  LEU A C   1 
ATOM   270  O O   . LEU A 1 35  ? 11.103  -17.569 -10.527 1.00 24.17 ? 76  LEU A O   1 
ATOM   271  C CB  . LEU A 1 35  ? 13.526  -15.620 -11.642 1.00 22.49 ? 76  LEU A CB  1 
ATOM   272  C CG  . LEU A 1 35  ? 13.757  -14.682 -12.820 1.00 23.61 ? 76  LEU A CG  1 
ATOM   273  C CD1 . LEU A 1 35  ? 14.978  -15.145 -13.592 1.00 24.10 ? 76  LEU A CD1 1 
ATOM   274  C CD2 . LEU A 1 35  ? 12.527  -14.699 -13.726 1.00 25.13 ? 76  LEU A CD2 1 
ATOM   275  N N   . ASP A 1 36  ? 12.640  -16.879 -9.031  1.00 20.85 ? 77  ASP A N   1 
ATOM   276  C CA  . ASP A 1 36  ? 12.504  -18.018 -8.149  1.00 18.65 ? 77  ASP A CA  1 
ATOM   277  C C   . ASP A 1 36  ? 11.125  -18.072 -7.540  1.00 19.76 ? 77  ASP A C   1 
ATOM   278  O O   . ASP A 1 36  ? 10.525  -19.145 -7.450  1.00 19.70 ? 77  ASP A O   1 
ATOM   279  C CB  . ASP A 1 36  ? 13.554  -17.958 -7.040  1.00 19.78 ? 77  ASP A CB  1 
ATOM   280  C CG  . ASP A 1 36  ? 14.953  -18.210 -7.563  1.00 20.49 ? 77  ASP A CG  1 
ATOM   281  O OD1 . ASP A 1 36  ? 15.101  -19.007 -8.506  1.00 19.93 ? 77  ASP A OD1 1 
ATOM   282  O OD2 . ASP A 1 36  ? 15.906  -17.630 -7.028  1.00 20.07 ? 77  ASP A OD2 1 
ATOM   283  N N   . LEU A 1 37  ? 10.615  -16.921 -7.122  1.00 21.15 ? 78  LEU A N   1 
ATOM   284  C CA  . LEU A 1 37  ? 9.293   -16.890 -6.525  1.00 22.05 ? 78  LEU A CA  1 
ATOM   285  C C   . LEU A 1 37  ? 8.244   -17.275 -7.549  1.00 22.98 ? 78  LEU A C   1 
ATOM   286  O O   . LEU A 1 37  ? 7.309   -18.014 -7.240  1.00 23.25 ? 78  LEU A O   1 
ATOM   287  C CB  . LEU A 1 37  ? 8.976   -15.503 -5.985  1.00 22.41 ? 78  LEU A CB  1 
ATOM   288  C CG  . LEU A 1 37  ? 7.601   -15.351 -5.317  1.00 22.75 ? 78  LEU A CG  1 
ATOM   289  C CD1 . LEU A 1 37  ? 7.426   -16.376 -4.208  1.00 22.51 ? 78  LEU A CD1 1 
ATOM   290  C CD2 . LEU A 1 37  ? 7.460   -13.929 -4.768  1.00 21.61 ? 78  LEU A CD2 1 
ATOM   291  N N   . GLY A 1 38  ? 8.419   -16.768 -8.767  1.00 22.65 ? 79  GLY A N   1 
ATOM   292  C CA  . GLY A 1 38  ? 7.479   -17.048 -9.831  1.00 23.49 ? 79  GLY A CA  1 
ATOM   293  C C   . GLY A 1 38  ? 7.488   -18.513 -10.157 1.00 24.45 ? 79  GLY A C   1 
ATOM   294  O O   . GLY A 1 38  ? 6.503   -19.073 -10.612 1.00 26.61 ? 79  GLY A O   1 
ATOM   295  N N   . ASN A 1 39  ? 8.624   -19.133 -9.900  1.00 24.42 ? 80  ASN A N   1 
ATOM   296  C CA  . ASN A 1 39  ? 8.797   -20.535 -10.163 1.00 23.60 ? 80  ASN A CA  1 
ATOM   297  C C   . ASN A 1 39  ? 8.019   -21.330 -9.128  1.00 24.06 ? 80  ASN A C   1 
ATOM   298  O O   . ASN A 1 39  ? 7.347   -22.310 -9.452  1.00 23.63 ? 80  ASN A O   1 
ATOM   299  C CB  . ASN A 1 39  ? 10.282  -20.886 -10.109 1.00 24.68 ? 80  ASN A CB  1 
ATOM   300  C CG  . ASN A 1 39  ? 10.574  -22.224 -10.721 1.00 26.46 ? 80  ASN A CG  1 
ATOM   301  O OD1 . ASN A 1 39  ? 10.845  -23.194 -10.022 1.00 26.13 ? 80  ASN A OD1 1 
ATOM   302  N ND2 . ASN A 1 39  ? 10.500  -22.290 -12.043 1.00 25.84 ? 80  ASN A ND2 1 
ATOM   303  N N   . LYS A 1 40  ? 8.113   -20.911 -7.875  1.00 24.74 ? 81  LYS A N   1 
ATOM   304  C CA  . LYS A 1 40  ? 7.398   -21.587 -6.801  1.00 25.28 ? 81  LYS A CA  1 
ATOM   305  C C   . LYS A 1 40  ? 5.916   -21.526 -7.104  1.00 25.24 ? 81  LYS A C   1 
ATOM   306  O O   . LYS A 1 40  ? 5.202   -22.525 -6.960  1.00 26.55 ? 81  LYS A O   1 
ATOM   307  C CB  . LYS A 1 40  ? 7.663   -20.900 -5.463  1.00 28.25 ? 81  LYS A CB  1 
ATOM   308  C CG  . LYS A 1 40  ? 8.239   -21.811 -4.399  1.00 29.41 ? 81  LYS A CG  1 
ATOM   309  C CD  . LYS A 1 40  ? 9.258   -21.061 -3.561  1.00 32.62 ? 81  LYS A CD  1 
ATOM   310  C CE  . LYS A 1 40  ? 10.176  -22.008 -2.805  1.00 33.29 ? 81  LYS A CE  1 
ATOM   311  N NZ  . LYS A 1 40  ? 11.349  -21.262 -2.283  1.00 35.41 ? 81  LYS A NZ  1 
ATOM   312  N N   . VAL A 1 41  ? 5.462   -20.348 -7.525  1.00 23.18 ? 82  VAL A N   1 
ATOM   313  C CA  . VAL A 1 41  ? 4.061   -20.149 -7.858  1.00 21.39 ? 82  VAL A CA  1 
ATOM   314  C C   . VAL A 1 41  ? 3.637   -21.126 -8.937  1.00 23.01 ? 82  VAL A C   1 
ATOM   315  O O   . VAL A 1 41  ? 2.591   -21.772 -8.827  1.00 25.40 ? 82  VAL A O   1 
ATOM   316  C CB  . VAL A 1 41  ? 3.807   -18.725 -8.354  1.00 19.89 ? 82  VAL A CB  1 
ATOM   317  C CG1 . VAL A 1 41  ? 2.526   -18.666 -9.134  1.00 18.42 ? 82  VAL A CG1 1 
ATOM   318  C CG2 . VAL A 1 41  ? 3.738   -17.791 -7.180  1.00 18.38 ? 82  VAL A CG2 1 
ATOM   319  N N   . LYS A 1 42  ? 4.446   -21.239 -9.985  1.00 23.24 ? 83  LYS A N   1 
ATOM   320  C CA  . LYS A 1 42  ? 4.115   -22.150 -11.066 1.00 21.67 ? 83  LYS A CA  1 
ATOM   321  C C   . LYS A 1 42  ? 4.153   -23.602 -10.562 1.00 22.87 ? 83  LYS A C   1 
ATOM   322  O O   . LYS A 1 42  ? 3.350   -24.443 -10.979 1.00 22.99 ? 83  LYS A O   1 
ATOM   323  C CB  . LYS A 1 42  ? 5.070   -21.904 -12.236 1.00 21.96 ? 83  LYS A CB  1 
ATOM   324  C CG  . LYS A 1 42  ? 4.902   -20.498 -12.862 1.00 21.58 ? 83  LYS A CG  1 
ATOM   325  C CD  . LYS A 1 42  ? 5.780   -20.248 -14.097 1.00 22.06 ? 83  LYS A CD  1 
ATOM   326  C CE  . LYS A 1 42  ? 7.258   -20.022 -13.735 1.00 25.40 ? 83  LYS A CE  1 
ATOM   327  N NZ  . LYS A 1 42  ? 8.114   -19.578 -14.901 1.00 23.72 ? 83  LYS A NZ  1 
ATOM   328  N N   . ALA A 1 43  ? 5.060   -23.886 -9.628  1.00 22.52 ? 84  ALA A N   1 
ATOM   329  C CA  . ALA A 1 43  ? 5.156   -25.226 -9.056  1.00 20.75 ? 84  ALA A CA  1 
ATOM   330  C C   . ALA A 1 43  ? 3.856   -25.597 -8.358  1.00 20.96 ? 84  ALA A C   1 
ATOM   331  O O   . ALA A 1 43  ? 3.306   -26.674 -8.572  1.00 22.14 ? 84  ALA A O   1 
ATOM   332  C CB  . ALA A 1 43  ? 6.299   -25.289 -8.063  1.00 18.76 ? 84  ALA A CB  1 
ATOM   333  N N   . LEU A 1 44  ? 3.390   -24.702 -7.494  1.00 22.24 ? 85  LEU A N   1 
ATOM   334  C CA  . LEU A 1 44  ? 2.157   -24.915 -6.745  1.00 21.77 ? 85  LEU A CA  1 
ATOM   335  C C   . LEU A 1 44  ? 0.986   -25.130 -7.688  1.00 21.25 ? 85  LEU A C   1 
ATOM   336  O O   . LEU A 1 44  ? 0.162   -26.008 -7.469  1.00 22.92 ? 85  LEU A O   1 
ATOM   337  C CB  . LEU A 1 44  ? 1.867   -23.713 -5.846  1.00 20.51 ? 85  LEU A CB  1 
ATOM   338  C CG  . LEU A 1 44  ? 2.777   -23.548 -4.643  1.00 20.38 ? 85  LEU A CG  1 
ATOM   339  C CD1 . LEU A 1 44  ? 2.502   -22.216 -3.985  1.00 21.05 ? 85  LEU A CD1 1 
ATOM   340  C CD2 . LEU A 1 44  ? 2.543   -24.700 -3.671  1.00 19.31 ? 85  LEU A CD2 1 
ATOM   341  N N   . LEU A 1 45  ? 0.916   -24.325 -8.740  1.00 22.25 ? 86  LEU A N   1 
ATOM   342  C CA  . LEU A 1 45  ? -0.166  -24.448 -9.704  1.00 22.58 ? 86  LEU A CA  1 
ATOM   343  C C   . LEU A 1 45  ? -0.174  -25.836 -10.340 1.00 24.09 ? 86  LEU A C   1 
ATOM   344  O O   . LEU A 1 45  ? -1.209  -26.504 -10.358 1.00 25.39 ? 86  LEU A O   1 
ATOM   345  C CB  . LEU A 1 45  ? -0.044  -23.368 -10.780 1.00 19.46 ? 86  LEU A CB  1 
ATOM   346  C CG  . LEU A 1 45  ? -0.565  -21.983 -10.381 1.00 16.53 ? 86  LEU A CG  1 
ATOM   347  C CD1 . LEU A 1 45  ? -0.194  -20.963 -11.437 1.00 14.52 ? 86  LEU A CD1 1 
ATOM   348  C CD2 . LEU A 1 45  ? -2.075  -22.051 -10.200 1.00 13.54 ? 86  LEU A CD2 1 
ATOM   349  N N   . TYR A 1 46  ? 0.975   -26.279 -10.840 1.00 25.44 ? 87  TYR A N   1 
ATOM   350  C CA  . TYR A 1 46  ? 1.046   -27.601 -11.458 1.00 27.27 ? 87  TYR A CA  1 
ATOM   351  C C   . TYR A 1 46  ? 0.769   -28.667 -10.402 1.00 26.85 ? 87  TYR A C   1 
ATOM   352  O O   . TYR A 1 46  ? -0.135  -29.498 -10.540 1.00 26.71 ? 87  TYR A O   1 
ATOM   353  C CB  . TYR A 1 46  ? 2.431   -27.856 -12.037 1.00 27.49 ? 87  TYR A CB  1 
ATOM   354  C CG  . TYR A 1 46  ? 2.514   -29.185 -12.738 1.00 28.84 ? 87  TYR A CG  1 
ATOM   355  C CD1 . TYR A 1 46  ? 1.946   -29.354 -13.992 1.00 30.84 ? 87  TYR A CD1 1 
ATOM   356  C CD2 . TYR A 1 46  ? 3.096   -30.291 -12.125 1.00 29.52 ? 87  TYR A CD2 1 
ATOM   357  C CE1 . TYR A 1 46  ? 1.951   -30.590 -14.623 1.00 30.50 ? 87  TYR A CE1 1 
ATOM   358  C CE2 . TYR A 1 46  ? 3.101   -31.538 -12.750 1.00 30.06 ? 87  TYR A CE2 1 
ATOM   359  C CZ  . TYR A 1 46  ? 2.524   -31.673 -14.001 1.00 30.20 ? 87  TYR A CZ  1 
ATOM   360  O OH  . TYR A 1 46  ? 2.500   -32.885 -14.642 1.00 29.07 ? 87  TYR A OH  1 
ATOM   361  N N   . ASP A 1 47  ? 1.573   -28.641 -9.348  1.00 27.50 ? 88  ASP A N   1 
ATOM   362  C CA  . ASP A 1 47  ? 1.449   -29.586 -8.253  1.00 28.01 ? 88  ASP A CA  1 
ATOM   363  C C   . ASP A 1 47  ? 0.039   -29.725 -7.679  1.00 28.81 ? 88  ASP A C   1 
ATOM   364  O O   . ASP A 1 47  ? -0.509  -30.823 -7.625  1.00 29.84 ? 88  ASP A O   1 
ATOM   365  C CB  . ASP A 1 47  ? 2.414   -29.194 -7.142  1.00 28.62 ? 88  ASP A CB  1 
ATOM   366  C CG  . ASP A 1 47  ? 3.832   -29.601 -7.440  1.00 28.20 ? 88  ASP A CG  1 
ATOM   367  O OD1 . ASP A 1 47  ? 4.345   -29.243 -8.513  1.00 32.07 ? 88  ASP A OD1 1 
ATOM   368  O OD2 . ASP A 1 47  ? 4.436   -30.281 -6.593  1.00 27.74 ? 88  ASP A OD2 1 
ATOM   369  N N   . GLU A 1 48  ? -0.553  -28.624 -7.242  1.00 27.99 ? 89  GLU A N   1 
ATOM   370  C CA  . GLU A 1 48  ? -1.885  -28.688 -6.662  1.00 28.97 ? 89  GLU A CA  1 
ATOM   371  C C   . GLU A 1 48  ? -3.064  -28.665 -7.634  1.00 28.32 ? 89  GLU A C   1 
ATOM   372  O O   . GLU A 1 48  ? -4.094  -29.271 -7.366  1.00 28.56 ? 89  GLU A O   1 
ATOM   373  C CB  . GLU A 1 48  ? -2.058  -27.558 -5.650  1.00 33.22 ? 89  GLU A CB  1 
ATOM   374  C CG  . GLU A 1 48  ? -1.324  -27.779 -4.343  1.00 37.69 ? 89  GLU A CG  1 
ATOM   375  C CD  . GLU A 1 48  ? -1.647  -26.713 -3.336  1.00 40.44 ? 89  GLU A CD  1 
ATOM   376  O OE1 . GLU A 1 48  ? -2.848  -26.451 -3.120  1.00 44.17 ? 89  GLU A OE1 1 
ATOM   377  O OE2 . GLU A 1 48  ? -0.711  -26.138 -2.755  1.00 41.89 ? 89  GLU A OE2 1 
ATOM   378  N N   . ARG A 1 49  ? -2.936  -27.959 -8.751  1.00 27.31 ? 90  ARG A N   1 
ATOM   379  C CA  . ARG A 1 49  ? -4.051  -27.880 -9.673  1.00 28.12 ? 90  ARG A CA  1 
ATOM   380  C C   . ARG A 1 49  ? -3.871  -28.493 -11.053 1.00 27.97 ? 90  ARG A C   1 
ATOM   381  O O   . ARG A 1 49  ? -4.806  -28.477 -11.861 1.00 29.02 ? 90  ARG A O   1 
ATOM   382  C CB  . ARG A 1 49  ? -4.491  -26.422 -9.806  1.00 30.29 ? 90  ARG A CB  1 
ATOM   383  C CG  . ARG A 1 49  ? -5.003  -25.833 -8.510  1.00 30.41 ? 90  ARG A CG  1 
ATOM   384  C CD  . ARG A 1 49  ? -6.148  -26.656 -7.931  1.00 32.07 ? 90  ARG A CD  1 
ATOM   385  N NE  . ARG A 1 49  ? -6.393  -26.281 -6.541  1.00 36.16 ? 90  ARG A NE  1 
ATOM   386  C CZ  . ARG A 1 49  ? -6.978  -25.153 -6.141  1.00 37.43 ? 90  ARG A CZ  1 
ATOM   387  N NH1 . ARG A 1 49  ? -7.407  -24.261 -7.024  1.00 37.92 ? 90  ARG A NH1 1 
ATOM   388  N NH2 . ARG A 1 49  ? -7.107  -24.909 -4.846  1.00 39.32 ? 90  ARG A NH2 1 
ATOM   389  N N   . GLY A 1 50  ? -2.682  -29.028 -11.329 1.00 27.15 ? 91  GLY A N   1 
ATOM   390  C CA  . GLY A 1 50  ? -2.444  -29.649 -12.619 1.00 25.70 ? 91  GLY A CA  1 
ATOM   391  C C   . GLY A 1 50  ? -2.441  -28.652 -13.748 1.00 26.22 ? 91  GLY A C   1 
ATOM   392  O O   . GLY A 1 50  ? -2.674  -28.993 -14.907 1.00 25.55 ? 91  GLY A O   1 
ATOM   393  N N   . VAL A 1 51  ? -2.175  -27.404 -13.389 1.00 26.61 ? 92  VAL A N   1 
ATOM   394  C CA  . VAL A 1 51  ? -2.126  -26.295 -14.330 1.00 26.62 ? 92  VAL A CA  1 
ATOM   395  C C   . VAL A 1 51  ? -0.774  -26.295 -15.041 1.00 28.45 ? 92  VAL A C   1 
ATOM   396  O O   . VAL A 1 51  ? 0.278   -26.161 -14.401 1.00 29.39 ? 92  VAL A O   1 
ATOM   397  C CB  . VAL A 1 51  ? -2.332  -24.969 -13.576 1.00 27.02 ? 92  VAL A CB  1 
ATOM   398  C CG1 . VAL A 1 51  ? -1.986  -23.788 -14.457 1.00 25.89 ? 92  VAL A CG1 1 
ATOM   399  C CG2 . VAL A 1 51  ? -3.772  -24.889 -13.099 1.00 24.51 ? 92  VAL A CG2 1 
ATOM   400  N N   . THR A 1 52  ? -0.809  -26.443 -16.362 1.00 29.54 ? 93  THR A N   1 
ATOM   401  C CA  . THR A 1 52  ? 0.407   -26.492 -17.166 1.00 29.74 ? 93  THR A CA  1 
ATOM   402  C C   . THR A 1 52  ? 0.782   -25.124 -17.717 1.00 30.62 ? 93  THR A C   1 
ATOM   403  O O   . THR A 1 52  ? -0.015  -24.179 -17.664 1.00 33.54 ? 93  THR A O   1 
ATOM   404  C CB  . THR A 1 52  ? 0.219   -27.485 -18.320 1.00 27.54 ? 93  THR A CB  1 
ATOM   405  N N   . PRO A 1 53  ? 2.020   -24.991 -18.234 1.00 29.93 ? 94  PRO A N   1 
ATOM   406  C CA  . PRO A 1 53  ? 2.468   -23.712 -18.798 1.00 29.80 ? 94  PRO A CA  1 
ATOM   407  C C   . PRO A 1 53  ? 1.566   -23.366 -19.974 1.00 30.60 ? 94  PRO A C   1 
ATOM   408  O O   . PRO A 1 53  ? 1.336   -22.201 -20.293 1.00 30.71 ? 94  PRO A O   1 
ATOM   409  C CB  . PRO A 1 53  ? 3.891   -24.015 -19.244 1.00 26.76 ? 94  PRO A CB  1 
ATOM   410  C CG  . PRO A 1 53  ? 4.334   -24.991 -18.211 1.00 26.49 ? 94  PRO A CG  1 
ATOM   411  C CD  . PRO A 1 53  ? 3.154   -25.920 -18.094 1.00 28.88 ? 94  PRO A CD  1 
ATOM   412  N N   . GLU A 1 54  ? 1.039   -24.402 -20.552 1.00 30.52 ? 95  GLU A N   1 
ATOM   413  C CA  . GLU A 1 54  ? 0.169   -24.269 -21.716 1.00 32.60 ? 95  GLU A CA  1 
ATOM   414  C C   . GLU A 1 54  ? -1.234  -23.813 -21.343 1.00 32.45 ? 95  GLU A C   1 
ATOM   415  O O   . GLU A 1 54  ? -2.024  -23.415 -22.213 1.00 34.92 ? 95  GLU A O   1 
ATOM   416  C CB  . GLU A 1 54  ? 0.037   -25.618 -22.441 1.00 31.69 ? 95  GLU A CB  1 
ATOM   417  C CG  . GLU A 1 54  ? -1.110  -25.675 -23.470 1.00 35.66 ? 95  GLU A CG  1 
ATOM   418  C CD  . GLU A 1 54  ? -1.451  -27.095 -23.915 1.00 40.94 ? 95  GLU A CD  1 
ATOM   419  O OE1 . GLU A 1 54  ? -1.728  -27.944 -23.036 1.00 42.41 ? 95  GLU A OE1 1 
ATOM   420  O OE2 . GLU A 1 54  ? -1.428  -27.346 -25.133 1.00 41.49 ? 95  GLU A OE2 1 
ATOM   421  N N   . LYS A 1 55  ? -1.613  -23.945 -20.093 1.00 31.58 ? 96  LYS A N   1 
ATOM   422  C CA  . LYS A 1 55  ? -2.946  -23.552 -19.625 1.00 31.14 ? 96  LYS A CA  1 
ATOM   423  C C   . LYS A 1 55  ? -2.896  -22.046 -19.343 1.00 29.02 ? 96  LYS A C   1 
ATOM   424  O O   . LYS A 1 55  ? -3.812  -21.262 -19.621 1.00 29.89 ? 96  LYS A O   1 
ATOM   425  C CB  . LYS A 1 55  ? -3.286  -24.261 -18.321 1.00 33.56 ? 96  LYS A CB  1 
ATOM   426  C CG  . LYS A 1 55  ? -4.671  -23.984 -17.808 1.00 38.80 ? 96  LYS A CG  1 
ATOM   427  C CD  . LYS A 1 55  ? -5.655  -24.751 -18.662 1.00 42.11 ? 96  LYS A CD  1 
ATOM   428  C CE  . LYS A 1 55  ? -7.053  -24.556 -18.105 1.00 45.72 ? 96  LYS A CE  1 
ATOM   429  N NZ  . LYS A 1 55  ? -8.092  -25.093 -19.025 1.00 47.74 ? 96  LYS A NZ  1 
ATOM   430  N N   . ILE A 1 56  ? -1.693  -21.717 -18.729 1.00 27.42 ? 97  ILE A N   1 
ATOM   431  C CA  . ILE A 1 56  ? -1.239  -20.402 -18.297 1.00 25.62 ? 97  ILE A CA  1 
ATOM   432  C C   . ILE A 1 56  ? -1.114  -19.537 -19.569 1.00 26.27 ? 97  ILE A C   1 
ATOM   433  O O   . ILE A 1 56  ? -1.573  -18.391 -19.592 1.00 27.13 ? 97  ILE A O   1 
ATOM   434  C CB  . ILE A 1 56  ? 0.118   -20.407 -17.521 1.00 22.71 ? 97  ILE A CB  1 
ATOM   435  C CG1 . ILE A 1 56  ? -0.079  -20.973 -16.105 1.00 21.32 ? 97  ILE A CG1 1 
ATOM   436  C CG2 . ILE A 1 56  ? 0.708   -19.006 -17.447 1.00 19.14 ? 97  ILE A CG2 1 
ATOM   437  C CD1 . ILE A 1 56  ? 1.203   -21.097 -15.310 1.00 19.34 ? 97  ILE A CD1 1 
ATOM   438  N N   . ARG A 1 57  ? -0.513  -20.086 -20.635 1.00 26.22 ? 98  ARG A N   1 
ATOM   439  C CA  . ARG A 1 57  ? -0.428  -19.335 -21.882 1.00 27.78 ? 98  ARG A CA  1 
ATOM   440  C C   . ARG A 1 57  ? -1.784  -18.995 -22.481 1.00 28.72 ? 98  ARG A C   1 
ATOM   441  O O   . ARG A 1 57  ? -2.041  -17.844 -22.831 1.00 31.01 ? 98  ARG A O   1 
ATOM   442  C CB  . ARG A 1 57  ? 0.379   -20.095 -22.927 1.00 29.00 ? 98  ARG A CB  1 
ATOM   443  C CG  . ARG A 1 57  ? 1.870   -20.107 -22.666 1.00 31.21 ? 98  ARG A CG  1 
ATOM   444  C CD  . ARG A 1 57  ? 2.629   -20.436 -23.941 1.00 32.30 ? 98  ARG A CD  1 
ATOM   445  N NE  . ARG A 1 57  ? 2.385   -21.799 -24.398 1.00 34.93 ? 98  ARG A NE  1 
ATOM   446  C CZ  . ARG A 1 57  ? 2.877   -22.881 -23.809 1.00 33.63 ? 98  ARG A CZ  1 
ATOM   447  N NH1 . ARG A 1 57  ? 3.643   -22.747 -22.734 1.00 30.57 ? 98  ARG A NH1 1 
ATOM   448  N NH2 . ARG A 1 57  ? 2.595   -24.086 -24.296 1.00 33.07 ? 98  ARG A NH2 1 
ATOM   449  N N   . ASN A 1 58  ? -2.649  -19.994 -22.607 1.00 28.80 ? 99  ASN A N   1 
ATOM   450  C CA  . ASN A 1 58  ? -3.971  -19.797 -23.178 1.00 28.40 ? 99  ASN A CA  1 
ATOM   451  C C   . ASN A 1 58  ? -4.960  -19.177 -22.204 1.00 28.96 ? 99  ASN A C   1 
ATOM   452  O O   . ASN A 1 58  ? -6.075  -18.822 -22.591 1.00 28.12 ? 99  ASN A O   1 
ATOM   453  C CB  . ASN A 1 58  ? -4.519  -21.137 -23.640 1.00 28.03 ? 99  ASN A CB  1 
ATOM   454  C CG  . ASN A 1 58  ? -3.613  -21.811 -24.615 1.00 28.77 ? 99  ASN A CG  1 
ATOM   455  O OD1 . ASN A 1 58  ? -3.575  -23.029 -24.688 1.00 30.55 ? 99  ASN A OD1 1 
ATOM   456  N ND2 . ASN A 1 58  ? -2.878  -21.026 -25.384 1.00 30.27 ? 99  ASN A ND2 1 
ATOM   457  N N   . ALA A 1 59  ? -4.553  -19.061 -20.946 1.00 28.54 ? 100 ALA A N   1 
ATOM   458  C CA  . ALA A 1 59  ? -5.412  -18.514 -19.911 1.00 28.30 ? 100 ALA A CA  1 
ATOM   459  C C   . ALA A 1 59  ? -5.926  -17.136 -20.250 1.00 27.83 ? 100 ALA A C   1 
ATOM   460  O O   . ALA A 1 59  ? -5.302  -16.389 -20.978 1.00 28.92 ? 100 ALA A O   1 
ATOM   461  C CB  . ALA A 1 59  ? -4.665  -18.467 -18.579 1.00 27.54 ? 100 ALA A CB  1 
ATOM   462  N N   . LYS A 1 60  ? -7.085  -16.811 -19.708 1.00 29.23 ? 101 LYS A N   1 
ATOM   463  C CA  . LYS A 1 60  ? -7.682  -15.505 -19.902 1.00 30.14 ? 101 LYS A CA  1 
ATOM   464  C C   . LYS A 1 60  ? -6.712  -14.570 -19.194 1.00 29.99 ? 101 LYS A C   1 
ATOM   465  O O   . LYS A 1 60  ? -6.353  -13.500 -19.710 1.00 31.01 ? 101 LYS A O   1 
ATOM   466  C CB  . LYS A 1 60  ? -9.047  -15.461 -19.221 1.00 31.69 ? 101 LYS A CB  1 
ATOM   467  C CG  . LYS A 1 60  ? -9.639  -14.085 -19.112 1.00 35.28 ? 101 LYS A CG  1 
ATOM   468  C CD  . LYS A 1 60  ? -10.156 -13.577 -20.440 1.00 38.93 ? 101 LYS A CD  1 
ATOM   469  C CE  . LYS A 1 60  ? -10.933 -12.280 -20.230 1.00 42.13 ? 101 LYS A CE  1 
ATOM   470  N NZ  . LYS A 1 60  ? -11.439 -11.697 -21.503 1.00 45.27 ? 101 LYS A NZ  1 
ATOM   471  N N   . SER A 1 61  ? -6.283  -14.999 -18.009 1.00 27.61 ? 102 SER A N   1 
ATOM   472  C CA  . SER A 1 61  ? -5.330  -14.245 -17.208 1.00 25.82 ? 102 SER A CA  1 
ATOM   473  C C   . SER A 1 61  ? -4.732  -15.181 -16.169 1.00 25.07 ? 102 SER A C   1 
ATOM   474  O O   . SER A 1 61  ? -5.413  -16.041 -15.631 1.00 25.22 ? 102 SER A O   1 
ATOM   475  C CB  . SER A 1 61  ? -6.020  -13.075 -16.507 1.00 25.40 ? 102 SER A CB  1 
ATOM   476  O OG  . SER A 1 61  ? -7.060  -13.549 -15.667 1.00 24.21 ? 102 SER A OG  1 
ATOM   477  N N   . ALA A 1 62  ? -3.449  -15.007 -15.907 1.00 24.99 ? 103 ALA A N   1 
ATOM   478  C CA  . ALA A 1 62  ? -2.716  -15.822 -14.945 1.00 25.10 ? 103 ALA A CA  1 
ATOM   479  C C   . ALA A 1 62  ? -1.895  -14.822 -14.155 1.00 24.97 ? 103 ALA A C   1 
ATOM   480  O O   . ALA A 1 62  ? -1.137  -14.050 -14.717 1.00 24.26 ? 103 ALA A O   1 
ATOM   481  C CB  . ALA A 1 62  ? -1.806  -16.806 -15.677 1.00 24.29 ? 103 ALA A CB  1 
ATOM   482  N N   . VAL A 1 63  ? -2.023  -14.834 -12.844 1.00 24.07 ? 104 VAL A N   1 
ATOM   483  C CA  . VAL A 1 63  ? -1.313  -13.840 -12.071 1.00 23.16 ? 104 VAL A CA  1 
ATOM   484  C C   . VAL A 1 63  ? -1.242  -14.269 -10.618 1.00 23.25 ? 104 VAL A C   1 
ATOM   485  O O   . VAL A 1 63  ? -1.968  -15.161 -10.183 1.00 22.86 ? 104 VAL A O   1 
ATOM   486  C CB  . VAL A 1 63  ? -2.079  -12.474 -12.174 1.00 23.61 ? 104 VAL A CB  1 
ATOM   487  C CG1 . VAL A 1 63  ? -2.956  -12.245 -10.941 1.00 19.42 ? 104 VAL A CG1 1 
ATOM   488  C CG2 . VAL A 1 63  ? -1.129  -11.350 -12.394 1.00 25.20 ? 104 VAL A CG2 1 
ATOM   489  N N   . TYR A 1 64  ? -0.338  -13.643 -9.878  1.00 21.82 ? 105 TYR A N   1 
ATOM   490  C CA  . TYR A 1 64  ? -0.225  -13.904 -8.462  1.00 22.23 ? 105 TYR A CA  1 
ATOM   491  C C   . TYR A 1 64  ? -0.005  -12.520 -7.873  1.00 23.40 ? 105 TYR A C   1 
ATOM   492  O O   . TYR A 1 64  ? 0.776   -11.722 -8.396  1.00 23.46 ? 105 TYR A O   1 
ATOM   493  C CB  . TYR A 1 64  ? 0.903   -14.905 -8.131  1.00 21.12 ? 105 TYR A CB  1 
ATOM   494  C CG  . TYR A 1 64  ? 2.337   -14.436 -8.240  1.00 21.41 ? 105 TYR A CG  1 
ATOM   495  C CD1 . TYR A 1 64  ? 2.891   -13.587 -7.292  1.00 19.65 ? 105 TYR A CD1 1 
ATOM   496  C CD2 . TYR A 1 64  ? 3.167   -14.908 -9.257  1.00 21.54 ? 105 TYR A CD2 1 
ATOM   497  C CE1 . TYR A 1 64  ? 4.233   -13.228 -7.346  1.00 20.93 ? 105 TYR A CE1 1 
ATOM   498  C CE2 . TYR A 1 64  ? 4.507   -14.550 -9.319  1.00 20.35 ? 105 TYR A CE2 1 
ATOM   499  C CZ  . TYR A 1 64  ? 5.038   -13.708 -8.363  1.00 19.69 ? 105 TYR A CZ  1 
ATOM   500  O OH  . TYR A 1 64  ? 6.369   -13.340 -8.428  1.00 19.50 ? 105 TYR A OH  1 
ATOM   501  N N   . THR A 1 65  ? -0.754  -12.223 -6.818  1.00 23.04 ? 106 THR A N   1 
ATOM   502  C CA  . THR A 1 65  ? -0.683  -10.923 -6.169  1.00 23.56 ? 106 THR A CA  1 
ATOM   503  C C   . THR A 1 65  ? 0.026   -10.998 -4.833  1.00 25.33 ? 106 THR A C   1 
ATOM   504  O O   . THR A 1 65  ? -0.346  -11.792 -3.957  1.00 25.68 ? 106 THR A O   1 
ATOM   505  C CB  . THR A 1 65  ? -2.091  -10.352 -5.947  1.00 23.34 ? 106 THR A CB  1 
ATOM   506  O OG1 . THR A 1 65  ? -2.721  -10.157 -7.216  1.00 23.20 ? 106 THR A OG1 1 
ATOM   507  C CG2 . THR A 1 65  ? -2.024  -9.027  -5.206  1.00 22.59 ? 106 THR A CG2 1 
ATOM   508  N N   . ILE A 1 66  ? 1.039   -10.151 -4.684  1.00 26.49 ? 107 ILE A N   1 
ATOM   509  C CA  . ILE A 1 66  ? 1.843   -10.088 -3.477  1.00 26.36 ? 107 ILE A CA  1 
ATOM   510  C C   . ILE A 1 66  ? 1.342   -9.009  -2.544  1.00 27.15 ? 107 ILE A C   1 
ATOM   511  O O   . ILE A 1 66  ? 1.158   -7.866  -2.956  1.00 28.34 ? 107 ILE A O   1 
ATOM   512  C CB  . ILE A 1 66  ? 3.313   -9.700  -3.782  1.00 27.11 ? 107 ILE A CB  1 
ATOM   513  C CG1 . ILE A 1 66  ? 3.971   -10.730 -4.700  1.00 29.36 ? 107 ILE A CG1 1 
ATOM   514  C CG2 . ILE A 1 66  ? 4.098   -9.574  -2.471  1.00 25.85 ? 107 ILE A CG2 1 
ATOM   515  C CD1 . ILE A 1 66  ? 5.427   -10.410 -5.026  1.00 27.69 ? 107 ILE A CD1 1 
ATOM   516  N N   . THR A 1 67  ? 1.137   -9.353  -1.282  1.00 25.96 ? 108 THR A N   1 
ATOM   517  C CA  . THR A 1 67  ? 0.744   -8.351  -0.315  1.00 23.90 ? 108 THR A CA  1 
ATOM   518  C C   . THR A 1 67  ? 1.916   -8.206  0.655   1.00 23.48 ? 108 THR A C   1 
ATOM   519  O O   . THR A 1 67  ? 2.319   -9.167  1.308   1.00 22.09 ? 108 THR A O   1 
ATOM   520  C CB  . THR A 1 67  ? -0.525  -8.748  0.457   1.00 24.67 ? 108 THR A CB  1 
ATOM   521  O OG1 . THR A 1 67  ? -1.597  -8.962  -0.468  1.00 24.39 ? 108 THR A OG1 1 
ATOM   522  C CG2 . THR A 1 67  ? -0.933  -7.630  1.423   1.00 23.12 ? 108 THR A CG2 1 
ATOM   523  N N   . TRP A 1 68  ? 2.482   -7.006  0.707   1.00 22.67 ? 109 TRP A N   1 
ATOM   524  C CA  . TRP A 1 68  ? 3.585   -6.721  1.599   1.00 22.73 ? 109 TRP A CA  1 
ATOM   525  C C   . TRP A 1 68  ? 3.051   -6.542  3.001   1.00 23.93 ? 109 TRP A C   1 
ATOM   526  O O   . TRP A 1 68  ? 1.848   -6.439  3.204   1.00 23.94 ? 109 TRP A O   1 
ATOM   527  C CB  . TRP A 1 68  ? 4.294   -5.449  1.165   1.00 24.51 ? 109 TRP A CB  1 
ATOM   528  C CG  . TRP A 1 68  ? 4.669   -5.505  -0.244  1.00 26.61 ? 109 TRP A CG  1 
ATOM   529  C CD1 . TRP A 1 68  ? 4.022   -4.912  -1.290  1.00 26.31 ? 109 TRP A CD1 1 
ATOM   530  C CD2 . TRP A 1 68  ? 5.723   -6.286  -0.807  1.00 27.52 ? 109 TRP A CD2 1 
ATOM   531  N NE1 . TRP A 1 68  ? 4.608   -5.283  -2.476  1.00 26.74 ? 109 TRP A NE1 1 
ATOM   532  C CE2 . TRP A 1 68  ? 5.655   -6.134  -2.210  1.00 27.58 ? 109 TRP A CE2 1 
ATOM   533  C CE3 . TRP A 1 68  ? 6.718   -7.117  -0.267  1.00 27.11 ? 109 TRP A CE3 1 
ATOM   534  C CZ2 . TRP A 1 68  ? 6.543   -6.769  -3.083  1.00 27.63 ? 109 TRP A CZ2 1 
ATOM   535  C CZ3 . TRP A 1 68  ? 7.604   -7.753  -1.130  1.00 26.99 ? 109 TRP A CZ3 1 
ATOM   536  C CH2 . TRP A 1 68  ? 7.505   -7.577  -2.525  1.00 27.07 ? 109 TRP A CH2 1 
ATOM   537  N N   . LYS A 1 69  ? 3.945   -6.486  3.976   1.00 25.72 ? 110 LYS A N   1 
ATOM   538  C CA  . LYS A 1 69  ? 3.502   -6.329  5.342   1.00 26.72 ? 110 LYS A CA  1 
ATOM   539  C C   . LYS A 1 69  ? 2.795   -5.015  5.576   1.00 26.08 ? 110 LYS A C   1 
ATOM   540  O O   . LYS A 1 69  ? 1.879   -4.966  6.376   1.00 29.18 ? 110 LYS A O   1 
ATOM   541  C CB  . LYS A 1 69  ? 4.666   -6.499  6.312   1.00 26.11 ? 110 LYS A CB  1 
ATOM   542  C CG  . LYS A 1 69  ? 5.125   -7.961  6.426   1.00 27.85 ? 110 LYS A CG  1 
ATOM   543  C CD  . LYS A 1 69  ? 5.893   -8.217  7.730   1.00 29.89 ? 110 LYS A CD  1 
ATOM   544  C CE  . LYS A 1 69  ? 6.830   -9.423  7.629   1.00 30.77 ? 110 LYS A CE  1 
ATOM   545  N NZ  . LYS A 1 69  ? 6.149   -10.689 7.237   1.00 32.40 ? 110 LYS A NZ  1 
ATOM   546  N N   . ASP A 1 70  ? 3.182   -3.960  4.865   1.00 24.80 ? 111 ASP A N   1 
ATOM   547  C CA  . ASP A 1 70  ? 2.525   -2.671  5.063   1.00 24.69 ? 111 ASP A CA  1 
ATOM   548  C C   . ASP A 1 70  ? 1.126   -2.624  4.443   1.00 25.97 ? 111 ASP A C   1 
ATOM   549  O O   . ASP A 1 70  ? 0.456   -1.599  4.477   1.00 27.99 ? 111 ASP A O   1 
ATOM   550  C CB  . ASP A 1 70  ? 3.378   -1.530  4.497   1.00 24.18 ? 111 ASP A CB  1 
ATOM   551  C CG  . ASP A 1 70  ? 3.467   -1.556  2.986   1.00 25.11 ? 111 ASP A CG  1 
ATOM   552  O OD1 . ASP A 1 70  ? 3.994   -0.586  2.399   1.00 26.39 ? 111 ASP A OD1 1 
ATOM   553  O OD2 . ASP A 1 70  ? 3.012   -2.547  2.385   1.00 23.40 ? 111 ASP A OD2 1 
ATOM   554  N N   . GLY A 1 71  ? 0.682   -3.739  3.878   1.00 26.66 ? 112 GLY A N   1 
ATOM   555  C CA  . GLY A 1 71  ? -0.640  -3.772  3.285   1.00 24.12 ? 112 GLY A CA  1 
ATOM   556  C C   . GLY A 1 71  ? -0.719  -3.450  1.808   1.00 23.82 ? 112 GLY A C   1 
ATOM   557  O O   . GLY A 1 71  ? -1.732  -3.753  1.182   1.00 23.81 ? 112 GLY A O   1 
ATOM   558  N N   . SER A 1 72  ? 0.323   -2.840  1.247   1.00 23.53 ? 113 SER A N   1 
ATOM   559  C CA  . SER A 1 72  ? 0.330   -2.512  -0.180  1.00 23.82 ? 113 SER A CA  1 
ATOM   560  C C   . SER A 1 72  ? 0.409   -3.785  -1.056  1.00 23.67 ? 113 SER A C   1 
ATOM   561  O O   . SER A 1 72  ? 0.735   -4.870  -0.569  1.00 23.59 ? 113 SER A O   1 
ATOM   562  C CB  . SER A 1 72  ? 1.496   -1.568  -0.490  1.00 23.94 ? 113 SER A CB  1 
ATOM   563  O OG  . SER A 1 72  ? 2.726   -2.112  -0.058  1.00 23.80 ? 113 SER A OG  1 
ATOM   564  N N   . LYS A 1 73  ? 0.120   -3.659  -2.346  1.00 23.69 ? 114 LYS A N   1 
ATOM   565  C CA  . LYS A 1 73  ? 0.130   -4.830  -3.216  1.00 24.76 ? 114 LYS A CA  1 
ATOM   566  C C   . LYS A 1 73  ? 0.862   -4.684  -4.545  1.00 26.05 ? 114 LYS A C   1 
ATOM   567  O O   . LYS A 1 73  ? 1.019   -3.582  -5.081  1.00 27.35 ? 114 LYS A O   1 
ATOM   568  C CB  . LYS A 1 73  ? -1.310  -5.275  -3.500  1.00 24.79 ? 114 LYS A CB  1 
ATOM   569  C CG  . LYS A 1 73  ? -2.088  -5.760  -2.270  1.00 24.46 ? 114 LYS A CG  1 
ATOM   570  C CD  . LYS A 1 73  ? -3.580  -5.708  -2.529  1.00 25.11 ? 114 LYS A CD  1 
ATOM   571  C CE  . LYS A 1 73  ? -4.363  -6.311  -1.393  1.00 28.48 ? 114 LYS A CE  1 
ATOM   572  N NZ  . LYS A 1 73  ? -3.893  -5.808  -0.065  1.00 32.00 ? 114 LYS A NZ  1 
ATOM   573  N N   . LYS A 1 74  ? 1.304   -5.823  -5.071  1.00 25.49 ? 115 LYS A N   1 
ATOM   574  C CA  . LYS A 1 74  ? 1.990   -5.863  -6.348  1.00 24.58 ? 115 LYS A CA  1 
ATOM   575  C C   . LYS A 1 74  ? 1.450   -7.050  -7.095  1.00 24.31 ? 115 LYS A C   1 
ATOM   576  O O   . LYS A 1 74  ? 1.447   -8.155  -6.570  1.00 25.43 ? 115 LYS A O   1 
ATOM   577  C CB  . LYS A 1 74  ? 3.501   -6.026  -6.176  1.00 24.93 ? 115 LYS A CB  1 
ATOM   578  C CG  . LYS A 1 74  ? 4.202   -6.224  -7.503  1.00 24.85 ? 115 LYS A CG  1 
ATOM   579  C CD  . LYS A 1 74  ? 5.706   -6.180  -7.388  1.00 25.99 ? 115 LYS A CD  1 
ATOM   580  C CE  . LYS A 1 74  ? 6.295   -6.291  -8.782  1.00 26.63 ? 115 LYS A CE  1 
ATOM   581  N NZ  . LYS A 1 74  ? 7.674   -5.752  -8.850  1.00 33.89 ? 115 LYS A NZ  1 
ATOM   582  N N   . GLU A 1 75  ? 0.987   -6.824  -8.313  1.00 24.54 ? 116 GLU A N   1 
ATOM   583  C CA  . GLU A 1 75  ? 0.452   -7.902  -9.114  1.00 26.04 ? 116 GLU A CA  1 
ATOM   584  C C   . GLU A 1 75  ? 1.467   -8.353  -10.148 1.00 27.11 ? 116 GLU A C   1 
ATOM   585  O O   . GLU A 1 75  ? 1.997   -7.531  -10.895 1.00 29.37 ? 116 GLU A O   1 
ATOM   586  C CB  . GLU A 1 75  ? -0.806  -7.446  -9.821  1.00 25.99 ? 116 GLU A CB  1 
ATOM   587  C CG  . GLU A 1 75  ? -1.372  -8.500  -10.739 1.00 28.91 ? 116 GLU A CG  1 
ATOM   588  C CD  . GLU A 1 75  ? -2.722  -8.117  -11.268 1.00 31.27 ? 116 GLU A CD  1 
ATOM   589  O OE1 . GLU A 1 75  ? -3.684  -8.094  -10.463 1.00 32.93 ? 116 GLU A OE1 1 
ATOM   590  O OE2 . GLU A 1 75  ? -2.809  -7.828  -12.484 1.00 33.57 ? 116 GLU A OE2 1 
ATOM   591  N N   . VAL A 1 76  ? 1.740   -9.652  -10.188 1.00 27.13 ? 117 VAL A N   1 
ATOM   592  C CA  . VAL A 1 76  ? 2.692   -10.183 -11.143 1.00 26.02 ? 117 VAL A CA  1 
ATOM   593  C C   . VAL A 1 76  ? 2.011   -11.089 -12.163 1.00 26.83 ? 117 VAL A C   1 
ATOM   594  O O   . VAL A 1 76  ? 1.423   -12.119 -11.814 1.00 25.47 ? 117 VAL A O   1 
ATOM   595  C CB  . VAL A 1 76  ? 3.792   -10.934 -10.409 1.00 27.54 ? 117 VAL A CB  1 
ATOM   596  C CG1 . VAL A 1 76  ? 4.565   -11.832 -11.367 1.00 26.34 ? 117 VAL A CG1 1 
ATOM   597  C CG2 . VAL A 1 76  ? 4.709   -9.931  -9.753  1.00 25.94 ? 117 VAL A CG2 1 
ATOM   598  N N   . ASP A 1 77  ? 2.101   -10.670 -13.424 1.00 27.55 ? 118 ASP A N   1 
ATOM   599  C CA  . ASP A 1 77  ? 1.507   -11.359 -14.569 1.00 27.22 ? 118 ASP A CA  1 
ATOM   600  C C   . ASP A 1 77  ? 2.351   -12.570 -14.979 1.00 26.97 ? 118 ASP A C   1 
ATOM   601  O O   . ASP A 1 77  ? 3.505   -12.434 -15.382 1.00 27.82 ? 118 ASP A O   1 
ATOM   602  C CB  . ASP A 1 77  ? 1.414   -10.381 -15.735 1.00 27.41 ? 118 ASP A CB  1 
ATOM   603  C CG  . ASP A 1 77  ? 0.669   -10.950 -16.919 1.00 31.20 ? 118 ASP A CG  1 
ATOM   604  O OD1 . ASP A 1 77  ? 0.357   -12.163 -16.927 1.00 33.08 ? 118 ASP A OD1 1 
ATOM   605  O OD2 . ASP A 1 77  ? 0.396   -10.181 -17.860 1.00 31.64 ? 118 ASP A OD2 1 
ATOM   606  N N   . LEU A 1 78  ? 1.768   -13.757 -14.889 1.00 26.45 ? 119 LEU A N   1 
ATOM   607  C CA  . LEU A 1 78  ? 2.493   -14.974 -15.241 1.00 26.83 ? 119 LEU A CA  1 
ATOM   608  C C   . LEU A 1 78  ? 2.435   -15.245 -16.737 1.00 27.61 ? 119 LEU A C   1 
ATOM   609  O O   . LEU A 1 78  ? 3.181   -16.078 -17.258 1.00 28.19 ? 119 LEU A O   1 
ATOM   610  C CB  . LEU A 1 78  ? 1.926   -16.168 -14.460 1.00 25.09 ? 119 LEU A CB  1 
ATOM   611  C CG  . LEU A 1 78  ? 2.131   -16.077 -12.943 1.00 22.57 ? 119 LEU A CG  1 
ATOM   612  C CD1 . LEU A 1 78  ? 1.290   -17.112 -12.206 1.00 21.56 ? 119 LEU A CD1 1 
ATOM   613  C CD2 . LEU A 1 78  ? 3.592   -16.270 -12.655 1.00 22.34 ? 119 LEU A CD2 1 
ATOM   614  N N   . LYS A 1 79  ? 1.551   -14.539 -17.430 1.00 28.17 ? 120 LYS A N   1 
ATOM   615  C CA  . LYS A 1 79  ? 1.448   -14.725 -18.864 1.00 30.66 ? 120 LYS A CA  1 
ATOM   616  C C   . LYS A 1 79  ? 2.609   -14.022 -19.549 1.00 31.38 ? 120 LYS A C   1 
ATOM   617  O O   . LYS A 1 79  ? 2.783   -14.124 -20.757 1.00 32.10 ? 120 LYS A O   1 
ATOM   618  C CB  . LYS A 1 79  ? 0.108   -14.198 -19.377 1.00 31.97 ? 120 LYS A CB  1 
ATOM   619  C CG  . LYS A 1 79  ? -1.081  -15.000 -18.887 1.00 33.37 ? 120 LYS A CG  1 
ATOM   620  C CD  . LYS A 1 79  ? -2.359  -14.584 -19.590 1.00 34.64 ? 120 LYS A CD  1 
ATOM   621  C CE  . LYS A 1 79  ? -2.261  -14.889 -21.073 1.00 35.98 ? 120 LYS A CE  1 
ATOM   622  N NZ  . LYS A 1 79  ? -3.479  -14.465 -21.772 1.00 36.59 ? 120 LYS A NZ  1 
ATOM   623  N N   . LYS A 1 80  ? 3.393   -13.290 -18.762 1.00 32.39 ? 121 LYS A N   1 
ATOM   624  C CA  . LYS A 1 80  ? 4.563   -12.605 -19.278 1.00 34.15 ? 121 LYS A CA  1 
ATOM   625  C C   . LYS A 1 80  ? 5.805   -13.094 -18.544 1.00 34.56 ? 121 LYS A C   1 
ATOM   626  O O   . LYS A 1 80  ? 6.499   -12.353 -17.862 1.00 33.86 ? 121 LYS A O   1 
ATOM   627  C CB  . LYS A 1 80  ? 4.388   -11.094 -19.166 1.00 35.21 ? 121 LYS A CB  1 
ATOM   628  C CG  . LYS A 1 80  ? 3.315   -10.570 -20.130 1.00 38.97 ? 121 LYS A CG  1 
ATOM   629  C CD  . LYS A 1 80  ? 3.127   -9.061  -20.060 1.00 40.49 ? 121 LYS A CD  1 
ATOM   630  C CE  . LYS A 1 80  ? 2.212   -8.554  -21.174 1.00 42.21 ? 121 LYS A CE  1 
ATOM   631  N NZ  . LYS A 1 80  ? 2.120   -7.068  -21.190 1.00 41.10 ? 121 LYS A NZ  1 
ATOM   632  N N   . ASP A 1 81  ? 6.000   -14.378 -18.652 1.00 37.25 ? 122 ASP A N   1 
ATOM   633  C CA  . ASP A 1 81  ? 7.153   -14.974 -18.045 1.00 38.67 ? 122 ASP A CA  1 
ATOM   634  C C   . ASP A 1 81  ? 8.286   -14.410 -18.853 1.00 37.55 ? 122 ASP A C   1 
ATOM   635  O O   . ASP A 1 81  ? 8.145   -14.203 -20.054 1.00 38.73 ? 122 ASP A O   1 
ATOM   636  C CB  . ASP A 1 81  ? 7.119   -16.513 -18.114 1.00 39.06 ? 122 ASP A CB  1 
ATOM   637  C CG  . ASP A 1 81  ? 7.295   -17.175 -16.751 1.00 40.09 ? 122 ASP A CG  1 
ATOM   638  O OD1 . ASP A 1 81  ? 8.371   -17.007 -16.131 1.00 44.55 ? 122 ASP A OD1 1 
ATOM   639  O OD2 . ASP A 1 81  ? 6.369   -17.862 -16.293 1.00 37.94 ? 122 ASP A OD2 1 
ATOM   640  N N   . SER A 1 82  ? 9.380   -14.105 -18.261 1.00 36.39 ? 123 SER A N   1 
ATOM   641  C CA  . SER A 1 82  ? 10.446  -13.469 -18.982 1.00 34.88 ? 123 SER A CA  1 
ATOM   642  C C   . SER A 1 82  ? 11.491  -13.131 -17.932 1.00 32.65 ? 123 SER A C   1 
ATOM   643  O O   . SER A 1 82  ? 11.126  -12.758 -16.816 1.00 34.25 ? 123 SER A O   1 
ATOM   644  C CB  . SER A 1 82  ? 9.941   -12.188 -19.672 1.00 36.47 ? 123 SER A CB  1 
ATOM   645  O OG  . SER A 1 82  ? 8.683   -11.776 -19.158 1.00 36.66 ? 123 SER A OG  1 
ATOM   646  N N   . TYR A 1 83  ? 12.796  -13.251 -18.224 1.00 28.19 ? 124 TYR A N   1 
ATOM   647  C CA  . TYR A 1 83  ? 13.879  -12.998 -17.235 1.00 24.61 ? 124 TYR A CA  1 
ATOM   648  C C   . TYR A 1 83  ? 13.875  -11.622 -16.594 1.00 25.23 ? 124 TYR A C   1 
ATOM   649  O O   . TYR A 1 83  ? 13.576  -10.604 -17.217 1.00 25.28 ? 124 TYR A O   1 
ATOM   650  C CB  . TYR A 1 83  ? 15.250  -13.233 -17.870 1.00 22.83 ? 124 TYR A CB  1 
ATOM   651  C CG  . TYR A 1 83  ? 16.399  -12.946 -16.933 1.00 21.25 ? 124 TYR A CG  1 
ATOM   652  C CD1 . TYR A 1 83  ? 16.962  -13.958 -16.150 1.00 20.44 ? 124 TYR A CD1 1 
ATOM   653  C CD2 . TYR A 1 83  ? 16.938  -11.661 -16.845 1.00 20.11 ? 124 TYR A CD2 1 
ATOM   654  C CE1 . TYR A 1 83  ? 18.042  -13.697 -15.302 1.00 20.62 ? 124 TYR A CE1 1 
ATOM   655  C CE2 . TYR A 1 83  ? 18.015  -11.392 -16.002 1.00 20.01 ? 124 TYR A CE2 1 
ATOM   656  C CZ  . TYR A 1 83  ? 18.558  -12.414 -15.233 1.00 20.46 ? 124 TYR A CZ  1 
ATOM   657  O OH  . TYR A 1 83  ? 19.604  -12.146 -14.385 1.00 20.85 ? 124 TYR A OH  1 
ATOM   658  N N   . THR A 1 84  ? 14.235  -11.621 -15.301 1.00 24.38 ? 125 THR A N   1 
ATOM   659  C CA  . THR A 1 84  ? 14.294  -10.389 -14.550 1.00 25.51 ? 125 THR A CA  1 
ATOM   660  C C   . THR A 1 84  ? 15.392  -10.585 -13.513 1.00 25.63 ? 125 THR A C   1 
ATOM   661  O O   . THR A 1 84  ? 15.652  -11.702 -13.092 1.00 25.29 ? 125 THR A O   1 
ATOM   662  C CB  . THR A 1 84  ? 12.954  -10.118 -13.855 1.00 25.04 ? 125 THR A CB  1 
ATOM   663  O OG1 . THR A 1 84  ? 12.991  -8.824  -13.258 1.00 25.35 ? 125 THR A OG1 1 
ATOM   664  C CG2 . THR A 1 84  ? 12.691  -11.158 -12.784 1.00 26.56 ? 125 THR A CG2 1 
ATOM   665  N N   . ALA A 1 85  ? 16.047  -9.509  -13.104 1.00 26.47 ? 126 ALA A N   1 
ATOM   666  C CA  . ALA A 1 85  ? 17.113  -9.619  -12.119 1.00 26.98 ? 126 ALA A CA  1 
ATOM   667  C C   . ALA A 1 85  ? 16.664  -9.046  -10.766 1.00 27.38 ? 126 ALA A C   1 
ATOM   668  O O   . ALA A 1 85  ? 17.356  -9.184  -9.760  1.00 28.05 ? 126 ALA A O   1 
ATOM   669  C CB  . ALA A 1 85  ? 18.348  -8.877  -12.624 1.00 25.16 ? 126 ALA A CB  1 
ATOM   670  N N   . ASN A 1 86  ? 15.492  -8.417  -10.757 1.00 27.04 ? 127 ASN A N   1 
ATOM   671  C CA  . ASN A 1 86  ? 14.954  -7.787  -9.552  1.00 28.42 ? 127 ASN A CA  1 
ATOM   672  C C   . ASN A 1 86  ? 14.778  -8.727  -8.382  1.00 27.29 ? 127 ASN A C   1 
ATOM   673  O O   . ASN A 1 86  ? 14.281  -9.832  -8.538  1.00 28.01 ? 127 ASN A O   1 
ATOM   674  C CB  . ASN A 1 86  ? 13.615  -7.135  -9.868  1.00 29.60 ? 127 ASN A CB  1 
ATOM   675  C CG  . ASN A 1 86  ? 13.725  -6.120  -10.986 1.00 33.12 ? 127 ASN A CG  1 
ATOM   676  O OD1 . ASN A 1 86  ? 12.762  -5.872  -11.711 1.00 35.07 ? 127 ASN A OD1 1 
ATOM   677  N ND2 . ASN A 1 86  ? 14.907  -5.527  -11.130 1.00 35.43 ? 127 ASN A ND2 1 
ATOM   678  N N   . LEU A 1 87  ? 15.190  -8.274  -7.207  1.00 25.95 ? 128 LEU A N   1 
ATOM   679  C CA  . LEU A 1 87  ? 15.079  -9.070  -6.002  1.00 25.62 ? 128 LEU A CA  1 
ATOM   680  C C   . LEU A 1 87  ? 14.138  -8.325  -5.068  1.00 26.45 ? 128 LEU A C   1 
ATOM   681  O O   . LEU A 1 87  ? 13.933  -7.125  -5.234  1.00 27.41 ? 128 LEU A O   1 
ATOM   682  C CB  . LEU A 1 87  ? 16.444  -9.195  -5.337  1.00 25.82 ? 128 LEU A CB  1 
ATOM   683  C CG  . LEU A 1 87  ? 17.655  -9.431  -6.239  1.00 26.73 ? 128 LEU A CG  1 
ATOM   684  C CD1 . LEU A 1 87  ? 18.919  -9.410  -5.403  1.00 27.84 ? 128 LEU A CD1 1 
ATOM   685  C CD2 . LEU A 1 87  ? 17.516  -10.752 -6.969  1.00 28.02 ? 128 LEU A CD2 1 
ATOM   686  N N   . PHE A 1 88  ? 13.563  -9.028  -4.095  1.00 26.67 ? 129 PHE A N   1 
ATOM   687  C CA  . PHE A 1 88  ? 12.679  -8.377  -3.129  1.00 25.42 ? 129 PHE A CA  1 
ATOM   688  C C   . PHE A 1 88  ? 13.100  -8.781  -1.713  1.00 25.73 ? 129 PHE A C   1 
ATOM   689  O O   . PHE A 1 88  ? 13.857  -9.741  -1.524  1.00 25.43 ? 129 PHE A O   1 
ATOM   690  C CB  . PHE A 1 88  ? 11.215  -8.742  -3.401  1.00 25.20 ? 129 PHE A CB  1 
ATOM   691  C CG  . PHE A 1 88  ? 10.956  -10.211 -3.384  1.00 26.76 ? 129 PHE A CG  1 
ATOM   692  C CD1 . PHE A 1 88  ? 10.734  -10.881 -2.181  1.00 24.23 ? 129 PHE A CD1 1 
ATOM   693  C CD2 . PHE A 1 88  ? 10.995  -10.942 -4.565  1.00 25.04 ? 129 PHE A CD2 1 
ATOM   694  C CE1 . PHE A 1 88  ? 10.571  -12.253 -2.159  1.00 25.58 ? 129 PHE A CE1 1 
ATOM   695  C CE2 . PHE A 1 88  ? 10.835  -12.320 -4.549  1.00 26.32 ? 129 PHE A CE2 1 
ATOM   696  C CZ  . PHE A 1 88  ? 10.617  -12.975 -3.346  1.00 26.45 ? 129 PHE A CZ  1 
ATOM   697  N N   . ASP A 1 89  ? 12.613  -8.039  -0.726  1.00 26.41 ? 130 ASP A N   1 
ATOM   698  C CA  . ASP A 1 89  ? 12.960  -8.271  0.663   1.00 27.65 ? 130 ASP A CA  1 
ATOM   699  C C   . ASP A 1 89  ? 12.075  -9.329  1.305   1.00 26.61 ? 130 ASP A C   1 
ATOM   700  O O   . ASP A 1 89  ? 10.883  -9.121  1.462   1.00 25.94 ? 130 ASP A O   1 
ATOM   701  C CB  . ASP A 1 89  ? 12.837  -6.949  1.411   1.00 31.95 ? 130 ASP A CB  1 
ATOM   702  C CG  . ASP A 1 89  ? 13.820  -6.828  2.562   1.00 35.58 ? 130 ASP A CG  1 
ATOM   703  O OD1 . ASP A 1 89  ? 14.033  -5.680  3.007   1.00 38.92 ? 130 ASP A OD1 1 
ATOM   704  O OD2 . ASP A 1 89  ? 14.372  -7.857  3.027   1.00 37.80 ? 130 ASP A OD2 1 
ATOM   705  N N   . SER A 1 90  ? 12.665  -10.458 1.687   1.00 26.15 ? 131 SER A N   1 
ATOM   706  C CA  . SER A 1 90  ? 11.914  -11.553 2.310   1.00 26.37 ? 131 SER A CA  1 
ATOM   707  C C   . SER A 1 90  ? 11.095  -11.102 3.506   1.00 25.92 ? 131 SER A C   1 
ATOM   708  O O   . SER A 1 90  ? 9.991   -11.581 3.714   1.00 26.61 ? 131 SER A O   1 
ATOM   709  C CB  . SER A 1 90  ? 12.855  -12.639 2.791   1.00 25.18 ? 131 SER A CB  1 
ATOM   710  O OG  . SER A 1 90  ? 14.027  -12.612 2.017   1.00 31.36 ? 131 SER A OG  1 
ATOM   711  N N   . ASN A 1 91  ? 11.643  -10.192 4.300   1.00 25.67 ? 132 ASN A N   1 
ATOM   712  C CA  . ASN A 1 91  ? 10.936  -9.711  5.482   1.00 26.37 ? 132 ASN A CA  1 
ATOM   713  C C   . ASN A 1 91  ? 9.697   -8.886  5.134   1.00 25.80 ? 132 ASN A C   1 
ATOM   714  O O   . ASN A 1 91  ? 8.841   -8.672  5.984   1.00 26.47 ? 132 ASN A O   1 
ATOM   715  C CB  . ASN A 1 91  ? 11.871  -8.873  6.363   1.00 26.40 ? 132 ASN A CB  1 
ATOM   716  C CG  . ASN A 1 91  ? 13.148  -9.607  6.736   1.00 30.38 ? 132 ASN A CG  1 
ATOM   717  O OD1 . ASN A 1 91  ? 13.119  -10.705 7.310   1.00 29.57 ? 132 ASN A OD1 1 
ATOM   718  N ND2 . ASN A 1 91  ? 14.289  -8.993  6.415   1.00 33.44 ? 132 ASN A ND2 1 
ATOM   719  N N   . SER A 1 92  ? 9.595   -8.438  3.884   1.00 25.15 ? 133 SER A N   1 
ATOM   720  C CA  . SER A 1 92  ? 8.472   -7.611  3.446   1.00 24.91 ? 133 SER A CA  1 
ATOM   721  C C   . SER A 1 92  ? 7.252   -8.383  3.008   1.00 24.92 ? 133 SER A C   1 
ATOM   722  O O   . SER A 1 92  ? 6.180   -7.797  2.839   1.00 23.60 ? 133 SER A O   1 
ATOM   723  C CB  . SER A 1 92  ? 8.890   -6.711  2.286   1.00 23.96 ? 133 SER A CB  1 
ATOM   724  O OG  . SER A 1 92  ? 9.833   -5.744  2.697   1.00 28.44 ? 133 SER A OG  1 
ATOM   725  N N   . ILE A 1 93  ? 7.415   -9.685  2.813   1.00 25.07 ? 134 ILE A N   1 
ATOM   726  C CA  . ILE A 1 93  ? 6.328   -10.540 2.353   1.00 24.88 ? 134 ILE A CA  1 
ATOM   727  C C   . ILE A 1 93  ? 5.262   -10.852 3.401   1.00 25.31 ? 134 ILE A C   1 
ATOM   728  O O   . ILE A 1 93  ? 5.580   -11.253 4.525   1.00 27.44 ? 134 ILE A O   1 
ATOM   729  C CB  . ILE A 1 93  ? 6.892   -11.872 1.816   1.00 25.57 ? 134 ILE A CB  1 
ATOM   730  C CG1 . ILE A 1 93  ? 7.545   -11.641 0.460   1.00 23.84 ? 134 ILE A CG1 1 
ATOM   731  C CG2 . ILE A 1 93  ? 5.781   -12.914 1.700   1.00 26.34 ? 134 ILE A CG2 1 
ATOM   732  C CD1 . ILE A 1 93  ? 6.562   -11.317 -0.626  1.00 25.16 ? 134 ILE A CD1 1 
ATOM   733  N N   . LYS A 1 94  ? 3.996   -10.676 3.028   1.00 25.22 ? 135 LYS A N   1 
ATOM   734  C CA  . LYS A 1 94  ? 2.904   -10.986 3.933   1.00 23.83 ? 135 LYS A CA  1 
ATOM   735  C C   . LYS A 1 94  ? 2.066   -12.157 3.429   1.00 24.94 ? 135 LYS A C   1 
ATOM   736  O O   . LYS A 1 94  ? 1.840   -13.129 4.161   1.00 24.31 ? 135 LYS A O   1 
ATOM   737  C CB  . LYS A 1 94  ? 1.985   -9.789  4.135   1.00 23.09 ? 135 LYS A CB  1 
ATOM   738  C CG  . LYS A 1 94  ? 0.807   -10.140 5.033   1.00 23.32 ? 135 LYS A CG  1 
ATOM   739  C CD  . LYS A 1 94  ? -0.005  -8.915  5.389   1.00 28.84 ? 135 LYS A CD  1 
ATOM   740  C CE  . LYS A 1 94  ? -1.148  -9.272  6.336   1.00 29.76 ? 135 LYS A CE  1 
ATOM   741  N NZ  . LYS A 1 94  ? -1.720  -8.043  6.979   1.00 32.71 ? 135 LYS A NZ  1 
ATOM   742  N N   . GLN A 1 95  ? 1.598   -12.056 2.187   1.00 24.31 ? 136 GLN A N   1 
ATOM   743  C CA  . GLN A 1 95  ? 0.774   -13.110 1.605   1.00 24.05 ? 136 GLN A CA  1 
ATOM   744  C C   . GLN A 1 95  ? 0.860   -13.165 0.091   1.00 23.63 ? 136 GLN A C   1 
ATOM   745  O O   . GLN A 1 95  ? 1.173   -12.171 -0.563  1.00 23.96 ? 136 GLN A O   1 
ATOM   746  C CB  . GLN A 1 95  ? -0.693  -12.931 1.989   1.00 24.94 ? 136 GLN A CB  1 
ATOM   747  C CG  . GLN A 1 95  ? -1.541  -14.131 1.603   1.00 29.51 ? 136 GLN A CG  1 
ATOM   748  C CD  . GLN A 1 95  ? -2.963  -14.043 2.100   1.00 33.01 ? 136 GLN A CD  1 
ATOM   749  O OE1 . GLN A 1 95  ? -3.227  -13.485 3.162   1.00 36.05 ? 136 GLN A OE1 1 
ATOM   750  N NE2 . GLN A 1 95  ? -3.892  -14.614 1.345   1.00 34.87 ? 136 GLN A NE2 1 
ATOM   751  N N   . ILE A 1 96  ? 0.549   -14.334 -0.457  1.00 22.42 ? 137 ILE A N   1 
ATOM   752  C CA  . ILE A 1 96  ? 0.577   -14.544 -1.893  1.00 21.56 ? 137 ILE A CA  1 
ATOM   753  C C   . ILE A 1 96  ? -0.754  -15.110 -2.327  1.00 23.73 ? 137 ILE A C   1 
ATOM   754  O O   . ILE A 1 96  ? -1.156  -16.179 -1.861  1.00 24.93 ? 137 ILE A O   1 
ATOM   755  C CB  . ILE A 1 96  ? 1.667   -15.548 -2.275  1.00 21.29 ? 137 ILE A CB  1 
ATOM   756  C CG1 . ILE A 1 96  ? 3.027   -14.969 -1.925  1.00 20.72 ? 137 ILE A CG1 1 
ATOM   757  C CG2 . ILE A 1 96  ? 1.593   -15.882 -3.746  1.00 16.93 ? 137 ILE A CG2 1 
ATOM   758  C CD1 . ILE A 1 96  ? 4.110   -15.994 -1.889  1.00 23.62 ? 137 ILE A CD1 1 
ATOM   759  N N   . ASP A 1 97  ? -1.446  -14.394 -3.211  1.00 23.78 ? 138 ASP A N   1 
ATOM   760  C CA  . ASP A 1 97  ? -2.737  -14.856 -3.718  1.00 26.12 ? 138 ASP A CA  1 
ATOM   761  C C   . ASP A 1 97  ? -2.581  -15.166 -5.197  1.00 25.09 ? 138 ASP A C   1 
ATOM   762  O O   . ASP A 1 97  ? -2.353  -14.272 -6.012  1.00 27.30 ? 138 ASP A O   1 
ATOM   763  C CB  . ASP A 1 97  ? -3.806  -13.781 -3.518  1.00 27.20 ? 138 ASP A CB  1 
ATOM   764  C CG  . ASP A 1 97  ? -4.136  -13.560 -2.058  1.00 30.32 ? 138 ASP A CG  1 
ATOM   765  O OD1 . ASP A 1 97  ? -4.382  -12.390 -1.681  1.00 32.71 ? 138 ASP A OD1 1 
ATOM   766  O OD2 . ASP A 1 97  ? -4.154  -14.555 -1.296  1.00 27.98 ? 138 ASP A OD2 1 
ATOM   767  N N   . ILE A 1 98  ? -2.695  -16.441 -5.534  1.00 23.54 ? 139 ILE A N   1 
ATOM   768  C CA  . ILE A 1 98  ? -2.542  -16.886 -6.910  1.00 22.86 ? 139 ILE A CA  1 
ATOM   769  C C   . ILE A 1 98  ? -3.908  -16.981 -7.571  1.00 22.57 ? 139 ILE A C   1 
ATOM   770  O O   . ILE A 1 98  ? -4.813  -17.619 -7.054  1.00 22.98 ? 139 ILE A O   1 
ATOM   771  C CB  . ILE A 1 98  ? -1.834  -18.242 -6.926  1.00 21.38 ? 139 ILE A CB  1 
ATOM   772  C CG1 . ILE A 1 98  ? -0.521  -18.114 -6.146  1.00 21.25 ? 139 ILE A CG1 1 
ATOM   773  C CG2 . ILE A 1 98  ? -1.596  -18.697 -8.350  1.00 20.93 ? 139 ILE A CG2 1 
ATOM   774  C CD1 . ILE A 1 98  ? 0.210   -19.389 -5.961  1.00 18.93 ? 139 ILE A CD1 1 
ATOM   775  N N   . ASN A 1 99  ? -4.060  -16.347 -8.721  1.00 22.63 ? 140 ASN A N   1 
ATOM   776  C CA  . ASN A 1 99  ? -5.354  -16.358 -9.380  1.00 23.88 ? 140 ASN A CA  1 
ATOM   777  C C   . ASN A 1 99  ? -5.291  -16.586 -10.873 1.00 24.20 ? 140 ASN A C   1 
ATOM   778  O O   . ASN A 1 99  ? -4.730  -15.784 -11.614 1.00 22.65 ? 140 ASN A O   1 
ATOM   779  C CB  . ASN A 1 99  ? -6.084  -15.047 -9.113  1.00 26.44 ? 140 ASN A CB  1 
ATOM   780  C CG  . ASN A 1 99  ? -7.505  -15.082 -9.584  1.00 26.36 ? 140 ASN A CG  1 
ATOM   781  O OD1 . ASN A 1 99  ? -7.783  -15.538 -10.681 1.00 29.30 ? 140 ASN A OD1 1 
ATOM   782  N ND2 . ASN A 1 99  ? -8.417  -14.595 -8.763  1.00 27.34 ? 140 ASN A ND2 1 
ATOM   783  N N   . VAL A 1 100 ? -5.905  -17.679 -11.306 1.00 25.40 ? 141 VAL A N   1 
ATOM   784  C CA  . VAL A 1 100 ? -5.913  -18.049 -12.709 1.00 25.82 ? 141 VAL A CA  1 
ATOM   785  C C   . VAL A 1 100 ? -7.340  -18.184 -13.221 1.00 28.88 ? 141 VAL A C   1 
ATOM   786  O O   . VAL A 1 100 ? -8.186  -18.811 -12.573 1.00 28.76 ? 141 VAL A O   1 
ATOM   787  C CB  . VAL A 1 100 ? -5.193  -19.406 -12.934 1.00 25.36 ? 141 VAL A CB  1 
ATOM   788  C CG1 . VAL A 1 100 ? -5.268  -19.800 -14.405 1.00 23.74 ? 141 VAL A CG1 1 
ATOM   789  C CG2 . VAL A 1 100 ? -3.739  -19.327 -12.464 1.00 24.18 ? 141 VAL A CG2 1 
ATOM   790  N N   . LYS A 1 101 ? -7.593  -17.586 -14.382 1.00 30.42 ? 142 LYS A N   1 
ATOM   791  C CA  . LYS A 1 101 ? -8.899  -17.656 -15.019 1.00 32.46 ? 142 LYS A CA  1 
ATOM   792  C C   . LYS A 1 101 ? -8.697  -18.209 -16.423 1.00 34.21 ? 142 LYS A C   1 
ATOM   793  O O   . LYS A 1 101 ? -8.103  -17.561 -17.287 1.00 33.41 ? 142 LYS A O   1 
ATOM   794  C CB  . LYS A 1 101 ? -9.555  -16.274 -15.053 1.00 34.33 ? 142 LYS A CB  1 
ATOM   795  C CG  . LYS A 1 101 ? -9.731  -15.686 -13.659 1.00 34.76 ? 142 LYS A CG  1 
ATOM   796  C CD  . LYS A 1 101 ? -10.599 -14.437 -13.622 1.00 36.70 ? 142 LYS A CD  1 
ATOM   797  C CE  . LYS A 1 101 ? -10.575 -13.843 -12.217 1.00 37.53 ? 142 LYS A CE  1 
ATOM   798  N NZ  . LYS A 1 101 ? -11.451 -12.672 -12.034 1.00 39.33 ? 142 LYS A NZ  1 
ATOM   799  N N   . THR A 1 102 ? -9.187  -19.429 -16.619 1.00 36.88 ? 143 THR A N   1 
ATOM   800  C CA  . THR A 1 102 ? -9.071  -20.152 -17.879 1.00 40.96 ? 143 THR A CA  1 
ATOM   801  C C   . THR A 1 102 ? -9.857  -19.539 -19.022 1.00 44.24 ? 143 THR A C   1 
ATOM   802  O O   . THR A 1 102 ? -9.288  -19.138 -20.041 1.00 44.56 ? 143 THR A O   1 
ATOM   803  C CB  . THR A 1 102 ? -9.532  -21.617 -17.708 1.00 40.23 ? 143 THR A CB  1 
ATOM   804  O OG1 . THR A 1 102 ? -8.562  -22.329 -16.936 1.00 40.05 ? 143 THR A OG1 1 
ATOM   805  C CG2 . THR A 1 102 ? -9.699  -22.296 -19.057 1.00 41.36 ? 143 THR A CG2 1 
ATOM   806  N N   . LYS A 1 103 ? -11.171 -19.478 -18.840 1.00 48.25 ? 144 LYS A N   1 
ATOM   807  C CA  . LYS A 1 103 ? -12.076 -18.941 -19.846 1.00 51.94 ? 144 LYS A CA  1 
ATOM   808  C C   . LYS A 1 103 ? -11.716 -19.444 -21.244 1.00 53.46 ? 144 LYS A C   1 
ATOM   809  O O   . LYS A 1 103 ? -12.346 -20.428 -21.692 1.00 53.41 ? 144 LYS A O   1 
ATOM   810  C CB  . LYS A 1 103 ? -12.050 -17.412 -19.811 1.00 52.95 ? 144 LYS A CB  1 
ATOM   811  C CG  . LYS A 1 103 ? -12.421 -16.828 -18.459 1.00 55.00 ? 144 LYS A CG  1 
ATOM   812  C CD  . LYS A 1 103 ? -12.499 -15.306 -18.524 1.00 56.24 ? 144 LYS A CD  1 
ATOM   813  C CE  . LYS A 1 103 ? -12.710 -14.699 -17.145 1.00 55.71 ? 144 LYS A CE  1 
ATOM   814  N NZ  . LYS A 1 103 ? -12.593 -13.220 -17.178 1.00 56.03 ? 144 LYS A NZ  1 
ATOM   815  O OXT . LYS A 1 103 ? -10.797 -18.866 -21.867 1.00 55.55 ? 144 LYS A OXT 1 
ATOM   816  N N   . MET B 1 4   ? 1.797   1.380   16.081  1.00 37.36 ? 45  MET B N   1 
ATOM   817  C CA  . MET B 1 4   ? 0.888   2.320   15.365  1.00 37.55 ? 45  MET B CA  1 
ATOM   818  C C   . MET B 1 4   ? 1.247   2.521   13.899  1.00 37.12 ? 45  MET B C   1 
ATOM   819  O O   . MET B 1 4   ? 2.138   1.863   13.359  1.00 35.20 ? 45  MET B O   1 
ATOM   820  C CB  . MET B 1 4   ? 0.892   3.685   16.038  1.00 39.13 ? 45  MET B CB  1 
ATOM   821  C CG  . MET B 1 4   ? 0.066   3.767   17.285  1.00 42.53 ? 45  MET B CG  1 
ATOM   822  S SD  . MET B 1 4   ? -0.114  5.481   17.739  1.00 47.37 ? 45  MET B SD  1 
ATOM   823  C CE  . MET B 1 4   ? -1.900  5.682   17.648  1.00 46.62 ? 45  MET B CE  1 
ATOM   824  N N   . GLN B 1 5   ? 0.626   3.506   13.294  1.00 37.13 ? 46  GLN B N   1 
ATOM   825  C CA  . GLN B 1 5   ? 0.729   3.789   11.874  1.00 37.20 ? 46  GLN B CA  1 
ATOM   826  C C   . GLN B 1 5   ? 1.589   5.040   11.682  1.00 36.95 ? 46  GLN B C   1 
ATOM   827  O O   . GLN B 1 5   ? 1.189   6.139   12.079  1.00 36.38 ? 46  GLN B O   1 
ATOM   828  C CB  . GLN B 1 5   ? -0.670  3.992   11.291  1.00 37.35 ? 46  GLN B CB  1 
ATOM   829  C CG  . GLN B 1 5   ? -0.693  4.241   9.806   1.00 40.88 ? 46  GLN B CG  1 
ATOM   830  C CD  . GLN B 1 5   ? -0.294  3.017   9.003   1.00 43.77 ? 46  GLN B CD  1 
ATOM   831  O OE1 . GLN B 1 5   ? -0.064  3.092   7.792   1.00 45.48 ? 46  GLN B OE1 1 
ATOM   832  N NE2 . GLN B 1 5   ? -0.222  1.878   9.673   1.00 44.75 ? 46  GLN B NE2 1 
ATOM   833  N N   . ASN B 1 6   ? 2.829   4.830   11.237  1.00 35.42 ? 47  ASN B N   1 
ATOM   834  C CA  . ASN B 1 6   ? 3.848   5.868   11.080  1.00 32.80 ? 47  ASN B CA  1 
ATOM   835  C C   . ASN B 1 6   ? 3.695   6.520   9.703   1.00 32.34 ? 47  ASN B C   1 
ATOM   836  O O   . ASN B 1 6   ? 4.242   6.033   8.710   1.00 34.03 ? 47  ASN B O   1 
ATOM   837  C CB  . ASN B 1 6   ? 5.232   5.227   11.212  1.00 32.39 ? 47  ASN B CB  1 
ATOM   838  C CG  . ASN B 1 6   ? 6.275   6.179   11.765  1.00 31.94 ? 47  ASN B CG  1 
ATOM   839  O OD1 . ASN B 1 6   ? 7.121   6.686   11.035  1.00 32.32 ? 47  ASN B OD1 1 
ATOM   840  N ND2 . ASN B 1 6   ? 6.214   6.428   13.065  1.00 33.24 ? 47  ASN B ND2 1 
ATOM   841  N N   . VAL B 1 7   ? 2.974   7.636   9.656   1.00 30.52 ? 48  VAL B N   1 
ATOM   842  C CA  . VAL B 1 7   ? 2.701   8.336   8.403   1.00 28.17 ? 48  VAL B CA  1 
ATOM   843  C C   . VAL B 1 7   ? 3.524   9.598   8.190   1.00 26.37 ? 48  VAL B C   1 
ATOM   844  O O   . VAL B 1 7   ? 3.371   10.588  8.906   1.00 27.14 ? 48  VAL B O   1 
ATOM   845  C CB  . VAL B 1 7   ? 1.208   8.699   8.308   1.00 28.43 ? 48  VAL B CB  1 
ATOM   846  C CG1 . VAL B 1 7   ? 0.925   9.416   7.000   1.00 28.64 ? 48  VAL B CG1 1 
ATOM   847  C CG2 . VAL B 1 7   ? 0.377   7.445   8.417   1.00 28.12 ? 48  VAL B CG2 1 
ATOM   848  N N   . PRO B 1 8   ? 4.409   9.579   7.183   1.00 24.36 ? 49  PRO B N   1 
ATOM   849  C CA  . PRO B 1 8   ? 5.232   10.758  6.920   1.00 23.59 ? 49  PRO B CA  1 
ATOM   850  C C   . PRO B 1 8   ? 4.365   11.862  6.331   1.00 22.93 ? 49  PRO B C   1 
ATOM   851  O O   . PRO B 1 8   ? 3.391   11.576  5.642   1.00 21.70 ? 49  PRO B O   1 
ATOM   852  C CB  . PRO B 1 8   ? 6.270   10.229  5.931   1.00 22.96 ? 49  PRO B CB  1 
ATOM   853  C CG  . PRO B 1 8   ? 5.482   9.224   5.143   1.00 21.50 ? 49  PRO B CG  1 
ATOM   854  C CD  . PRO B 1 8   ? 4.713   8.497   6.227   1.00 22.51 ? 49  PRO B CD  1 
ATOM   855  N N   . TYR B 1 9   ? 4.716   13.112  6.622   1.00 22.59 ? 50  TYR B N   1 
ATOM   856  C CA  . TYR B 1 9   ? 3.977   14.264  6.105   1.00 23.01 ? 50  TYR B CA  1 
ATOM   857  C C   . TYR B 1 9   ? 4.969   15.355  5.717   1.00 24.10 ? 50  TYR B C   1 
ATOM   858  O O   . TYR B 1 9   ? 6.131   15.341  6.152   1.00 23.92 ? 50  TYR B O   1 
ATOM   859  C CB  . TYR B 1 9   ? 2.986   14.802  7.149   1.00 19.64 ? 50  TYR B CB  1 
ATOM   860  C CG  . TYR B 1 9   ? 3.637   15.442  8.363   1.00 18.78 ? 50  TYR B CG  1 
ATOM   861  C CD1 . TYR B 1 9   ? 4.058   16.778  8.344   1.00 17.09 ? 50  TYR B CD1 1 
ATOM   862  C CD2 . TYR B 1 9   ? 3.866   14.702  9.510   1.00 16.75 ? 50  TYR B CD2 1 
ATOM   863  C CE1 . TYR B 1 9   ? 4.690   17.344  9.435   1.00 13.91 ? 50  TYR B CE1 1 
ATOM   864  C CE2 . TYR B 1 9   ? 4.495   15.255  10.598  1.00 16.57 ? 50  TYR B CE2 1 
ATOM   865  C CZ  . TYR B 1 9   ? 4.904   16.575  10.566  1.00 15.95 ? 50  TYR B CZ  1 
ATOM   866  O OH  . TYR B 1 9   ? 5.505   17.107  11.688  1.00 17.14 ? 50  TYR B OH  1 
ATOM   867  N N   . THR B 1 10  ? 4.510   16.283  4.884   1.00 25.57 ? 51  THR B N   1 
ATOM   868  C CA  . THR B 1 10  ? 5.347   17.381  4.414   1.00 26.48 ? 51  THR B CA  1 
ATOM   869  C C   . THR B 1 10  ? 4.560   18.675  4.448   1.00 27.36 ? 51  THR B C   1 
ATOM   870  O O   . THR B 1 10  ? 3.346   18.676  4.233   1.00 27.54 ? 51  THR B O   1 
ATOM   871  C CB  . THR B 1 10  ? 5.794   17.153  2.973   1.00 27.54 ? 51  THR B CB  1 
ATOM   872  O OG1 . THR B 1 10  ? 4.633   16.978  2.150   1.00 29.20 ? 51  THR B OG1 1 
ATOM   873  C CG2 . THR B 1 10  ? 6.669   15.918  2.880   1.00 25.10 ? 51  THR B CG2 1 
ATOM   874  N N   . ILE B 1 11  ? 5.248   19.778  4.705   1.00 26.40 ? 52  ILE B N   1 
ATOM   875  C CA  . ILE B 1 11  ? 4.564   21.056  4.760   1.00 26.62 ? 52  ILE B CA  1 
ATOM   876  C C   . ILE B 1 11  ? 5.207   22.100  3.867   1.00 26.37 ? 52  ILE B C   1 
ATOM   877  O O   . ILE B 1 11  ? 6.429   22.301  3.880   1.00 26.49 ? 52  ILE B O   1 
ATOM   878  C CB  . ILE B 1 11  ? 4.515   21.619  6.195   1.00 26.29 ? 52  ILE B CB  1 
ATOM   879  C CG1 . ILE B 1 11  ? 3.731   20.676  7.101   1.00 27.00 ? 52  ILE B CG1 1 
ATOM   880  C CG2 . ILE B 1 11  ? 3.829   22.978  6.198   1.00 24.42 ? 52  ILE B CG2 1 
ATOM   881  C CD1 . ILE B 1 11  ? 3.658   21.133  8.517   1.00 27.71 ? 52  ILE B CD1 1 
ATOM   882  N N   . ALA B 1 12  ? 4.366   22.775  3.100   1.00 25.72 ? 53  ALA B N   1 
ATOM   883  C CA  . ALA B 1 12  ? 4.841   23.814  2.212   1.00 25.58 ? 53  ALA B CA  1 
ATOM   884  C C   . ALA B 1 12  ? 3.942   25.029  2.388   1.00 25.88 ? 53  ALA B C   1 
ATOM   885  O O   . ALA B 1 12  ? 2.723   24.911  2.337   1.00 26.88 ? 53  ALA B O   1 
ATOM   886  C CB  . ALA B 1 12  ? 4.787   23.324  0.781   1.00 23.15 ? 53  ALA B CB  1 
ATOM   887  N N   . VAL B 1 13  ? 4.545   26.185  2.641   1.00 26.80 ? 54  VAL B N   1 
ATOM   888  C CA  . VAL B 1 13  ? 3.806   27.443  2.769   1.00 28.88 ? 54  VAL B CA  1 
ATOM   889  C C   . VAL B 1 13  ? 4.524   28.457  1.880   1.00 30.17 ? 54  VAL B C   1 
ATOM   890  O O   . VAL B 1 13  ? 5.593   28.981  2.224   1.00 30.31 ? 54  VAL B O   1 
ATOM   891  C CB  . VAL B 1 13  ? 3.758   27.962  4.229   1.00 28.14 ? 54  VAL B CB  1 
ATOM   892  C CG1 . VAL B 1 13  ? 2.842   27.101  5.053   1.00 27.26 ? 54  VAL B CG1 1 
ATOM   893  C CG2 . VAL B 1 13  ? 5.148   27.955  4.840   1.00 31.88 ? 54  VAL B CG2 1 
ATOM   894  N N   . ASP B 1 14  ? 3.924   28.732  0.726   1.00 31.21 ? 55  ASP B N   1 
ATOM   895  C CA  . ASP B 1 14  ? 4.527   29.638  -0.240  1.00 32.60 ? 55  ASP B CA  1 
ATOM   896  C C   . ASP B 1 14  ? 5.862   29.019  -0.634  1.00 33.07 ? 55  ASP B C   1 
ATOM   897  O O   . ASP B 1 14  ? 6.873   29.714  -0.742  1.00 33.91 ? 55  ASP B O   1 
ATOM   898  C CB  . ASP B 1 14  ? 4.771   31.024  0.363   1.00 34.57 ? 55  ASP B CB  1 
ATOM   899  C CG  . ASP B 1 14  ? 3.493   31.715  0.773   1.00 35.50 ? 55  ASP B CG  1 
ATOM   900  O OD1 . ASP B 1 14  ? 2.565   31.792  -0.066  1.00 35.16 ? 55  ASP B OD1 1 
ATOM   901  O OD2 . ASP B 1 14  ? 3.430   32.188  1.933   1.00 35.99 ? 55  ASP B OD2 1 
ATOM   902  N N   . GLY B 1 15  ? 5.854   27.698  -0.816  1.00 33.20 ? 56  GLY B N   1 
ATOM   903  C CA  . GLY B 1 15  ? 7.051   26.981  -1.211  1.00 31.97 ? 56  GLY B CA  1 
ATOM   904  C C   . GLY B 1 15  ? 8.060   26.635  -0.133  1.00 32.43 ? 56  GLY B C   1 
ATOM   905  O O   . GLY B 1 15  ? 9.070   26.010  -0.428  1.00 34.61 ? 56  GLY B O   1 
ATOM   906  N N   . ILE B 1 16  ? 7.814   27.031  1.109   1.00 32.52 ? 57  ILE B N   1 
ATOM   907  C CA  . ILE B 1 16  ? 8.761   26.715  2.171   1.00 30.58 ? 57  ILE B CA  1 
ATOM   908  C C   . ILE B 1 16  ? 8.454   25.333  2.716   1.00 29.93 ? 57  ILE B C   1 
ATOM   909  O O   . ILE B 1 16  ? 7.467   25.129  3.430   1.00 28.04 ? 57  ILE B O   1 
ATOM   910  C CB  . ILE B 1 16  ? 8.697   27.756  3.293   1.00 31.63 ? 57  ILE B CB  1 
ATOM   911  N N   . MET B 1 17  ? 9.307   24.384  2.346   1.00 30.29 ? 58  MET B N   1 
ATOM   912  C CA  . MET B 1 17  ? 9.180   23.000  2.773   1.00 31.21 ? 58  MET B CA  1 
ATOM   913  C C   . MET B 1 17  ? 9.832   22.787  4.138   1.00 30.14 ? 58  MET B C   1 
ATOM   914  O O   . MET B 1 17  ? 10.658  23.583  4.570   1.00 30.84 ? 58  MET B O   1 
ATOM   915  C CB  . MET B 1 17  ? 9.832   22.084  1.739   1.00 32.65 ? 58  MET B CB  1 
ATOM   916  C CG  . MET B 1 17  ? 9.000   21.863  0.484   1.00 36.88 ? 58  MET B CG  1 
ATOM   917  S SD  . MET B 1 17  ? 7.504   20.914  0.853   1.00 41.86 ? 58  MET B SD  1 
ATOM   918  C CE  . MET B 1 17  ? 8.218   19.488  1.782   1.00 38.02 ? 58  MET B CE  1 
ATOM   919  N N   . ALA B 1 18  ? 9.454   21.715  4.821   1.00 30.64 ? 59  ALA B N   1 
ATOM   920  C CA  . ALA B 1 18  ? 10.024  21.413  6.131   1.00 31.55 ? 59  ALA B CA  1 
ATOM   921  C C   . ALA B 1 18  ? 11.483  21.022  5.935   1.00 32.61 ? 59  ALA B C   1 
ATOM   922  O O   . ALA B 1 18  ? 11.809  20.292  4.995   1.00 36.06 ? 59  ALA B O   1 
ATOM   923  C CB  . ALA B 1 18  ? 9.254   20.269  6.787   1.00 30.05 ? 59  ALA B CB  1 
ATOM   924  N N   . PHE B 1 19  ? 12.354  21.502  6.818   1.00 31.82 ? 60  PHE B N   1 
ATOM   925  C CA  . PHE B 1 19  ? 13.777  21.212  6.724   1.00 31.03 ? 60  PHE B CA  1 
ATOM   926  C C   . PHE B 1 19  ? 14.108  19.786  7.118   1.00 32.97 ? 60  PHE B C   1 
ATOM   927  O O   . PHE B 1 19  ? 14.930  19.145  6.467   1.00 32.22 ? 60  PHE B O   1 
ATOM   928  C CB  . PHE B 1 19  ? 14.583  22.170  7.594   1.00 28.53 ? 60  PHE B CB  1 
ATOM   929  C CG  . PHE B 1 19  ? 16.077  22.002  7.458   1.00 25.27 ? 60  PHE B CG  1 
ATOM   930  C CD1 . PHE B 1 19  ? 16.731  22.354  6.277   1.00 22.76 ? 60  PHE B CD1 1 
ATOM   931  C CD2 . PHE B 1 19  ? 16.824  21.479  8.507   1.00 23.29 ? 60  PHE B CD2 1 
ATOM   932  C CE1 . PHE B 1 19  ? 18.104  22.192  6.143   1.00 20.34 ? 60  PHE B CE1 1 
ATOM   933  C CE2 . PHE B 1 19  ? 18.192  21.308  8.386   1.00 21.64 ? 60  PHE B CE2 1 
ATOM   934  C CZ  . PHE B 1 19  ? 18.837  21.668  7.203   1.00 20.14 ? 60  PHE B CZ  1 
ATOM   935  N N   . ASN B 1 20  ? 13.472  19.300  8.184   1.00 34.49 ? 61  ASN B N   1 
ATOM   936  C CA  . ASN B 1 20  ? 13.686  17.932  8.665   1.00 36.62 ? 61  ASN B CA  1 
ATOM   937  C C   . ASN B 1 20  ? 12.401  17.120  8.450   1.00 36.41 ? 61  ASN B C   1 
ATOM   938  O O   . ASN B 1 20  ? 11.307  17.634  8.666   1.00 37.46 ? 61  ASN B O   1 
ATOM   939  C CB  . ASN B 1 20  ? 14.045  17.948  10.153  1.00 39.33 ? 61  ASN B CB  1 
ATOM   940  C CG  . ASN B 1 20  ? 15.279  18.801  10.456  1.00 42.86 ? 61  ASN B CG  1 
ATOM   941  O OD1 . ASN B 1 20  ? 16.420  18.388  10.200  1.00 42.06 ? 61  ASN B OD1 1 
ATOM   942  N ND2 . ASN B 1 20  ? 15.051  20.001  10.998  1.00 43.00 ? 61  ASN B ND2 1 
ATOM   943  N N   . GLN B 1 21  ? 12.532  15.861  8.036   1.00 34.80 ? 62  GLN B N   1 
ATOM   944  C CA  . GLN B 1 21  ? 11.368  15.009  7.783   1.00 31.97 ? 62  GLN B CA  1 
ATOM   945  C C   . GLN B 1 21  ? 10.699  14.513  9.064   1.00 30.60 ? 62  GLN B C   1 
ATOM   946  O O   . GLN B 1 21  ? 11.315  13.827  9.879   1.00 31.30 ? 62  GLN B O   1 
ATOM   947  C CB  . GLN B 1 21  ? 11.785  13.818  6.911   1.00 32.00 ? 62  GLN B CB  1 
ATOM   948  C CG  . GLN B 1 21  ? 10.685  12.776  6.622   1.00 32.63 ? 62  GLN B CG  1 
ATOM   949  C CD  . GLN B 1 21  ? 9.501   13.320  5.818   1.00 34.22 ? 62  GLN B CD  1 
ATOM   950  O OE1 . GLN B 1 21  ? 8.494   13.751  6.384   1.00 33.56 ? 62  GLN B OE1 1 
ATOM   951  N NE2 . GLN B 1 21  ? 9.622   13.303  4.498   1.00 29.82 ? 62  GLN B NE2 1 
ATOM   952  N N   . SER B 1 22  ? 9.428   14.868  9.236   1.00 29.18 ? 63  SER B N   1 
ATOM   953  C CA  . SER B 1 22  ? 8.673   14.462  10.412  1.00 27.49 ? 63  SER B CA  1 
ATOM   954  C C   . SER B 1 22  ? 7.549   13.492  10.090  1.00 26.93 ? 63  SER B C   1 
ATOM   955  O O   . SER B 1 22  ? 7.206   13.278  8.936   1.00 25.09 ? 63  SER B O   1 
ATOM   956  C CB  . SER B 1 22  ? 8.093   15.679  11.139  1.00 27.98 ? 63  SER B CB  1 
ATOM   957  O OG  . SER B 1 22  ? 9.082   16.355  11.900  1.00 32.25 ? 63  SER B OG  1 
ATOM   958  N N   . TYR B 1 23  ? 6.991   12.908  11.143  1.00 27.61 ? 64  TYR B N   1 
ATOM   959  C CA  . TYR B 1 23  ? 5.905   11.941  11.024  1.00 29.42 ? 64  TYR B CA  1 
ATOM   960  C C   . TYR B 1 23  ? 4.787   12.248  12.003  1.00 30.08 ? 64  TYR B C   1 
ATOM   961  O O   . TYR B 1 23  ? 4.993   12.970  12.977  1.00 31.45 ? 64  TYR B O   1 
ATOM   962  C CB  . TYR B 1 23  ? 6.418   10.526  11.315  1.00 29.38 ? 64  TYR B CB  1 
ATOM   963  C CG  . TYR B 1 23  ? 7.483   10.060  10.353  1.00 30.15 ? 64  TYR B CG  1 
ATOM   964  C CD1 . TYR B 1 23  ? 8.775   10.600  10.388  1.00 29.24 ? 64  TYR B CD1 1 
ATOM   965  C CD2 . TYR B 1 23  ? 7.192   9.102   9.381   1.00 29.02 ? 64  TYR B CD2 1 
ATOM   966  C CE1 . TYR B 1 23  ? 9.733   10.206  9.482   1.00 26.83 ? 64  TYR B CE1 1 
ATOM   967  C CE2 . TYR B 1 23  ? 8.149   8.698   8.471   1.00 28.14 ? 64  TYR B CE2 1 
ATOM   968  C CZ  . TYR B 1 23  ? 9.416   9.254   8.527   1.00 28.10 ? 64  TYR B CZ  1 
ATOM   969  O OH  . TYR B 1 23  ? 10.364  8.856   7.624   1.00 28.35 ? 64  TYR B OH  1 
ATOM   970  N N   . LEU B 1 24  ? 3.607   11.696  11.738  1.00 31.44 ? 65  LEU B N   1 
ATOM   971  C CA  . LEU B 1 24  ? 2.460   11.868  12.629  1.00 32.54 ? 65  LEU B CA  1 
ATOM   972  C C   . LEU B 1 24  ? 1.924   10.452  12.785  1.00 32.25 ? 65  LEU B C   1 
ATOM   973  O O   . LEU B 1 24  ? 1.695   9.767   11.791  1.00 32.90 ? 65  LEU B O   1 
ATOM   974  C CB  . LEU B 1 24  ? 1.413   12.799  12.003  1.00 32.94 ? 65  LEU B CB  1 
ATOM   975  C CG  . LEU B 1 24  ? 0.597   12.291  10.815  1.00 34.93 ? 65  LEU B CG  1 
ATOM   976  C CD1 . LEU B 1 24  ? -0.653  11.593  11.327  1.00 36.37 ? 65  LEU B CD1 1 
ATOM   977  C CD2 . LEU B 1 24  ? 0.196   13.451  9.928   1.00 34.32 ? 65  LEU B CD2 1 
ATOM   978  N N   . ASN B 1 25  ? 1.755   9.996   14.022  1.00 31.98 ? 66  ASN B N   1 
ATOM   979  C CA  . ASN B 1 25  ? 1.296   8.631   14.255  1.00 31.24 ? 66  ASN B CA  1 
ATOM   980  C C   . ASN B 1 25  ? -0.193  8.467   14.512  1.00 31.39 ? 66  ASN B C   1 
ATOM   981  O O   . ASN B 1 25  ? -0.775  9.166   15.339  1.00 31.66 ? 66  ASN B O   1 
ATOM   982  C CB  . ASN B 1 25  ? 2.091   8.020   15.405  1.00 30.69 ? 66  ASN B CB  1 
ATOM   983  C CG  . ASN B 1 25  ? 3.534   7.770   15.033  1.00 32.65 ? 66  ASN B CG  1 
ATOM   984  O OD1 . ASN B 1 25  ? 4.397   7.663   15.900  1.00 34.26 ? 66  ASN B OD1 1 
ATOM   985  N ND2 . ASN B 1 25  ? 3.807   7.669   13.735  1.00 33.73 ? 66  ASN B ND2 1 
ATOM   986  N N   . LEU B 1 26  ? -0.793  7.524   13.792  1.00 31.87 ? 67  LEU B N   1 
ATOM   987  C CA  . LEU B 1 26  ? -2.212  7.215   13.907  1.00 30.73 ? 67  LEU B CA  1 
ATOM   988  C C   . LEU B 1 26  ? -2.391  5.777   14.376  1.00 31.67 ? 67  LEU B C   1 
ATOM   989  O O   . LEU B 1 26  ? -1.537  4.929   14.144  1.00 31.39 ? 67  LEU B O   1 
ATOM   990  C CB  . LEU B 1 26  ? -2.882  7.371   12.552  1.00 29.42 ? 67  LEU B CB  1 
ATOM   991  C CG  . LEU B 1 26  ? -2.775  8.742   11.896  1.00 27.21 ? 67  LEU B CG  1 
ATOM   992  C CD1 . LEU B 1 26  ? -3.290  8.628   10.468  1.00 23.76 ? 67  LEU B CD1 1 
ATOM   993  C CD2 . LEU B 1 26  ? -3.565  9.773   12.697  1.00 24.32 ? 67  LEU B CD2 1 
ATOM   994  N N   . PRO B 1 27  ? -3.521  5.480   15.025  1.00 33.04 ? 68  PRO B N   1 
ATOM   995  C CA  . PRO B 1 27  ? -3.794  4.127   15.522  1.00 33.40 ? 68  PRO B CA  1 
ATOM   996  C C   . PRO B 1 27  ? -4.047  3.128   14.399  1.00 32.99 ? 68  PRO B C   1 
ATOM   997  O O   . PRO B 1 27  ? -4.720  3.438   13.429  1.00 32.04 ? 68  PRO B O   1 
ATOM   998  C CB  . PRO B 1 27  ? -5.024  4.333   16.406  1.00 34.37 ? 68  PRO B CB  1 
ATOM   999  C CG  . PRO B 1 27  ? -5.762  5.413   15.688  1.00 34.91 ? 68  PRO B CG  1 
ATOM   1000 C CD  . PRO B 1 27  ? -4.643  6.386   15.324  1.00 34.86 ? 68  PRO B CD  1 
ATOM   1001 N N   . LYS B 1 28  ? -3.507  1.926   14.535  1.00 33.87 ? 69  LYS B N   1 
ATOM   1002 C CA  . LYS B 1 28  ? -3.698  0.905   13.509  1.00 35.49 ? 69  LYS B CA  1 
ATOM   1003 C C   . LYS B 1 28  ? -5.052  0.210   13.645  1.00 35.35 ? 69  LYS B C   1 
ATOM   1004 O O   . LYS B 1 28  ? -5.682  0.267   14.704  1.00 34.86 ? 69  LYS B O   1 
ATOM   1005 C CB  . LYS B 1 28  ? -2.563  -0.131  13.575  1.00 34.41 ? 69  LYS B CB  1 
ATOM   1006 N N   . ASP B 1 29  ? -5.482  -0.423  12.554  1.00 36.49 ? 70  ASP B N   1 
ATOM   1007 C CA  . ASP B 1 29  ? -6.736  -1.172  12.462  1.00 34.90 ? 70  ASP B CA  1 
ATOM   1008 C C   . ASP B 1 29  ? -7.975  -0.398  12.876  1.00 36.47 ? 70  ASP B C   1 
ATOM   1009 O O   . ASP B 1 29  ? -8.970  -0.988  13.316  1.00 37.60 ? 70  ASP B O   1 
ATOM   1010 C CB  . ASP B 1 29  ? -6.641  -2.464  13.281  1.00 33.44 ? 70  ASP B CB  1 
ATOM   1011 C CG  . ASP B 1 29  ? -5.495  -3.350  12.828  1.00 32.68 ? 70  ASP B CG  1 
ATOM   1012 O OD1 . ASP B 1 29  ? -5.137  -3.274  11.632  1.00 28.66 ? 70  ASP B OD1 1 
ATOM   1013 O OD2 . ASP B 1 29  ? -4.959  -4.116  13.659  1.00 29.83 ? 70  ASP B OD2 1 
ATOM   1014 N N   . SER B 1 30  ? -7.934  0.918   12.701  1.00 35.62 ? 71  SER B N   1 
ATOM   1015 C CA  . SER B 1 30  ? -9.055  1.750   13.081  1.00 34.74 ? 71  SER B CA  1 
ATOM   1016 C C   . SER B 1 30  ? -9.640  2.545   11.924  1.00 34.03 ? 71  SER B C   1 
ATOM   1017 O O   . SER B 1 30  ? -8.968  2.788   10.914  1.00 31.83 ? 71  SER B O   1 
ATOM   1018 C CB  . SER B 1 30  ? -8.627  2.704   14.200  1.00 36.04 ? 71  SER B CB  1 
ATOM   1019 O OG  . SER B 1 30  ? -7.526  3.500   13.807  1.00 37.61 ? 71  SER B OG  1 
ATOM   1020 N N   . GLN B 1 31  ? -10.907 2.932   12.073  1.00 32.63 ? 72  GLN B N   1 
ATOM   1021 C CA  . GLN B 1 31  ? -11.593 3.733   11.059  1.00 33.16 ? 72  GLN B CA  1 
ATOM   1022 C C   . GLN B 1 31  ? -11.651 5.136   11.669  1.00 31.46 ? 72  GLN B C   1 
ATOM   1023 O O   . GLN B 1 31  ? -12.434 5.391   12.580  1.00 30.69 ? 72  GLN B O   1 
ATOM   1024 C CB  . GLN B 1 31  ? -13.011 3.207   10.808  1.00 35.68 ? 72  GLN B CB  1 
ATOM   1025 C CG  . GLN B 1 31  ? -13.185 1.693   11.004  1.00 41.25 ? 72  GLN B CG  1 
ATOM   1026 C CD  . GLN B 1 31  ? -12.189 0.844   10.223  1.00 42.69 ? 72  GLN B CD  1 
ATOM   1027 O OE1 . GLN B 1 31  ? -11.016 0.752   10.582  1.00 44.47 ? 72  GLN B OE1 1 
ATOM   1028 N NE2 . GLN B 1 31  ? -12.658 0.218   9.147   1.00 44.68 ? 72  GLN B NE2 1 
ATOM   1029 N N   . LEU B 1 32  ? -10.807 6.037   11.175  1.00 29.82 ? 73  LEU B N   1 
ATOM   1030 C CA  . LEU B 1 32  ? -10.740 7.384   11.724  1.00 28.30 ? 73  LEU B CA  1 
ATOM   1031 C C   . LEU B 1 32  ? -11.570 8.426   10.997  1.00 27.00 ? 73  LEU B C   1 
ATOM   1032 O O   . LEU B 1 32  ? -11.871 8.291   9.806   1.00 24.59 ? 73  LEU B O   1 
ATOM   1033 C CB  . LEU B 1 32  ? -9.289  7.863   11.778  1.00 29.17 ? 73  LEU B CB  1 
ATOM   1034 C CG  . LEU B 1 32  ? -8.314  6.971   12.542  1.00 32.15 ? 73  LEU B CG  1 
ATOM   1035 C CD1 . LEU B 1 32  ? -6.973  7.680   12.670  1.00 30.87 ? 73  LEU B CD1 1 
ATOM   1036 C CD2 . LEU B 1 32  ? -8.888  6.642   13.926  1.00 33.44 ? 73  LEU B CD2 1 
ATOM   1037 N N   . SER B 1 33  ? -11.921 9.469   11.744  1.00 26.75 ? 74  SER B N   1 
ATOM   1038 C CA  . SER B 1 33  ? -12.715 10.578  11.240  1.00 27.98 ? 74  SER B CA  1 
ATOM   1039 C C   . SER B 1 33  ? -11.843 11.576  10.505  1.00 27.34 ? 74  SER B C   1 
ATOM   1040 O O   . SER B 1 33  ? -10.818 12.006  11.029  1.00 27.95 ? 74  SER B O   1 
ATOM   1041 C CB  . SER B 1 33  ? -13.402 11.303  12.395  1.00 28.47 ? 74  SER B CB  1 
ATOM   1042 O OG  . SER B 1 33  ? -13.911 12.550  11.966  1.00 28.69 ? 74  SER B OG  1 
ATOM   1043 N N   . TYR B 1 34  ? -12.232 11.943  9.292   1.00 26.47 ? 75  TYR B N   1 
ATOM   1044 C CA  . TYR B 1 34  ? -11.444 12.924  8.568   1.00 25.70 ? 75  TYR B CA  1 
ATOM   1045 C C   . TYR B 1 34  ? -11.361 14.182  9.411   1.00 25.93 ? 75  TYR B C   1 
ATOM   1046 O O   . TYR B 1 34  ? -10.330 14.844  9.452   1.00 26.61 ? 75  TYR B O   1 
ATOM   1047 C CB  . TYR B 1 34  ? -12.073 13.265  7.224   1.00 25.52 ? 75  TYR B CB  1 
ATOM   1048 C CG  . TYR B 1 34  ? -11.794 12.257  6.140   1.00 25.61 ? 75  TYR B CG  1 
ATOM   1049 C CD1 . TYR B 1 34  ? -12.634 11.168  5.947   1.00 24.60 ? 75  TYR B CD1 1 
ATOM   1050 C CD2 . TYR B 1 34  ? -10.680 12.390  5.308   1.00 25.17 ? 75  TYR B CD2 1 
ATOM   1051 C CE1 . TYR B 1 34  ? -12.388 10.229  4.952   1.00 25.83 ? 75  TYR B CE1 1 
ATOM   1052 C CE2 . TYR B 1 34  ? -10.419 11.453  4.296   1.00 27.12 ? 75  TYR B CE2 1 
ATOM   1053 C CZ  . TYR B 1 34  ? -11.280 10.372  4.129   1.00 26.98 ? 75  TYR B CZ  1 
ATOM   1054 O OH  . TYR B 1 34  ? -11.045 9.443   3.144   1.00 27.13 ? 75  TYR B OH  1 
ATOM   1055 N N   . LEU B 1 35  ? -12.455 14.486  10.106  1.00 25.59 ? 76  LEU B N   1 
ATOM   1056 C CA  . LEU B 1 35  ? -12.544 15.675  10.941  1.00 25.55 ? 76  LEU B CA  1 
ATOM   1057 C C   . LEU B 1 35  ? -11.353 15.796  11.881  1.00 26.18 ? 76  LEU B C   1 
ATOM   1058 O O   . LEU B 1 35  ? -10.797 16.882  12.034  1.00 26.53 ? 76  LEU B O   1 
ATOM   1059 C CB  . LEU B 1 35  ? -13.847 15.649  11.736  1.00 25.25 ? 76  LEU B CB  1 
ATOM   1060 C CG  . LEU B 1 35  ? -14.440 17.016  12.086  1.00 26.56 ? 76  LEU B CG  1 
ATOM   1061 C CD1 . LEU B 1 35  ? -14.328 17.963  10.889  1.00 24.64 ? 76  LEU B CD1 1 
ATOM   1062 C CD2 . LEU B 1 35  ? -15.888 16.846  12.500  1.00 23.65 ? 76  LEU B CD2 1 
ATOM   1063 N N   . ASP B 1 36  ? -10.972 14.682  12.507  1.00 26.65 ? 77  ASP B N   1 
ATOM   1064 C CA  . ASP B 1 36  ? -9.838  14.650  13.418  1.00 26.29 ? 77  ASP B CA  1 
ATOM   1065 C C   . ASP B 1 36  ? -8.524  14.786  12.645  1.00 26.20 ? 77  ASP B C   1 
ATOM   1066 O O   . ASP B 1 36  ? -7.571  15.404  13.126  1.00 25.67 ? 77  ASP B O   1 
ATOM   1067 C CB  . ASP B 1 36  ? -9.820  13.339  14.206  1.00 27.55 ? 77  ASP B CB  1 
ATOM   1068 C CG  . ASP B 1 36  ? -10.899 13.275  15.264  1.00 28.49 ? 77  ASP B CG  1 
ATOM   1069 O OD1 . ASP B 1 36  ? -11.106 14.287  15.958  1.00 29.53 ? 77  ASP B OD1 1 
ATOM   1070 O OD2 . ASP B 1 36  ? -11.521 12.203  15.418  1.00 26.42 ? 77  ASP B OD2 1 
ATOM   1071 N N   . LEU B 1 37  ? -8.471  14.196  11.455  1.00 25.55 ? 78  LEU B N   1 
ATOM   1072 C CA  . LEU B 1 37  ? -7.265  14.285  10.647  1.00 25.28 ? 78  LEU B CA  1 
ATOM   1073 C C   . LEU B 1 37  ? -7.026  15.742  10.272  1.00 25.31 ? 78  LEU B C   1 
ATOM   1074 O O   . LEU B 1 37  ? -5.908  16.250  10.384  1.00 26.26 ? 78  LEU B O   1 
ATOM   1075 C CB  . LEU B 1 37  ? -7.402  13.450  9.371   1.00 25.89 ? 78  LEU B CB  1 
ATOM   1076 C CG  . LEU B 1 37  ? -6.167  13.434  8.459   1.00 26.46 ? 78  LEU B CG  1 
ATOM   1077 C CD1 . LEU B 1 37  ? -5.011  12.759  9.184   1.00 24.80 ? 78  LEU B CD1 1 
ATOM   1078 C CD2 . LEU B 1 37  ? -6.477  12.721  7.160   1.00 22.49 ? 78  LEU B CD2 1 
ATOM   1079 N N   . GLY B 1 38  ? -8.084  16.409  9.823   1.00 24.61 ? 79  GLY B N   1 
ATOM   1080 C CA  . GLY B 1 38  ? -7.959  17.800  9.443   1.00 23.43 ? 79  GLY B CA  1 
ATOM   1081 C C   . GLY B 1 38  ? -7.467  18.611  10.621  1.00 23.42 ? 79  GLY B C   1 
ATOM   1082 O O   . GLY B 1 38  ? -6.700  19.554  10.482  1.00 23.81 ? 79  GLY B O   1 
ATOM   1083 N N   . ASN B 1 39  ? -7.894  18.209  11.806  1.00 24.29 ? 80  ASN B N   1 
ATOM   1084 C CA  . ASN B 1 39  ? -7.508  18.891  13.018  1.00 24.24 ? 80  ASN B CA  1 
ATOM   1085 C C   . ASN B 1 39  ? -6.020  18.693  13.287  1.00 25.06 ? 80  ASN B C   1 
ATOM   1086 O O   . ASN B 1 39  ? -5.348  19.632  13.737  1.00 25.86 ? 80  ASN B O   1 
ATOM   1087 C CB  . ASN B 1 39  ? -8.337  18.371  14.186  1.00 25.77 ? 80  ASN B CB  1 
ATOM   1088 C CG  . ASN B 1 39  ? -8.230  19.253  15.391  1.00 27.67 ? 80  ASN B CG  1 
ATOM   1089 O OD1 . ASN B 1 39  ? -8.522  20.440  15.315  1.00 30.02 ? 80  ASN B OD1 1 
ATOM   1090 N ND2 . ASN B 1 39  ? -7.803  18.690  16.507  1.00 27.97 ? 80  ASN B ND2 1 
ATOM   1091 N N   . LYS B 1 40  ? -5.503  17.486  13.032  1.00 24.81 ? 81  LYS B N   1 
ATOM   1092 C CA  . LYS B 1 40  ? -4.076  17.233  13.236  1.00 24.14 ? 81  LYS B CA  1 
ATOM   1093 C C   . LYS B 1 40  ? -3.322  18.103  12.250  1.00 22.11 ? 81  LYS B C   1 
ATOM   1094 O O   . LYS B 1 40  ? -2.356  18.775  12.606  1.00 20.76 ? 81  LYS B O   1 
ATOM   1095 C CB  . LYS B 1 40  ? -3.727  15.764  12.994  1.00 28.06 ? 81  LYS B CB  1 
ATOM   1096 C CG  . LYS B 1 40  ? -3.760  14.892  14.263  1.00 31.36 ? 81  LYS B CG  1 
ATOM   1097 C CD  . LYS B 1 40  ? -4.617  13.630  14.054  1.00 35.11 ? 81  LYS B CD  1 
ATOM   1098 C CE  . LYS B 1 40  ? -4.827  12.843  15.348  1.00 36.17 ? 81  LYS B CE  1 
ATOM   1099 N NZ  . LYS B 1 40  ? -3.561  12.247  15.913  1.00 38.22 ? 81  LYS B NZ  1 
ATOM   1100 N N   . VAL B 1 41  ? -3.783  18.104  11.006  1.00 21.35 ? 82  VAL B N   1 
ATOM   1101 C CA  . VAL B 1 41  ? -3.154  18.930  9.993   1.00 20.52 ? 82  VAL B CA  1 
ATOM   1102 C C   . VAL B 1 41  ? -3.106  20.371  10.460  1.00 21.13 ? 82  VAL B C   1 
ATOM   1103 O O   . VAL B 1 41  ? -2.035  20.978  10.484  1.00 23.39 ? 82  VAL B O   1 
ATOM   1104 C CB  . VAL B 1 41  ? -3.909  18.890  8.680   1.00 21.26 ? 82  VAL B CB  1 
ATOM   1105 C CG1 . VAL B 1 41  ? -3.328  19.911  7.728   1.00 23.77 ? 82  VAL B CG1 1 
ATOM   1106 C CG2 . VAL B 1 41  ? -3.798  17.514  8.077   1.00 23.39 ? 82  VAL B CG2 1 
ATOM   1107 N N   . LYS B 1 42  ? -4.256  20.922  10.842  1.00 21.04 ? 83  LYS B N   1 
ATOM   1108 C CA  . LYS B 1 42  ? -4.291  22.308  11.298  1.00 21.83 ? 83  LYS B CA  1 
ATOM   1109 C C   . LYS B 1 42  ? -3.313  22.572  12.443  1.00 22.07 ? 83  LYS B C   1 
ATOM   1110 O O   . LYS B 1 42  ? -2.719  23.651  12.526  1.00 22.88 ? 83  LYS B O   1 
ATOM   1111 C CB  . LYS B 1 42  ? -5.706  22.686  11.724  1.00 23.09 ? 83  LYS B CB  1 
ATOM   1112 C CG  . LYS B 1 42  ? -6.661  22.915  10.557  1.00 25.33 ? 83  LYS B CG  1 
ATOM   1113 C CD  . LYS B 1 42  ? -8.108  22.985  11.036  1.00 29.34 ? 83  LYS B CD  1 
ATOM   1114 C CE  . LYS B 1 42  ? -9.068  23.365  9.916   1.00 30.18 ? 83  LYS B CE  1 
ATOM   1115 N NZ  . LYS B 1 42  ? -10.485 23.301  10.396  1.00 31.57 ? 83  LYS B NZ  1 
ATOM   1116 N N   . ALA B 1 43  ? -3.144  21.588  13.321  1.00 22.11 ? 84  ALA B N   1 
ATOM   1117 C CA  . ALA B 1 43  ? -2.230  21.735  14.450  1.00 21.73 ? 84  ALA B CA  1 
ATOM   1118 C C   . ALA B 1 43  ? -0.780  21.818  13.977  1.00 22.85 ? 84  ALA B C   1 
ATOM   1119 O O   . ALA B 1 43  ? -0.020  22.678  14.434  1.00 22.64 ? 84  ALA B O   1 
ATOM   1120 C CB  . ALA B 1 43  ? -2.402  20.582  15.406  1.00 19.24 ? 84  ALA B CB  1 
ATOM   1121 N N   . LEU B 1 44  ? -0.400  20.914  13.076  1.00 23.89 ? 85  LEU B N   1 
ATOM   1122 C CA  . LEU B 1 44  ? 0.948   20.895  12.516  1.00 25.58 ? 85  LEU B CA  1 
ATOM   1123 C C   . LEU B 1 44  ? 1.227   22.247  11.883  1.00 26.46 ? 85  LEU B C   1 
ATOM   1124 O O   . LEU B 1 44  ? 2.281   22.837  12.108  1.00 28.99 ? 85  LEU B O   1 
ATOM   1125 C CB  . LEU B 1 44  ? 1.079   19.804  11.454  1.00 25.59 ? 85  LEU B CB  1 
ATOM   1126 C CG  . LEU B 1 44  ? 1.233   18.384  11.996  1.00 27.89 ? 85  LEU B CG  1 
ATOM   1127 C CD1 . LEU B 1 44  ? 1.197   17.384  10.856  1.00 26.52 ? 85  LEU B CD1 1 
ATOM   1128 C CD2 . LEU B 1 44  ? 2.559   18.282  12.749  1.00 28.88 ? 85  LEU B CD2 1 
ATOM   1129 N N   . LEU B 1 45  ? 0.269   22.739  11.100  1.00 26.47 ? 86  LEU B N   1 
ATOM   1130 C CA  . LEU B 1 45  ? 0.414   24.026  10.444  1.00 25.97 ? 86  LEU B CA  1 
ATOM   1131 C C   . LEU B 1 45  ? 0.627   25.093  11.497  1.00 27.27 ? 86  LEU B C   1 
ATOM   1132 O O   . LEU B 1 45  ? 1.421   26.005  11.308  1.00 27.54 ? 86  LEU B O   1 
ATOM   1133 C CB  . LEU B 1 45  ? -0.834  24.354  9.626   1.00 24.74 ? 86  LEU B CB  1 
ATOM   1134 C CG  . LEU B 1 45  ? -0.823  23.912  8.166   1.00 22.38 ? 86  LEU B CG  1 
ATOM   1135 C CD1 . LEU B 1 45  ? -2.216  23.975  7.579   1.00 22.37 ? 86  LEU B CD1 1 
ATOM   1136 C CD2 . LEU B 1 45  ? 0.115   24.803  7.403   1.00 21.48 ? 86  LEU B CD2 1 
ATOM   1137 N N   . TYR B 1 46  ? -0.068  24.969  12.616  1.00 27.71 ? 87  TYR B N   1 
ATOM   1138 C CA  . TYR B 1 46  ? 0.076   25.971  13.657  1.00 30.47 ? 87  TYR B CA  1 
ATOM   1139 C C   . TYR B 1 46  ? 1.343   25.801  14.474  1.00 30.24 ? 87  TYR B C   1 
ATOM   1140 O O   . TYR B 1 46  ? 2.129   26.742  14.595  1.00 29.96 ? 87  TYR B O   1 
ATOM   1141 C CB  . TYR B 1 46  ? -1.129  25.967  14.600  1.00 31.09 ? 87  TYR B CB  1 
ATOM   1142 C CG  . TYR B 1 46  ? -1.046  27.073  15.617  1.00 32.67 ? 87  TYR B CG  1 
ATOM   1143 C CD1 . TYR B 1 46  ? -0.888  26.802  16.973  1.00 33.40 ? 87  TYR B CD1 1 
ATOM   1144 C CD2 . TYR B 1 46  ? -1.099  28.399  15.217  1.00 34.59 ? 87  TYR B CD2 1 
ATOM   1145 C CE1 . TYR B 1 46  ? -0.774  27.831  17.907  1.00 34.82 ? 87  TYR B CE1 1 
ATOM   1146 C CE2 . TYR B 1 46  ? -0.986  29.434  16.134  1.00 36.68 ? 87  TYR B CE2 1 
ATOM   1147 C CZ  . TYR B 1 46  ? -0.826  29.151  17.477  1.00 36.17 ? 87  TYR B CZ  1 
ATOM   1148 O OH  . TYR B 1 46  ? -0.697  30.192  18.369  1.00 34.93 ? 87  TYR B OH  1 
ATOM   1149 N N   . ASP B 1 47  ? 1.534   24.611  15.037  1.00 30.82 ? 88  ASP B N   1 
ATOM   1150 C CA  . ASP B 1 47  ? 2.710   24.330  15.858  1.00 31.94 ? 88  ASP B CA  1 
ATOM   1151 C C   . ASP B 1 47  ? 4.019   24.506  15.103  1.00 31.35 ? 88  ASP B C   1 
ATOM   1152 O O   . ASP B 1 47  ? 5.016   24.939  15.680  1.00 31.04 ? 88  ASP B O   1 
ATOM   1153 C CB  . ASP B 1 47  ? 2.683   22.899  16.405  1.00 32.41 ? 88  ASP B CB  1 
ATOM   1154 C CG  . ASP B 1 47  ? 1.468   22.610  17.248  1.00 34.21 ? 88  ASP B CG  1 
ATOM   1155 O OD1 . ASP B 1 47  ? 1.139   23.426  18.136  1.00 33.50 ? 88  ASP B OD1 1 
ATOM   1156 O OD2 . ASP B 1 47  ? 0.848   21.548  17.027  1.00 37.66 ? 88  ASP B OD2 1 
ATOM   1157 N N   . GLU B 1 48  ? 4.018   24.166  13.816  1.00 31.52 ? 89  GLU B N   1 
ATOM   1158 C CA  . GLU B 1 48  ? 5.234   24.258  13.019  1.00 31.88 ? 89  GLU B CA  1 
ATOM   1159 C C   . GLU B 1 48  ? 5.503   25.546  12.262  1.00 31.59 ? 89  GLU B C   1 
ATOM   1160 O O   . GLU B 1 48  ? 6.632   26.017  12.236  1.00 32.38 ? 89  GLU B O   1 
ATOM   1161 C CB  . GLU B 1 48  ? 5.298   23.082  12.046  1.00 31.58 ? 89  GLU B CB  1 
ATOM   1162 C CG  . GLU B 1 48  ? 5.734   21.800  12.710  1.00 32.51 ? 89  GLU B CG  1 
ATOM   1163 C CD  . GLU B 1 48  ? 5.940   20.685  11.727  1.00 33.32 ? 89  GLU B CD  1 
ATOM   1164 O OE1 . GLU B 1 48  ? 6.461   20.946  10.618  1.00 33.26 ? 89  GLU B OE1 1 
ATOM   1165 O OE2 . GLU B 1 48  ? 5.592   19.540  12.071  1.00 36.38 ? 89  GLU B OE2 1 
ATOM   1166 N N   . ARG B 1 49  ? 4.486   26.126  11.647  1.00 31.20 ? 90  ARG B N   1 
ATOM   1167 C CA  . ARG B 1 49  ? 4.711   27.339  10.887  1.00 32.03 ? 90  ARG B CA  1 
ATOM   1168 C C   . ARG B 1 49  ? 3.983   28.565  11.430  1.00 32.32 ? 90  ARG B C   1 
ATOM   1169 O O   . ARG B 1 49  ? 3.992   29.621  10.801  1.00 34.13 ? 90  ARG B O   1 
ATOM   1170 C CB  . ARG B 1 49  ? 4.302   27.112  9.435   1.00 32.23 ? 90  ARG B CB  1 
ATOM   1171 C CG  . ARG B 1 49  ? 5.058   26.006  8.737   1.00 33.73 ? 90  ARG B CG  1 
ATOM   1172 C CD  . ARG B 1 49  ? 6.544   26.328  8.549   1.00 35.05 ? 90  ARG B CD  1 
ATOM   1173 N NE  . ARG B 1 49  ? 7.247   25.244  7.861   1.00 37.18 ? 90  ARG B NE  1 
ATOM   1174 C CZ  . ARG B 1 49  ? 7.147   24.993  6.562   1.00 36.37 ? 90  ARG B CZ  1 
ATOM   1175 N NH1 . ARG B 1 49  ? 6.382   25.752  5.798   1.00 38.09 ? 90  ARG B NH1 1 
ATOM   1176 N NH2 . ARG B 1 49  ? 7.794   23.967  6.029   1.00 34.94 ? 90  ARG B NH2 1 
ATOM   1177 N N   . GLY B 1 50  ? 3.357   28.431  12.591  1.00 31.26 ? 91  GLY B N   1 
ATOM   1178 C CA  . GLY B 1 50  ? 2.641   29.553  13.158  1.00 29.45 ? 91  GLY B CA  1 
ATOM   1179 C C   . GLY B 1 50  ? 1.510   30.005  12.259  1.00 29.67 ? 91  GLY B C   1 
ATOM   1180 O O   . GLY B 1 50  ? 1.174   31.189  12.212  1.00 30.28 ? 91  GLY B O   1 
ATOM   1181 N N   . VAL B 1 51  ? 0.918   29.067  11.528  1.00 29.77 ? 92  VAL B N   1 
ATOM   1182 C CA  . VAL B 1 51  ? -0.195  29.402  10.641  1.00 29.20 ? 92  VAL B CA  1 
ATOM   1183 C C   . VAL B 1 51  ? -1.500  29.308  11.417  1.00 30.33 ? 92  VAL B C   1 
ATOM   1184 O O   . VAL B 1 51  ? -1.872  28.240  11.912  1.00 30.40 ? 92  VAL B O   1 
ATOM   1185 C CB  . VAL B 1 51  ? -0.274  28.457  9.450   1.00 27.65 ? 92  VAL B CB  1 
ATOM   1186 C CG1 . VAL B 1 51  ? -1.565  28.692  8.702   1.00 25.24 ? 92  VAL B CG1 1 
ATOM   1187 C CG2 . VAL B 1 51  ? 0.926   28.676  8.540   1.00 25.35 ? 92  VAL B CG2 1 
ATOM   1188 N N   . THR B 1 52  ? -2.186  30.436  11.511  1.00 30.47 ? 93  THR B N   1 
ATOM   1189 C CA  . THR B 1 52  ? -3.435  30.526  12.251  1.00 29.45 ? 93  THR B CA  1 
ATOM   1190 C C   . THR B 1 52  ? -4.624  30.199  11.371  1.00 29.40 ? 93  THR B C   1 
ATOM   1191 O O   . THR B 1 52  ? -4.492  30.052  10.153  1.00 29.97 ? 93  THR B O   1 
ATOM   1192 C CB  . THR B 1 52  ? -3.639  31.953  12.806  1.00 29.45 ? 93  THR B CB  1 
ATOM   1193 O OG1 . THR B 1 52  ? -3.676  32.884  11.719  1.00 29.00 ? 93  THR B OG1 1 
ATOM   1194 C CG2 . THR B 1 52  ? -2.502  32.330  13.729  1.00 28.74 ? 93  THR B CG2 1 
ATOM   1195 N N   . PRO B 1 53  ? -5.812  30.083  11.984  1.00 29.24 ? 94  PRO B N   1 
ATOM   1196 C CA  . PRO B 1 53  ? -7.056  29.782  11.269  1.00 29.28 ? 94  PRO B CA  1 
ATOM   1197 C C   . PRO B 1 53  ? -7.417  30.882  10.264  1.00 30.12 ? 94  PRO B C   1 
ATOM   1198 O O   . PRO B 1 53  ? -7.862  30.593  9.148   1.00 30.30 ? 94  PRO B O   1 
ATOM   1199 C CB  . PRO B 1 53  ? -8.084  29.679  12.395  1.00 27.95 ? 94  PRO B CB  1 
ATOM   1200 C CG  . PRO B 1 53  ? -7.279  29.169  13.535  1.00 27.18 ? 94  PRO B CG  1 
ATOM   1201 C CD  . PRO B 1 53  ? -6.026  30.015  13.441  1.00 28.97 ? 94  PRO B CD  1 
ATOM   1202 N N   . GLU B 1 54  ? -7.220  32.137  10.651  1.00 31.58 ? 95  GLU B N   1 
ATOM   1203 C CA  . GLU B 1 54  ? -7.549  33.221  9.743   1.00 35.91 ? 95  GLU B CA  1 
ATOM   1204 C C   . GLU B 1 54  ? -6.647  33.163  8.519   1.00 35.42 ? 95  GLU B C   1 
ATOM   1205 O O   . GLU B 1 54  ? -7.102  33.379  7.400   1.00 36.86 ? 95  GLU B O   1 
ATOM   1206 C CB  . GLU B 1 54  ? -7.414  34.571  10.440  1.00 39.04 ? 95  GLU B CB  1 
ATOM   1207 C CG  . GLU B 1 54  ? -6.232  35.401  9.988   1.00 45.00 ? 95  GLU B CG  1 
ATOM   1208 C CD  . GLU B 1 54  ? -6.525  36.883  10.042  1.00 48.89 ? 95  GLU B CD  1 
ATOM   1209 O OE1 . GLU B 1 54  ? -5.985  37.580  10.934  1.00 51.34 ? 95  GLU B OE1 1 
ATOM   1210 O OE2 . GLU B 1 54  ? -7.309  37.350  9.189   1.00 49.90 ? 95  GLU B OE2 1 
ATOM   1211 N N   . LYS B 1 55  ? -5.369  32.859  8.744   1.00 34.68 ? 96  LYS B N   1 
ATOM   1212 C CA  . LYS B 1 55  ? -4.391  32.756  7.665   1.00 33.76 ? 96  LYS B CA  1 
ATOM   1213 C C   . LYS B 1 55  ? -4.924  31.815  6.609   1.00 32.20 ? 96  LYS B C   1 
ATOM   1214 O O   . LYS B 1 55  ? -4.840  32.090  5.417   1.00 31.53 ? 96  LYS B O   1 
ATOM   1215 C CB  . LYS B 1 55  ? -3.068  32.196  8.182   1.00 34.26 ? 96  LYS B CB  1 
ATOM   1216 C CG  . LYS B 1 55  ? -1.840  32.695  7.423   1.00 36.01 ? 96  LYS B CG  1 
ATOM   1217 C CD  . LYS B 1 55  ? -1.584  34.166  7.724   1.00 36.16 ? 96  LYS B CD  1 
ATOM   1218 C CE  . LYS B 1 55  ? -0.297  34.662  7.099   1.00 37.92 ? 96  LYS B CE  1 
ATOM   1219 N NZ  . LYS B 1 55  ? -0.018  36.104  7.475   1.00 40.14 ? 96  LYS B NZ  1 
ATOM   1220 N N   . ILE B 1 56  ? -5.470  30.694  7.060   1.00 31.46 ? 97  ILE B N   1 
ATOM   1221 C CA  . ILE B 1 56  ? -6.027  29.713  6.148   1.00 30.60 ? 97  ILE B CA  1 
ATOM   1222 C C   . ILE B 1 56  ? -7.274  30.297  5.508   1.00 31.82 ? 97  ILE B C   1 
ATOM   1223 O O   . ILE B 1 56  ? -7.509  30.113  4.312   1.00 31.27 ? 97  ILE B O   1 
ATOM   1224 C CB  . ILE B 1 56  ? -6.404  28.427  6.882   1.00 29.83 ? 97  ILE B CB  1 
ATOM   1225 C CG1 . ILE B 1 56  ? -5.157  27.812  7.516   1.00 30.31 ? 97  ILE B CG1 1 
ATOM   1226 C CG2 . ILE B 1 56  ? -7.061  27.453  5.925   1.00 27.20 ? 97  ILE B CG2 1 
ATOM   1227 C CD1 . ILE B 1 56  ? -5.443  26.536  8.288   1.00 30.84 ? 97  ILE B CD1 1 
ATOM   1228 N N   . ARG B 1 57  ? -8.068  31.002  6.313   1.00 33.27 ? 98  ARG B N   1 
ATOM   1229 C CA  . ARG B 1 57  ? -9.303  31.624  5.828   1.00 33.73 ? 98  ARG B CA  1 
ATOM   1230 C C   . ARG B 1 57  ? -9.024  32.516  4.625   1.00 33.66 ? 98  ARG B C   1 
ATOM   1231 O O   . ARG B 1 57  ? -9.720  32.459  3.613   1.00 32.27 ? 98  ARG B O   1 
ATOM   1232 C CB  . ARG B 1 57  ? -9.950  32.489  6.922   1.00 33.71 ? 98  ARG B CB  1 
ATOM   1233 N N   . ASN B 1 58  ? -7.985  33.329  4.753   1.00 33.46 ? 99  ASN B N   1 
ATOM   1234 C CA  . ASN B 1 58  ? -7.608  34.271  3.720   1.00 34.67 ? 99  ASN B CA  1 
ATOM   1235 C C   . ASN B 1 58  ? -6.604  33.788  2.678   1.00 33.99 ? 99  ASN B C   1 
ATOM   1236 O O   . ASN B 1 58  ? -6.369  34.470  1.686   1.00 34.99 ? 99  ASN B O   1 
ATOM   1237 C CB  . ASN B 1 58  ? -7.079  35.544  4.379   1.00 35.95 ? 99  ASN B CB  1 
ATOM   1238 C CG  . ASN B 1 58  ? -8.070  36.146  5.357   1.00 37.37 ? 99  ASN B CG  1 
ATOM   1239 O OD1 . ASN B 1 58  ? -9.275  36.202  5.091   1.00 38.72 ? 99  ASN B OD1 1 
ATOM   1240 N ND2 . ASN B 1 58  ? -7.565  36.612  6.496   1.00 38.51 ? 99  ASN B ND2 1 
ATOM   1241 N N   . ALA B 1 59  ? -6.012  32.623  2.883   1.00 33.28 ? 100 ALA B N   1 
ATOM   1242 C CA  . ALA B 1 59  ? -5.034  32.110  1.922   1.00 32.96 ? 100 ALA B CA  1 
ATOM   1243 C C   . ALA B 1 59  ? -5.635  31.982  0.516   1.00 30.82 ? 100 ALA B C   1 
ATOM   1244 O O   . ALA B 1 59  ? -6.853  32.029  0.351   1.00 29.72 ? 100 ALA B O   1 
ATOM   1245 C CB  . ALA B 1 59  ? -4.500  30.753  2.391   1.00 31.80 ? 100 ALA B CB  1 
ATOM   1246 N N   . LYS B 1 60  ? -4.779  31.834  -0.490  1.00 29.66 ? 101 LYS B N   1 
ATOM   1247 C CA  . LYS B 1 60  ? -5.257  31.671  -1.857  1.00 30.77 ? 101 LYS B CA  1 
ATOM   1248 C C   . LYS B 1 60  ? -5.828  30.259  -1.937  1.00 31.36 ? 101 LYS B C   1 
ATOM   1249 O O   . LYS B 1 60  ? -6.862  30.022  -2.570  1.00 31.97 ? 101 LYS B O   1 
ATOM   1250 C CB  . LYS B 1 60  ? -4.110  31.831  -2.846  1.00 30.38 ? 101 LYS B CB  1 
ATOM   1251 N N   . SER B 1 61  ? -5.138  29.328  -1.283  1.00 31.37 ? 102 SER B N   1 
ATOM   1252 C CA  . SER B 1 61  ? -5.541  27.928  -1.239  1.00 29.01 ? 102 SER B CA  1 
ATOM   1253 C C   . SER B 1 61  ? -4.892  27.289  -0.021  1.00 27.77 ? 102 SER B C   1 
ATOM   1254 O O   . SER B 1 61  ? -3.774  27.646  0.346   1.00 27.13 ? 102 SER B O   1 
ATOM   1255 C CB  . SER B 1 61  ? -5.091  27.208  -2.506  1.00 27.98 ? 102 SER B CB  1 
ATOM   1256 O OG  . SER B 1 61  ? -3.690  27.298  -2.652  1.00 29.73 ? 102 SER B OG  1 
ATOM   1257 N N   . ALA B 1 62  ? -5.604  26.362  0.607   1.00 27.67 ? 103 ALA B N   1 
ATOM   1258 C CA  . ALA B 1 62  ? -5.117  25.655  1.799   1.00 27.06 ? 103 ALA B CA  1 
ATOM   1259 C C   . ALA B 1 62  ? -5.625  24.230  1.690   1.00 27.11 ? 103 ALA B C   1 
ATOM   1260 O O   . ALA B 1 62  ? -6.821  23.975  1.828   1.00 28.27 ? 103 ALA B O   1 
ATOM   1261 C CB  . ALA B 1 62  ? -5.668  26.299  3.057   1.00 25.18 ? 103 ALA B CB  1 
ATOM   1262 N N   . VAL B 1 63  ? -4.726  23.300  1.411   1.00 27.09 ? 104 VAL B N   1 
ATOM   1263 C CA  . VAL B 1 63  ? -5.124  21.913  1.262   1.00 26.59 ? 104 VAL B CA  1 
ATOM   1264 C C   . VAL B 1 63  ? -4.069  20.953  1.767   1.00 25.33 ? 104 VAL B C   1 
ATOM   1265 O O   . VAL B 1 63  ? -2.950  21.331  2.085   1.00 26.49 ? 104 VAL B O   1 
ATOM   1266 C CB  . VAL B 1 63  ? -5.372  21.556  -0.217  1.00 27.47 ? 104 VAL B CB  1 
ATOM   1267 C CG1 . VAL B 1 63  ? -6.252  22.605  -0.876  1.00 27.33 ? 104 VAL B CG1 1 
ATOM   1268 C CG2 . VAL B 1 63  ? -4.037  21.434  -0.954  1.00 25.83 ? 104 VAL B CG2 1 
ATOM   1269 N N   . TYR B 1 64  ? -4.453  19.696  1.841   1.00 26.13 ? 105 TYR B N   1 
ATOM   1270 C CA  . TYR B 1 64  ? -3.542  18.650  2.239   1.00 27.67 ? 105 TYR B CA  1 
ATOM   1271 C C   . TYR B 1 64  ? -3.983  17.445  1.426   1.00 28.12 ? 105 TYR B C   1 
ATOM   1272 O O   . TYR B 1 64  ? -5.175  17.138  1.347   1.00 27.48 ? 105 TYR B O   1 
ATOM   1273 C CB  . TYR B 1 64  ? -3.600  18.405  3.749   1.00 25.67 ? 105 TYR B CB  1 
ATOM   1274 C CG  . TYR B 1 64  ? -4.798  17.677  4.294   1.00 28.15 ? 105 TYR B CG  1 
ATOM   1275 C CD1 . TYR B 1 64  ? -4.934  16.295  4.148   1.00 27.63 ? 105 TYR B CD1 1 
ATOM   1276 C CD2 . TYR B 1 64  ? -5.751  18.355  5.064   1.00 29.20 ? 105 TYR B CD2 1 
ATOM   1277 C CE1 . TYR B 1 64  ? -5.982  15.608  4.761   1.00 27.65 ? 105 TYR B CE1 1 
ATOM   1278 C CE2 . TYR B 1 64  ? -6.802  17.676  5.678   1.00 28.01 ? 105 TYR B CE2 1 
ATOM   1279 C CZ  . TYR B 1 64  ? -6.909  16.307  5.527   1.00 27.30 ? 105 TYR B CZ  1 
ATOM   1280 O OH  . TYR B 1 64  ? -7.936  15.647  6.166   1.00 27.82 ? 105 TYR B OH  1 
ATOM   1281 N N   . THR B 1 65  ? -3.022  16.810  0.765   1.00 28.39 ? 106 THR B N   1 
ATOM   1282 C CA  . THR B 1 65  ? -3.309  15.667  -0.077  1.00 27.56 ? 106 THR B CA  1 
ATOM   1283 C C   . THR B 1 65  ? -2.916  14.386  0.609   1.00 28.39 ? 106 THR B C   1 
ATOM   1284 O O   . THR B 1 65  ? -1.826  14.281  1.177   1.00 28.33 ? 106 THR B O   1 
ATOM   1285 C CB  . THR B 1 65  ? -2.565  15.764  -1.398  1.00 27.28 ? 106 THR B CB  1 
ATOM   1286 O OG1 . THR B 1 65  ? -3.008  16.924  -2.107  1.00 28.27 ? 106 THR B OG1 1 
ATOM   1287 C CG2 . THR B 1 65  ? -2.819  14.524  -2.245  1.00 28.95 ? 106 THR B CG2 1 
ATOM   1288 N N   . ILE B 1 66  ? -3.821  13.417  0.549   1.00 29.52 ? 107 ILE B N   1 
ATOM   1289 C CA  . ILE B 1 66  ? -3.612  12.124  1.165   1.00 30.31 ? 107 ILE B CA  1 
ATOM   1290 C C   . ILE B 1 66  ? -3.219  11.118  0.109   1.00 31.11 ? 107 ILE B C   1 
ATOM   1291 O O   . ILE B 1 66  ? -3.947  10.930  -0.861  1.00 32.49 ? 107 ILE B O   1 
ATOM   1292 C CB  . ILE B 1 66  ? -4.901  11.603  1.797   1.00 32.13 ? 107 ILE B CB  1 
ATOM   1293 C CG1 . ILE B 1 66  ? -5.399  12.579  2.857   1.00 33.01 ? 107 ILE B CG1 1 
ATOM   1294 C CG2 . ILE B 1 66  ? -4.669  10.221  2.383   1.00 31.99 ? 107 ILE B CG2 1 
ATOM   1295 C CD1 . ILE B 1 66  ? -6.726  12.175  3.473   1.00 32.86 ? 107 ILE B CD1 1 
ATOM   1296 N N   . THR B 1 67  ? -2.071  10.476  0.274   1.00 30.76 ? 108 THR B N   1 
ATOM   1297 C CA  . THR B 1 67  ? -1.686  9.450   -0.678  1.00 30.87 ? 108 THR B CA  1 
ATOM   1298 C C   . THR B 1 67  ? -1.971  8.103   -0.028  1.00 29.68 ? 108 THR B C   1 
ATOM   1299 O O   . THR B 1 67  ? -1.397  7.772   1.006   1.00 31.72 ? 108 THR B O   1 
ATOM   1300 C CB  . THR B 1 67  ? -0.198  9.503   -1.033  1.00 31.93 ? 108 THR B CB  1 
ATOM   1301 O OG1 . THR B 1 67  ? 0.140   10.821  -1.468  1.00 34.49 ? 108 THR B OG1 1 
ATOM   1302 C CG2 . THR B 1 67  ? 0.108   8.516   -2.170  1.00 31.84 ? 108 THR B CG2 1 
ATOM   1303 N N   . TRP B 1 68  ? -2.873  7.336   -0.615  1.00 26.94 ? 109 TRP B N   1 
ATOM   1304 C CA  . TRP B 1 68  ? -3.181  6.037   -0.065  1.00 26.17 ? 109 TRP B CA  1 
ATOM   1305 C C   . TRP B 1 68  ? -2.031  5.120   -0.447  1.00 26.68 ? 109 TRP B C   1 
ATOM   1306 O O   . TRP B 1 68  ? -1.229  5.461   -1.299  1.00 27.34 ? 109 TRP B O   1 
ATOM   1307 C CB  . TRP B 1 68  ? -4.495  5.541   -0.654  1.00 25.58 ? 109 TRP B CB  1 
ATOM   1308 C CG  . TRP B 1 68  ? -5.610  6.513   -0.433  1.00 25.64 ? 109 TRP B CG  1 
ATOM   1309 C CD1 . TRP B 1 68  ? -6.224  7.291   -1.373  1.00 25.38 ? 109 TRP B CD1 1 
ATOM   1310 C CD2 . TRP B 1 68  ? -6.225  6.828   0.816   1.00 24.04 ? 109 TRP B CD2 1 
ATOM   1311 N NE1 . TRP B 1 68  ? -7.182  8.076   -0.780  1.00 24.88 ? 109 TRP B NE1 1 
ATOM   1312 C CE2 . TRP B 1 68  ? -7.196  7.817   0.568   1.00 23.80 ? 109 TRP B CE2 1 
ATOM   1313 C CE3 . TRP B 1 68  ? -6.034  6.385   2.130   1.00 23.53 ? 109 TRP B CE3 1 
ATOM   1314 C CZ2 . TRP B 1 68  ? -7.993  8.353   1.578   1.00 23.76 ? 109 TRP B CZ2 1 
ATOM   1315 C CZ3 . TRP B 1 68  ? -6.821  6.915   3.137   1.00 23.07 ? 109 TRP B CZ3 1 
ATOM   1316 C CH2 . TRP B 1 68  ? -7.784  7.898   2.856   1.00 24.20 ? 109 TRP B CH2 1 
ATOM   1317 N N   . LYS B 1 69  ? -1.951  3.949   0.176   1.00 27.72 ? 110 LYS B N   1 
ATOM   1318 C CA  . LYS B 1 69  ? -0.887  3.004   -0.140  1.00 28.58 ? 110 LYS B CA  1 
ATOM   1319 C C   . LYS B 1 69  ? -0.995  2.441   -1.561  1.00 28.06 ? 110 LYS B C   1 
ATOM   1320 O O   . LYS B 1 69  ? -0.005  1.956   -2.113  1.00 29.66 ? 110 LYS B O   1 
ATOM   1321 C CB  . LYS B 1 69  ? -0.849  1.868   0.896   1.00 26.36 ? 110 LYS B CB  1 
ATOM   1322 C CG  . LYS B 1 69  ? -0.230  2.316   2.227   1.00 26.04 ? 110 LYS B CG  1 
ATOM   1323 C CD  . LYS B 1 69  ? -0.229  1.231   3.308   1.00 23.28 ? 110 LYS B CD  1 
ATOM   1324 C CE  . LYS B 1 69  ? 0.485   1.739   4.562   1.00 20.08 ? 110 LYS B CE  1 
ATOM   1325 N NZ  . LYS B 1 69  ? 0.408   0.799   5.715   1.00 21.67 ? 110 LYS B NZ  1 
ATOM   1326 N N   . ASP B 1 70  ? -2.181  2.520   -2.158  1.00 28.46 ? 111 ASP B N   1 
ATOM   1327 C CA  . ASP B 1 70  ? -2.367  2.021   -3.515  1.00 28.94 ? 111 ASP B CA  1 
ATOM   1328 C C   . ASP B 1 70  ? -1.890  3.067   -4.506  1.00 28.36 ? 111 ASP B C   1 
ATOM   1329 O O   . ASP B 1 70  ? -2.065  2.916   -5.709  1.00 29.23 ? 111 ASP B O   1 
ATOM   1330 C CB  . ASP B 1 70  ? -3.841  1.689   -3.771  1.00 29.09 ? 111 ASP B CB  1 
ATOM   1331 C CG  . ASP B 1 70  ? -4.720  2.920   -3.860  1.00 29.85 ? 111 ASP B CG  1 
ATOM   1332 O OD1 . ASP B 1 70  ? -4.330  3.995   -3.368  1.00 27.93 ? 111 ASP B OD1 1 
ATOM   1333 O OD2 . ASP B 1 70  ? -5.824  2.808   -4.421  1.00 30.19 ? 111 ASP B OD2 1 
ATOM   1334 N N   . GLY B 1 71  ? -1.293  4.135   -3.992  1.00 30.58 ? 112 GLY B N   1 
ATOM   1335 C CA  . GLY B 1 71  ? -0.803  5.189   -4.865  1.00 29.80 ? 112 GLY B CA  1 
ATOM   1336 C C   . GLY B 1 71  ? -1.844  6.242   -5.204  1.00 30.77 ? 112 GLY B C   1 
ATOM   1337 O O   . GLY B 1 71  ? -1.521  7.223   -5.868  1.00 32.28 ? 112 GLY B O   1 
ATOM   1338 N N   . SER B 1 72  ? -3.088  6.041   -4.764  1.00 30.07 ? 113 SER B N   1 
ATOM   1339 C CA  . SER B 1 72  ? -4.173  6.996   -5.019  1.00 29.65 ? 113 SER B CA  1 
ATOM   1340 C C   . SER B 1 72  ? -3.997  8.237   -4.160  1.00 29.14 ? 113 SER B C   1 
ATOM   1341 O O   . SER B 1 72  ? -3.488  8.166   -3.037  1.00 29.98 ? 113 SER B O   1 
ATOM   1342 C CB  . SER B 1 72  ? -5.539  6.402   -4.657  1.00 27.76 ? 113 SER B CB  1 
ATOM   1343 O OG  . SER B 1 72  ? -5.698  5.108   -5.174  1.00 30.00 ? 113 SER B OG  1 
ATOM   1344 N N   . LYS B 1 73  ? -4.446  9.370   -4.683  1.00 29.23 ? 114 LYS B N   1 
ATOM   1345 C CA  . LYS B 1 73  ? -4.376  10.617  -3.946  1.00 29.38 ? 114 LYS B CA  1 
ATOM   1346 C C   . LYS B 1 73  ? -5.793  11.082  -3.643  1.00 29.91 ? 114 LYS B C   1 
ATOM   1347 O O   . LYS B 1 73  ? -6.733  10.746  -4.356  1.00 29.59 ? 114 LYS B O   1 
ATOM   1348 C CB  . LYS B 1 73  ? -3.647  11.695  -4.747  1.00 30.99 ? 114 LYS B CB  1 
ATOM   1349 C CG  . LYS B 1 73  ? -2.167  11.441  -4.971  1.00 31.43 ? 114 LYS B CG  1 
ATOM   1350 C CD  . LYS B 1 73  ? -1.500  12.684  -5.530  1.00 33.94 ? 114 LYS B CD  1 
ATOM   1351 C CE  . LYS B 1 73  ? -0.051  12.424  -5.890  1.00 36.51 ? 114 LYS B CE  1 
ATOM   1352 N NZ  . LYS B 1 73  ? 0.645   11.662  -4.813  1.00 39.12 ? 114 LYS B NZ  1 
ATOM   1353 N N   . LYS B 1 74  ? -5.931  11.851  -2.571  1.00 29.26 ? 115 LYS B N   1 
ATOM   1354 C CA  . LYS B 1 74  ? -7.209  12.379  -2.128  1.00 27.72 ? 115 LYS B CA  1 
ATOM   1355 C C   . LYS B 1 74  ? -6.915  13.759  -1.550  1.00 28.71 ? 115 LYS B C   1 
ATOM   1356 O O   . LYS B 1 74  ? -6.292  13.872  -0.490  1.00 28.86 ? 115 LYS B O   1 
ATOM   1357 C CB  . LYS B 1 74  ? -7.790  11.458  -1.059  1.00 26.59 ? 115 LYS B CB  1 
ATOM   1358 C CG  . LYS B 1 74  ? -8.717  12.122  -0.054  1.00 26.77 ? 115 LYS B CG  1 
ATOM   1359 C CD  . LYS B 1 74  ? -10.083 12.406  -0.621  1.00 26.67 ? 115 LYS B CD  1 
ATOM   1360 C CE  . LYS B 1 74  ? -11.098 12.504  0.509   1.00 27.38 ? 115 LYS B CE  1 
ATOM   1361 N NZ  . LYS B 1 74  ? -12.457 12.789  0.006   1.00 29.32 ? 115 LYS B NZ  1 
ATOM   1362 N N   . GLU B 1 75  ? -7.357  14.798  -2.257  1.00 28.64 ? 116 GLU B N   1 
ATOM   1363 C CA  . GLU B 1 75  ? -7.130  16.179  -1.840  1.00 28.92 ? 116 GLU B CA  1 
ATOM   1364 C C   . GLU B 1 75  ? -8.258  16.697  -0.962  1.00 28.19 ? 116 GLU B C   1 
ATOM   1365 O O   . GLU B 1 75  ? -9.434  16.633  -1.345  1.00 27.55 ? 116 GLU B O   1 
ATOM   1366 C CB  . GLU B 1 75  ? -6.998  17.072  -3.075  1.00 30.69 ? 116 GLU B CB  1 
ATOM   1367 C CG  . GLU B 1 75  ? -6.564  18.505  -2.805  1.00 32.04 ? 116 GLU B CG  1 
ATOM   1368 C CD  . GLU B 1 75  ? -6.269  19.267  -4.088  1.00 33.65 ? 116 GLU B CD  1 
ATOM   1369 O OE1 . GLU B 1 75  ? -5.407  18.812  -4.878  1.00 35.21 ? 116 GLU B OE1 1 
ATOM   1370 O OE2 . GLU B 1 75  ? -6.896  20.319  -4.307  1.00 33.49 ? 116 GLU B OE2 1 
ATOM   1371 N N   . VAL B 1 76  ? -7.892  17.202  0.213   1.00 27.80 ? 117 VAL B N   1 
ATOM   1372 C CA  . VAL B 1 76  ? -8.859  17.751  1.156   1.00 27.36 ? 117 VAL B CA  1 
ATOM   1373 C C   . VAL B 1 76  ? -8.689  19.256  1.191   1.00 27.85 ? 117 VAL B C   1 
ATOM   1374 O O   . VAL B 1 76  ? -7.567  19.760  1.233   1.00 28.87 ? 117 VAL B O   1 
ATOM   1375 C CB  . VAL B 1 76  ? -8.648  17.192  2.571   1.00 26.76 ? 117 VAL B CB  1 
ATOM   1376 C CG1 . VAL B 1 76  ? -9.468  17.966  3.566   1.00 27.61 ? 117 VAL B CG1 1 
ATOM   1377 C CG2 . VAL B 1 76  ? -9.045  15.732  2.611   1.00 26.73 ? 117 VAL B CG2 1 
ATOM   1378 N N   . ASP B 1 77  ? -9.808  19.968  1.174   1.00 29.07 ? 118 ASP B N   1 
ATOM   1379 C CA  . ASP B 1 77  ? -9.797  21.426  1.188   1.00 29.38 ? 118 ASP B CA  1 
ATOM   1380 C C   . ASP B 1 77  ? -9.921  21.949  2.602   1.00 29.19 ? 118 ASP B C   1 
ATOM   1381 O O   . ASP B 1 77  ? -10.922 21.709  3.267   1.00 29.68 ? 118 ASP B O   1 
ATOM   1382 C CB  . ASP B 1 77  ? -10.962 21.954  0.364   1.00 31.02 ? 118 ASP B CB  1 
ATOM   1383 C CG  . ASP B 1 77  ? -10.851 23.426  0.078   1.00 33.62 ? 118 ASP B CG  1 
ATOM   1384 O OD1 . ASP B 1 77  ? -10.152 24.124  0.845   1.00 36.12 ? 118 ASP B OD1 1 
ATOM   1385 O OD2 . ASP B 1 77  ? -11.472 23.884  -0.908  1.00 35.15 ? 118 ASP B OD2 1 
ATOM   1386 N N   . LEU B 1 78  ? -8.900  22.664  3.061   1.00 30.08 ? 119 LEU B N   1 
ATOM   1387 C CA  . LEU B 1 78  ? -8.910  23.224  4.407   1.00 29.74 ? 119 LEU B CA  1 
ATOM   1388 C C   . LEU B 1 78  ? -9.774  24.470  4.505   1.00 30.39 ? 119 LEU B C   1 
ATOM   1389 O O   . LEU B 1 78  ? -10.270 24.797  5.580   1.00 30.19 ? 119 LEU B O   1 
ATOM   1390 C CB  . LEU B 1 78  ? -7.492  23.571  4.865   1.00 28.71 ? 119 LEU B CB  1 
ATOM   1391 C CG  . LEU B 1 78  ? -6.575  22.383  5.150   1.00 28.94 ? 119 LEU B CG  1 
ATOM   1392 C CD1 . LEU B 1 78  ? -5.172  22.879  5.456   1.00 27.63 ? 119 LEU B CD1 1 
ATOM   1393 C CD2 . LEU B 1 78  ? -7.122  21.582  6.308   1.00 27.38 ? 119 LEU B CD2 1 
ATOM   1394 N N   . LYS B 1 79  ? -9.958  25.172  3.392   1.00 31.01 ? 120 LYS B N   1 
ATOM   1395 C CA  . LYS B 1 79  ? -10.773 26.372  3.430   1.00 32.55 ? 120 LYS B CA  1 
ATOM   1396 C C   . LYS B 1 79  ? -12.253 26.046  3.584   1.00 33.90 ? 120 LYS B C   1 
ATOM   1397 O O   . LYS B 1 79  ? -13.054 26.920  3.899   1.00 35.22 ? 120 LYS B O   1 
ATOM   1398 C CB  . LYS B 1 79  ? -10.542 27.216  2.183   1.00 32.12 ? 120 LYS B CB  1 
ATOM   1399 C CG  . LYS B 1 79  ? -9.136  27.781  2.099   1.00 32.27 ? 120 LYS B CG  1 
ATOM   1400 C CD  . LYS B 1 79  ? -9.104  29.106  1.378   1.00 32.22 ? 120 LYS B CD  1 
ATOM   1401 C CE  . LYS B 1 79  ? -9.638  28.993  -0.035  1.00 35.14 ? 120 LYS B CE  1 
ATOM   1402 N NZ  . LYS B 1 79  ? -9.566  30.313  -0.725  1.00 35.89 ? 120 LYS B NZ  1 
ATOM   1403 N N   . LYS B 1 80  ? -12.611 24.781  3.376   1.00 34.93 ? 121 LYS B N   1 
ATOM   1404 C CA  . LYS B 1 80  ? -14.005 24.354  3.502   1.00 34.99 ? 121 LYS B CA  1 
ATOM   1405 C C   . LYS B 1 80  ? -14.182 23.486  4.747   1.00 34.98 ? 121 LYS B C   1 
ATOM   1406 O O   . LYS B 1 80  ? -14.296 22.265  4.666   1.00 34.95 ? 121 LYS B O   1 
ATOM   1407 C CB  . LYS B 1 80  ? -14.439 23.593  2.252   1.00 33.39 ? 121 LYS B CB  1 
ATOM   1408 N N   . ASP B 1 81  ? -14.203 24.146  5.899   1.00 35.19 ? 122 ASP B N   1 
ATOM   1409 C CA  . ASP B 1 81  ? -14.344 23.471  7.179   1.00 36.13 ? 122 ASP B CA  1 
ATOM   1410 C C   . ASP B 1 81  ? -15.779 23.109  7.542   1.00 36.85 ? 122 ASP B C   1 
ATOM   1411 O O   . ASP B 1 81  ? -16.354 23.650  8.489   1.00 36.87 ? 122 ASP B O   1 
ATOM   1412 C CB  . ASP B 1 81  ? -13.765 24.333  8.296   1.00 36.08 ? 122 ASP B CB  1 
ATOM   1413 C CG  . ASP B 1 81  ? -13.571 23.557  9.577   1.00 36.40 ? 122 ASP B CG  1 
ATOM   1414 O OD1 . ASP B 1 81  ? -13.302 24.185  10.615  1.00 39.15 ? 122 ASP B OD1 1 
ATOM   1415 O OD2 . ASP B 1 81  ? -13.677 22.317  9.551   1.00 34.51 ? 122 ASP B OD2 1 
ATOM   1416 N N   . SER B 1 82  ? -16.355 22.187  6.789   1.00 37.18 ? 123 SER B N   1 
ATOM   1417 C CA  . SER B 1 82  ? -17.707 21.749  7.066   1.00 36.22 ? 123 SER B CA  1 
ATOM   1418 C C   . SER B 1 82  ? -17.617 20.461  7.871   1.00 34.91 ? 123 SER B C   1 
ATOM   1419 O O   . SER B 1 82  ? -16.689 19.672  7.686   1.00 36.56 ? 123 SER B O   1 
ATOM   1420 C CB  . SER B 1 82  ? -18.444 21.497  5.756   1.00 35.60 ? 123 SER B CB  1 
ATOM   1421 O OG  . SER B 1 82  ? -19.699 20.908  6.011   1.00 39.29 ? 123 SER B OG  1 
ATOM   1422 N N   . TYR B 1 83  ? -18.561 20.253  8.778   1.00 31.24 ? 124 TYR B N   1 
ATOM   1423 C CA  . TYR B 1 83  ? -18.574 19.042  9.583   1.00 28.74 ? 124 TYR B CA  1 
ATOM   1424 C C   . TYR B 1 83  ? -18.823 17.845  8.669   1.00 28.98 ? 124 TYR B C   1 
ATOM   1425 O O   . TYR B 1 83  ? -19.497 17.961  7.643   1.00 29.71 ? 124 TYR B O   1 
ATOM   1426 C CB  . TYR B 1 83  ? -19.694 19.111  10.621  1.00 25.80 ? 124 TYR B CB  1 
ATOM   1427 C CG  . TYR B 1 83  ? -19.975 17.784  11.287  1.00 22.14 ? 124 TYR B CG  1 
ATOM   1428 C CD1 . TYR B 1 83  ? -19.336 17.428  12.475  1.00 21.10 ? 124 TYR B CD1 1 
ATOM   1429 C CD2 . TYR B 1 83  ? -20.866 16.876  10.713  1.00 20.88 ? 124 TYR B CD2 1 
ATOM   1430 C CE1 . TYR B 1 83  ? -19.577 16.195  13.081  1.00 19.22 ? 124 TYR B CE1 1 
ATOM   1431 C CE2 . TYR B 1 83  ? -21.115 15.651  11.294  1.00 18.34 ? 124 TYR B CE2 1 
ATOM   1432 C CZ  . TYR B 1 83  ? -20.470 15.309  12.480  1.00 20.44 ? 124 TYR B CZ  1 
ATOM   1433 O OH  . TYR B 1 83  ? -20.717 14.080  13.053  1.00 21.36 ? 124 TYR B OH  1 
ATOM   1434 N N   . THR B 1 84  ? -18.271 16.696  9.030   1.00 28.61 ? 125 THR B N   1 
ATOM   1435 C CA  . THR B 1 84  ? -18.472 15.484  8.242   1.00 29.87 ? 125 THR B CA  1 
ATOM   1436 C C   . THR B 1 84  ? -18.440 14.281  9.175   1.00 28.87 ? 125 THR B C   1 
ATOM   1437 O O   . THR B 1 84  ? -17.828 14.321  10.251  1.00 29.24 ? 125 THR B O   1 
ATOM   1438 C CB  . THR B 1 84  ? -17.424 15.354  7.136   1.00 31.45 ? 125 THR B CB  1 
ATOM   1439 O OG1 . THR B 1 84  ? -17.753 14.246  6.289   1.00 35.41 ? 125 THR B OG1 1 
ATOM   1440 C CG2 . THR B 1 84  ? -16.044 15.125  7.733   1.00 30.70 ? 125 THR B CG2 1 
ATOM   1441 N N   . ALA B 1 85  ? -19.089 13.207  8.750   1.00 27.82 ? 126 ALA B N   1 
ATOM   1442 C CA  . ALA B 1 85  ? -19.138 11.988  9.537   1.00 27.13 ? 126 ALA B CA  1 
ATOM   1443 C C   . ALA B 1 85  ? -18.221 10.910  8.945   1.00 27.00 ? 126 ALA B C   1 
ATOM   1444 O O   . ALA B 1 85  ? -17.842 9.963   9.635   1.00 25.54 ? 126 ALA B O   1 
ATOM   1445 C CB  . ALA B 1 85  ? -20.574 11.490  9.596   1.00 24.73 ? 126 ALA B CB  1 
ATOM   1446 N N   . ASN B 1 86  ? -17.856 11.082  7.673   1.00 27.87 ? 127 ASN B N   1 
ATOM   1447 C CA  . ASN B 1 86  ? -17.008 10.135  6.938   1.00 28.66 ? 127 ASN B CA  1 
ATOM   1448 C C   . ASN B 1 86  ? -15.770 9.658   7.667   1.00 27.13 ? 127 ASN B C   1 
ATOM   1449 O O   . ASN B 1 86  ? -15.061 10.452  8.272   1.00 27.09 ? 127 ASN B O   1 
ATOM   1450 C CB  . ASN B 1 86  ? -16.591 10.740  5.596   1.00 31.46 ? 127 ASN B CB  1 
ATOM   1451 C CG  . ASN B 1 86  ? -17.784 11.072  4.710   1.00 36.22 ? 127 ASN B CG  1 
ATOM   1452 O OD1 . ASN B 1 86  ? -18.601 10.199  4.384   1.00 38.38 ? 127 ASN B OD1 1 
ATOM   1453 N ND2 . ASN B 1 86  ? -17.897 12.339  4.318   1.00 39.02 ? 127 ASN B ND2 1 
ATOM   1454 N N   . LEU B 1 87  ? -15.506 8.356   7.590   1.00 26.78 ? 128 LEU B N   1 
ATOM   1455 C CA  . LEU B 1 87  ? -14.340 7.759   8.240   1.00 26.84 ? 128 LEU B CA  1 
ATOM   1456 C C   . LEU B 1 87  ? -13.432 7.141   7.187   1.00 28.29 ? 128 LEU B C   1 
ATOM   1457 O O   . LEU B 1 87  ? -13.883 6.831   6.087   1.00 30.24 ? 128 LEU B O   1 
ATOM   1458 C CB  . LEU B 1 87  ? -14.772 6.665   9.200   1.00 25.77 ? 128 LEU B CB  1 
ATOM   1459 C CG  . LEU B 1 87  ? -15.899 7.034   10.155  1.00 27.42 ? 128 LEU B CG  1 
ATOM   1460 C CD1 . LEU B 1 87  ? -16.379 5.776   10.888  1.00 26.64 ? 128 LEU B CD1 1 
ATOM   1461 C CD2 . LEU B 1 87  ? -15.418 8.102   11.130  1.00 26.88 ? 128 LEU B CD2 1 
ATOM   1462 N N   . PHE B 1 88  ? -12.154 6.963   7.506   1.00 28.21 ? 129 PHE B N   1 
ATOM   1463 C CA  . PHE B 1 88  ? -11.235 6.349   6.544   1.00 28.41 ? 129 PHE B CA  1 
ATOM   1464 C C   . PHE B 1 88  ? -10.445 5.232   7.213   1.00 29.75 ? 129 PHE B C   1 
ATOM   1465 O O   . PHE B 1 88  ? -10.385 5.143   8.448   1.00 29.61 ? 129 PHE B O   1 
ATOM   1466 C CB  . PHE B 1 88  ? -10.272 7.388   5.959   1.00 26.90 ? 129 PHE B CB  1 
ATOM   1467 C CG  . PHE B 1 88  ? -9.434  8.071   6.992   1.00 26.20 ? 129 PHE B CG  1 
ATOM   1468 C CD1 . PHE B 1 88  ? -8.251  7.502   7.429   1.00 25.46 ? 129 PHE B CD1 1 
ATOM   1469 C CD2 . PHE B 1 88  ? -9.837  9.286   7.536   1.00 25.92 ? 129 PHE B CD2 1 
ATOM   1470 C CE1 . PHE B 1 88  ? -7.486  8.126   8.405   1.00 28.04 ? 129 PHE B CE1 1 
ATOM   1471 C CE2 . PHE B 1 88  ? -9.078  9.915   8.513   1.00 26.08 ? 129 PHE B CE2 1 
ATOM   1472 C CZ  . PHE B 1 88  ? -7.902  9.344   8.944   1.00 27.19 ? 129 PHE B CZ  1 
ATOM   1473 N N   . ASP B 1 89  ? -9.856  4.379   6.385   1.00 29.44 ? 130 ASP B N   1 
ATOM   1474 C CA  . ASP B 1 89  ? -9.072  3.257   6.860   1.00 30.71 ? 130 ASP B CA  1 
ATOM   1475 C C   . ASP B 1 89  ? -7.682  3.710   7.274   1.00 29.47 ? 130 ASP B C   1 
ATOM   1476 O O   . ASP B 1 89  ? -6.833  4.016   6.440   1.00 30.44 ? 130 ASP B O   1 
ATOM   1477 C CB  . ASP B 1 89  ? -8.962  2.204   5.758   1.00 35.79 ? 130 ASP B CB  1 
ATOM   1478 C CG  . ASP B 1 89  ? -9.832  0.992   6.022   1.00 40.95 ? 130 ASP B CG  1 
ATOM   1479 O OD1 . ASP B 1 89  ? -9.563  0.279   7.017   1.00 45.68 ? 130 ASP B OD1 1 
ATOM   1480 O OD2 . ASP B 1 89  ? -10.786 0.750   5.243   1.00 44.15 ? 130 ASP B OD2 1 
ATOM   1481 N N   . SER B 1 90  ? -7.451  3.744   8.573   1.00 27.74 ? 131 SER B N   1 
ATOM   1482 C CA  . SER B 1 90  ? -6.164  4.156   9.097   1.00 28.24 ? 131 SER B CA  1 
ATOM   1483 C C   . SER B 1 90  ? -4.952  3.473   8.444   1.00 27.18 ? 131 SER B C   1 
ATOM   1484 O O   . SER B 1 90  ? -3.990  4.135   8.061   1.00 27.38 ? 131 SER B O   1 
ATOM   1485 C CB  . SER B 1 90  ? -6.134  3.887   10.589  1.00 29.39 ? 131 SER B CB  1 
ATOM   1486 O OG  . SER B 1 90  ? -4.847  4.146   11.095  1.00 34.10 ? 131 SER B OG  1 
ATOM   1487 N N   . ASN B 1 91  ? -5.003  2.152   8.326   1.00 25.23 ? 132 ASN B N   1 
ATOM   1488 C CA  . ASN B 1 91  ? -3.897  1.386   7.749   1.00 25.34 ? 132 ASN B CA  1 
ATOM   1489 C C   . ASN B 1 91  ? -3.681  1.738   6.293   1.00 26.26 ? 132 ASN B C   1 
ATOM   1490 O O   . ASN B 1 91  ? -2.689  1.335   5.692   1.00 26.44 ? 132 ASN B O   1 
ATOM   1491 C CB  . ASN B 1 91  ? -4.175  -0.120  7.821   1.00 24.39 ? 132 ASN B CB  1 
ATOM   1492 C CG  . ASN B 1 91  ? -4.348  -0.630  9.250   1.00 23.85 ? 132 ASN B CG  1 
ATOM   1493 O OD1 . ASN B 1 91  ? -4.981  -1.667  9.473   1.00 23.45 ? 132 ASN B OD1 1 
ATOM   1494 N ND2 . ASN B 1 91  ? -3.779  0.082   10.219  1.00 22.28 ? 132 ASN B ND2 1 
ATOM   1495 N N   . SER B 1 92  ? -4.599  2.504   5.729   1.00 27.74 ? 133 SER B N   1 
ATOM   1496 C CA  . SER B 1 92  ? -4.516  2.849   4.323   1.00 28.43 ? 133 SER B CA  1 
ATOM   1497 C C   . SER B 1 92  ? -3.674  4.046   3.899   1.00 29.42 ? 133 SER B C   1 
ATOM   1498 O O   . SER B 1 92  ? -3.366  4.175   2.710   1.00 29.55 ? 133 SER B O   1 
ATOM   1499 C CB  . SER B 1 92  ? -5.917  3.030   3.762   1.00 29.26 ? 133 SER B CB  1 
ATOM   1500 O OG  . SER B 1 92  ? -5.858  3.261   2.367   1.00 31.66 ? 133 SER B OG  1 
ATOM   1501 N N   . ILE B 1 93  ? -3.295  4.927   4.820   1.00 29.02 ? 134 ILE B N   1 
ATOM   1502 C CA  . ILE B 1 93  ? -2.519  6.076   4.373   1.00 30.98 ? 134 ILE B CA  1 
ATOM   1503 C C   . ILE B 1 93  ? -1.016  5.870   4.249   1.00 30.57 ? 134 ILE B C   1 
ATOM   1504 O O   . ILE B 1 93  ? -0.360  5.321   5.132   1.00 29.36 ? 134 ILE B O   1 
ATOM   1505 C CB  . ILE B 1 93  ? -2.764  7.340   5.234   1.00 33.01 ? 134 ILE B CB  1 
ATOM   1506 C CG1 . ILE B 1 93  ? -2.498  7.046   6.701   1.00 35.68 ? 134 ILE B CG1 1 
ATOM   1507 C CG2 . ILE B 1 93  ? -4.169  7.837   5.037   1.00 32.16 ? 134 ILE B CG2 1 
ATOM   1508 C CD1 . ILE B 1 93  ? -2.509  8.288   7.538   1.00 37.91 ? 134 ILE B CD1 1 
ATOM   1509 N N   . LYS B 1 94  ? -0.501  6.331   3.114   1.00 30.01 ? 135 LYS B N   1 
ATOM   1510 C CA  . LYS B 1 94  ? 0.913   6.258   2.766   1.00 30.14 ? 135 LYS B CA  1 
ATOM   1511 C C   . LYS B 1 94  ? 1.598   7.513   3.287   1.00 30.62 ? 135 LYS B C   1 
ATOM   1512 O O   . LYS B 1 94  ? 2.524   7.441   4.091   1.00 29.91 ? 135 LYS B O   1 
ATOM   1513 C CB  . LYS B 1 94  ? 1.047   6.204   1.253   1.00 29.90 ? 135 LYS B CB  1 
ATOM   1514 C CG  . LYS B 1 94  ? 2.459   6.133   0.732   1.00 31.21 ? 135 LYS B CG  1 
ATOM   1515 C CD  . LYS B 1 94  ? 2.808   4.714   0.337   1.00 34.04 ? 135 LYS B CD  1 
ATOM   1516 C CE  . LYS B 1 94  ? 3.728   4.708   -0.875  1.00 35.71 ? 135 LYS B CE  1 
ATOM   1517 N NZ  . LYS B 1 94  ? 3.073   5.373   -2.040  1.00 35.88 ? 135 LYS B NZ  1 
ATOM   1518 N N   . GLN B 1 95  ? 1.139   8.664   2.809   1.00 29.64 ? 136 GLN B N   1 
ATOM   1519 C CA  . GLN B 1 95  ? 1.702   9.921   3.250   1.00 30.22 ? 136 GLN B CA  1 
ATOM   1520 C C   . GLN B 1 95  ? 0.725   11.093  3.126   1.00 28.03 ? 136 GLN B C   1 
ATOM   1521 O O   . GLN B 1 95  ? -0.307  11.005  2.460   1.00 27.49 ? 136 GLN B O   1 
ATOM   1522 C CB  . GLN B 1 95  ? 2.989   10.217  2.477   1.00 33.16 ? 136 GLN B CB  1 
ATOM   1523 C CG  . GLN B 1 95  ? 2.849   11.194  1.320   1.00 36.78 ? 136 GLN B CG  1 
ATOM   1524 C CD  . GLN B 1 95  ? 4.202   11.681  0.835   1.00 38.63 ? 136 GLN B CD  1 
ATOM   1525 O OE1 . GLN B 1 95  ? 5.014   12.164  1.624   1.00 37.21 ? 136 GLN B OE1 1 
ATOM   1526 N NE2 . GLN B 1 95  ? 4.448   11.560  -0.469  1.00 40.51 ? 136 GLN B NE2 1 
ATOM   1527 N N   . ILE B 1 96  ? 1.070   12.193  3.774   1.00 25.02 ? 137 ILE B N   1 
ATOM   1528 C CA  . ILE B 1 96  ? 0.240   13.377  3.740   1.00 24.90 ? 137 ILE B CA  1 
ATOM   1529 C C   . ILE B 1 96  ? 1.039   14.593  3.315   1.00 25.19 ? 137 ILE B C   1 
ATOM   1530 O O   . ILE B 1 96  ? 2.089   14.892  3.898   1.00 24.90 ? 137 ILE B O   1 
ATOM   1531 C CB  . ILE B 1 96  ? -0.389  13.644  5.115   1.00 22.47 ? 137 ILE B CB  1 
ATOM   1532 C CG1 . ILE B 1 96  ? -1.343  12.511  5.472   1.00 20.22 ? 137 ILE B CG1 1 
ATOM   1533 C CG2 . ILE B 1 96  ? -1.142  14.949  5.088   1.00 20.51 ? 137 ILE B CG2 1 
ATOM   1534 C CD1 . ILE B 1 96  ? -1.844  12.599  6.890   1.00 22.18 ? 137 ILE B CD1 1 
ATOM   1535 N N   . ASP B 1 97  ? 0.543   15.289  2.296   1.00 25.13 ? 138 ASP B N   1 
ATOM   1536 C CA  . ASP B 1 97  ? 1.212   16.480  1.800   1.00 27.04 ? 138 ASP B CA  1 
ATOM   1537 C C   . ASP B 1 97  ? 0.309   17.670  2.039   1.00 27.19 ? 138 ASP B C   1 
ATOM   1538 O O   . ASP B 1 97  ? -0.754  17.786  1.438   1.00 28.52 ? 138 ASP B O   1 
ATOM   1539 C CB  . ASP B 1 97  ? 1.532   16.333  0.310   1.00 28.84 ? 138 ASP B CB  1 
ATOM   1540 C CG  . ASP B 1 97  ? 2.535   15.209  0.038   1.00 32.79 ? 138 ASP B CG  1 
ATOM   1541 O OD1 . ASP B 1 97  ? 3.621   15.210  0.668   1.00 31.85 ? 138 ASP B OD1 1 
ATOM   1542 O OD2 . ASP B 1 97  ? 2.238   14.323  -0.797  1.00 33.96 ? 138 ASP B OD2 1 
ATOM   1543 N N   . ILE B 1 98  ? 0.723   18.541  2.952   1.00 26.50 ? 139 ILE B N   1 
ATOM   1544 C CA  . ILE B 1 98  ? -0.055  19.720  3.279   1.00 25.67 ? 139 ILE B CA  1 
ATOM   1545 C C   . ILE B 1 98  ? 0.513   20.897  2.501   1.00 26.57 ? 139 ILE B C   1 
ATOM   1546 O O   . ILE B 1 98  ? 1.720   21.106  2.462   1.00 25.59 ? 139 ILE B O   1 
ATOM   1547 C CB  . ILE B 1 98  ? 0.022   20.021  4.781   1.00 25.28 ? 139 ILE B CB  1 
ATOM   1548 C CG1 . ILE B 1 98  ? -0.309  18.759  5.581   1.00 23.73 ? 139 ILE B CG1 1 
ATOM   1549 C CG2 . ILE B 1 98  ? -0.953  21.130  5.135   1.00 25.28 ? 139 ILE B CG2 1 
ATOM   1550 C CD1 . ILE B 1 98  ? -0.003  18.888  7.030   1.00 21.49 ? 139 ILE B CD1 1 
ATOM   1551 N N   . ASN B 1 99  ? -0.365  21.679  1.890   1.00 27.46 ? 140 ASN B N   1 
ATOM   1552 C CA  . ASN B 1 99  ? 0.088   22.809  1.098   1.00 28.32 ? 140 ASN B CA  1 
ATOM   1553 C C   . ASN B 1 99  ? -0.787  24.035  1.227   1.00 28.68 ? 140 ASN B C   1 
ATOM   1554 O O   . ASN B 1 99  ? -1.972  24.017  0.891   1.00 28.28 ? 140 ASN B O   1 
ATOM   1555 C CB  . ASN B 1 99  ? 0.165   22.410  -0.366  1.00 29.16 ? 140 ASN B CB  1 
ATOM   1556 C CG  . ASN B 1 99  ? 0.926   23.407  -1.195  1.00 28.53 ? 140 ASN B CG  1 
ATOM   1557 O OD1 . ASN B 1 99  ? 1.065   23.243  -2.402  1.00 30.04 ? 140 ASN B OD1 1 
ATOM   1558 N ND2 . ASN B 1 99  ? 1.430   24.447  -0.551  1.00 29.27 ? 140 ASN B ND2 1 
ATOM   1559 N N   . VAL B 1 100 ? -0.177  25.111  1.702   1.00 29.81 ? 141 VAL B N   1 
ATOM   1560 C CA  . VAL B 1 100 ? -0.871  26.371  1.891   1.00 30.34 ? 141 VAL B CA  1 
ATOM   1561 C C   . VAL B 1 100 ? -0.219  27.421  1.020   1.00 31.61 ? 141 VAL B C   1 
ATOM   1562 O O   . VAL B 1 100 ? 1.009   27.515  0.975   1.00 32.49 ? 141 VAL B O   1 
ATOM   1563 C CB  . VAL B 1 100 ? -0.797  26.831  3.365   1.00 29.10 ? 141 VAL B CB  1 
ATOM   1564 C CG1 . VAL B 1 100 ? -1.128  28.306  3.471   1.00 28.04 ? 141 VAL B CG1 1 
ATOM   1565 C CG2 . VAL B 1 100 ? -1.762  26.006  4.220   1.00 27.92 ? 141 VAL B CG2 1 
ATOM   1566 N N   . LYS B 1 101 ? -1.040  28.190  0.314   1.00 32.71 ? 142 LYS B N   1 
ATOM   1567 C CA  . LYS B 1 101 ? -0.542  29.258  -0.539  1.00 34.89 ? 142 LYS B CA  1 
ATOM   1568 C C   . LYS B 1 101 ? -1.232  30.569  -0.187  1.00 35.88 ? 142 LYS B C   1 
ATOM   1569 O O   . LYS B 1 101 ? -2.461  30.662  -0.214  1.00 36.89 ? 142 LYS B O   1 
ATOM   1570 C CB  . LYS B 1 101 ? -0.787  28.947  -2.018  1.00 34.85 ? 142 LYS B CB  1 
ATOM   1571 C CG  . LYS B 1 101 ? 0.085   27.839  -2.586  1.00 35.79 ? 142 LYS B CG  1 
ATOM   1572 C CD  . LYS B 1 101 ? 0.087   27.874  -4.112  1.00 34.96 ? 142 LYS B CD  1 
ATOM   1573 C CE  . LYS B 1 101 ? 0.915   26.748  -4.713  1.00 32.06 ? 142 LYS B CE  1 
ATOM   1574 N NZ  . LYS B 1 101 ? 0.288   25.426  -4.460  1.00 30.42 ? 142 LYS B NZ  1 
ATOM   1575 N N   . THR B 1 102 ? -0.433  31.571  0.149   1.00 38.20 ? 143 THR B N   1 
ATOM   1576 C CA  . THR B 1 102 ? -0.954  32.888  0.487   1.00 40.59 ? 143 THR B CA  1 
ATOM   1577 C C   . THR B 1 102 ? -1.064  33.722  -0.783  1.00 42.88 ? 143 THR B C   1 
ATOM   1578 O O   . THR B 1 102 ? -2.133  34.220  -1.126  1.00 43.44 ? 143 THR B O   1 
ATOM   1579 C CB  . THR B 1 102 ? -0.032  33.592  1.469   1.00 40.53 ? 143 THR B CB  1 
ATOM   1580 O OG1 . THR B 1 102 ? -0.042  32.883  2.715   1.00 39.14 ? 143 THR B OG1 1 
ATOM   1581 C CG2 . THR B 1 102 ? -0.492  35.025  1.685   1.00 41.33 ? 143 THR B CG2 1 
ATOM   1582 N N   . LYS B 1 103 ? 0.058   33.870  -1.476  1.00 46.03 ? 144 LYS B N   1 
ATOM   1583 C CA  . LYS B 1 103 ? 0.116   34.622  -2.727  1.00 47.85 ? 144 LYS B CA  1 
ATOM   1584 C C   . LYS B 1 103 ? -0.573  33.824  -3.833  1.00 49.01 ? 144 LYS B C   1 
ATOM   1585 O O   . LYS B 1 103 ? -1.566  34.329  -4.388  1.00 49.72 ? 144 LYS B O   1 
ATOM   1586 C CB  . LYS B 1 103 ? 1.585   34.903  -3.096  1.00 48.99 ? 144 LYS B CB  1 
ATOM   1587 C CG  . LYS B 1 103 ? 1.906   34.919  -4.594  1.00 50.66 ? 144 LYS B CG  1 
ATOM   1588 C CD  . LYS B 1 103 ? 1.211   36.049  -5.332  1.00 51.77 ? 144 LYS B CD  1 
ATOM   1589 C CE  . LYS B 1 103 ? 1.492   35.974  -6.826  1.00 52.68 ? 144 LYS B CE  1 
ATOM   1590 N NZ  . LYS B 1 103 ? 0.813   37.055  -7.606  1.00 53.78 ? 144 LYS B NZ  1 
ATOM   1591 O OXT . LYS B 1 103 ? -0.118  32.702  -4.136  1.00 50.16 ? 144 LYS B OXT 1 
HETATM 1592 O O   . HOH C 2 .   ? 6.652   -14.448 -12.958 1.00 37.86 ? 145 HOH A O   1 
HETATM 1593 O O   . HOH C 2 .   ? -5.560  -8.743  5.307   1.00 32.15 ? 146 HOH A O   1 
HETATM 1594 O O   . HOH C 2 .   ? 18.207  -10.893 12.077  1.00 33.28 ? 147 HOH A O   1 
HETATM 1595 O O   . HOH C 2 .   ? 16.366  -21.918 5.106   1.00 30.30 ? 148 HOH A O   1 
HETATM 1596 O O   . HOH C 2 .   ? 8.634   -13.241 -15.194 1.00 31.21 ? 149 HOH A O   1 
HETATM 1597 O O   . HOH C 2 .   ? -7.069  -11.294 -11.475 1.00 37.17 ? 150 HOH A O   1 
HETATM 1598 O O   . HOH C 2 .   ? 19.819  -25.363 1.671   1.00 31.45 ? 151 HOH A O   1 
HETATM 1599 O O   . HOH C 2 .   ? -7.323  -8.742  -7.484  1.00 40.31 ? 152 HOH A O   1 
HETATM 1600 O O   . HOH C 2 .   ? 4.443   -27.419 -5.428  1.00 33.36 ? 153 HOH A O   1 
HETATM 1601 O O   . HOH C 2 .   ? 18.413  -19.182 3.607   1.00 49.50 ? 154 HOH A O   1 
HETATM 1602 O O   . HOH C 2 .   ? 15.524  -4.474  -13.970 1.00 43.72 ? 155 HOH A O   1 
HETATM 1603 O O   . HOH C 2 .   ? -6.452  -21.987 -20.529 1.00 29.35 ? 156 HOH A O   1 
HETATM 1604 O O   . HOH C 2 .   ? 19.003  -14.523 10.184  1.00 39.07 ? 157 HOH A O   1 
HETATM 1605 O O   . HOH C 2 .   ? -2.369  -12.668 -16.963 1.00 31.99 ? 158 HOH A O   1 
HETATM 1606 O O   . HOH C 2 .   ? 13.553  -9.303  -20.310 1.00 35.42 ? 159 HOH A O   1 
HETATM 1607 O O   . HOH C 2 .   ? 0.264   -28.884 -21.275 1.00 55.45 ? 160 HOH A O   1 
HETATM 1608 O O   . HOH C 2 .   ? -6.538  -13.781 -12.731 1.00 33.18 ? 161 HOH A O   1 
HETATM 1609 O O   . HOH C 2 .   ? -3.646  -25.332 -0.954  1.00 39.53 ? 162 HOH A O   1 
HETATM 1610 O O   . HOH C 2 .   ? -0.146  -32.136 -11.300 1.00 27.81 ? 163 HOH A O   1 
HETATM 1611 O O   . HOH C 2 .   ? 0.302   -22.638 -27.026 1.00 19.41 ? 164 HOH A O   1 
HETATM 1612 O O   . HOH C 2 .   ? -3.814  -12.354 -7.373  1.00 30.03 ? 165 HOH A O   1 
HETATM 1613 O O   . HOH C 2 .   ? 7.018   -28.895 -6.809  1.00 33.00 ? 166 HOH A O   1 
HETATM 1614 O O   . HOH C 2 .   ? 3.315   -20.862 -18.430 1.00 33.54 ? 167 HOH A O   1 
HETATM 1615 O O   . HOH C 2 .   ? -5.797  -16.407 -4.655  1.00 21.32 ? 168 HOH A O   1 
HETATM 1616 O O   . HOH C 2 .   ? 3.888   -0.635  -2.905  1.00 28.76 ? 169 HOH A O   1 
HETATM 1617 O O   . HOH C 2 .   ? 3.033   -17.139 -20.105 1.00 29.18 ? 170 HOH A O   1 
HETATM 1618 O O   . HOH C 2 .   ? -6.696  -11.379 -8.643  1.00 37.36 ? 171 HOH A O   1 
HETATM 1619 O O   . HOH C 2 .   ? -3.398  -6.832  4.687   1.00 20.43 ? 172 HOH A O   1 
HETATM 1620 O O   . HOH C 2 .   ? 15.430  -7.118  -15.449 1.00 42.23 ? 173 HOH A O   1 
HETATM 1621 O O   . HOH C 2 .   ? 13.230  -5.897  -14.552 1.00 35.68 ? 174 HOH A O   1 
HETATM 1622 O O   . HOH C 2 .   ? -1.539  -11.787 -0.960  1.00 36.23 ? 175 HOH A O   1 
HETATM 1623 O O   . HOH C 2 .   ? 4.322   -2.973  -4.749  1.00 18.29 ? 176 HOH A O   1 
HETATM 1624 O O   . HOH C 2 .   ? 20.482  -26.238 4.310   1.00 24.95 ? 177 HOH A O   1 
HETATM 1625 O O   . HOH C 2 .   ? -4.588  -5.662  2.654   1.00 32.59 ? 178 HOH A O   1 
HETATM 1626 O O   . HOH C 2 .   ? -3.598  -27.817 -17.221 1.00 22.80 ? 179 HOH A O   1 
HETATM 1627 O O   . HOH C 2 .   ? 19.933  -12.914 0.545   1.00 29.50 ? 180 HOH A O   1 
HETATM 1628 O O   . HOH C 2 .   ? 19.616  -10.885 -9.523  1.00 37.80 ? 181 HOH A O   1 
HETATM 1629 O O   . HOH C 2 .   ? -5.519  -11.768 4.664   1.00 35.78 ? 182 HOH A O   1 
HETATM 1630 O O   . HOH C 2 .   ? 10.713  -5.333  -13.623 1.00 40.15 ? 183 HOH A O   1 
HETATM 1631 O O   . HOH C 2 .   ? 15.884  -16.194 -4.759  1.00 36.09 ? 184 HOH A O   1 
HETATM 1632 O O   . HOH C 2 .   ? 1.331   -34.855 -11.272 1.00 31.44 ? 185 HOH A O   1 
HETATM 1633 O O   . HOH C 2 .   ? 13.884  -12.197 13.215  1.00 34.65 ? 186 HOH A O   1 
HETATM 1634 O O   . HOH C 2 .   ? 2.334   -13.398 6.821   1.00 42.10 ? 187 HOH A O   1 
HETATM 1635 O O   . HOH D 2 .   ? -7.489  3.387   0.165   1.00 32.86 ? 145 HOH B O   1 
HETATM 1636 O O   . HOH D 2 .   ? 4.334   9.027   -2.201  1.00 40.09 ? 146 HOH B O   1 
HETATM 1637 O O   . HOH D 2 .   ? -3.835  26.241  11.953  1.00 33.24 ? 147 HOH B O   1 
HETATM 1638 O O   . HOH D 2 .   ? -1.368  18.952  -0.670  1.00 10.61 ? 148 HOH B O   1 
HETATM 1639 O O   . HOH D 2 .   ? -11.080 9.570   14.808  1.00 45.53 ? 149 HOH B O   1 
HETATM 1640 O O   . HOH D 2 .   ? -3.220  17.452  -4.590  1.00 23.75 ? 150 HOH B O   1 
HETATM 1641 O O   . HOH D 2 .   ? -2.751  4.232   -8.025  1.00 30.04 ? 151 HOH B O   1 
HETATM 1642 O O   . HOH D 2 .   ? -10.921 32.615  0.157   1.00 35.22 ? 152 HOH B O   1 
HETATM 1643 O O   . HOH D 2 .   ? -17.783 23.906  10.663  1.00 47.58 ? 153 HOH B O   1 
HETATM 1644 O O   . HOH D 2 .   ? -0.638  -0.049  10.606  1.00 38.54 ? 154 HOH B O   1 
HETATM 1645 O O   . HOH D 2 .   ? 2.734   1.210   6.809   1.00 30.18 ? 155 HOH B O   1 
HETATM 1646 O O   . HOH D 2 .   ? 1.361   36.521  9.492   1.00 26.17 ? 156 HOH B O   1 
HETATM 1647 O O   . HOH D 2 .   ? 0.341   12.980  -0.281  1.00 22.88 ? 157 HOH B O   1 
HETATM 1648 O O   . HOH D 2 .   ? 3.538   26.463  -7.177  1.00 47.66 ? 158 HOH B O   1 
HETATM 1649 O O   . HOH D 2 .   ? -13.056 22.754  -2.872  1.00 36.58 ? 159 HOH B O   1 
HETATM 1650 O O   . HOH D 2 .   ? -3.756  15.144  -6.130  1.00 39.59 ? 160 HOH B O   1 
HETATM 1651 O O   . HOH D 2 .   ? -12.728 18.851  0.821   1.00 23.76 ? 161 HOH B O   1 
HETATM 1652 O O   . HOH D 2 .   ? 12.793  10.017  7.486   1.00 28.09 ? 162 HOH B O   1 
HETATM 1653 O O   . HOH D 2 .   ? 3.217   19.435  0.861   1.00 23.67 ? 163 HOH B O   1 
HETATM 1654 O O   . HOH D 2 .   ? -9.513  38.659  10.934  1.00 35.83 ? 164 HOH B O   1 
HETATM 1655 O O   . HOH D 2 .   ? -8.933  4.195   2.294   1.00 40.70 ? 165 HOH B O   1 
HETATM 1656 O O   . HOH D 2 .   ? -9.266  16.271  16.461  1.00 34.06 ? 166 HOH B O   1 
HETATM 1657 O O   . HOH D 2 .   ? -7.149  0.403   9.738   1.00 46.22 ? 167 HOH B O   1 
HETATM 1658 O O   . HOH D 2 .   ? 3.066   14.523  14.973  1.00 34.79 ? 168 HOH B O   1 
HETATM 1659 O O   . HOH D 2 .   ? -2.524  1.296   17.214  1.00 40.13 ? 169 HOH B O   1 
HETATM 1660 O O   . HOH D 2 .   ? 11.638  17.633  5.386   1.00 32.56 ? 170 HOH B O   1 
HETATM 1661 O O   . HOH D 2 .   ? -15.231 24.368  -2.929  1.00 44.45 ? 171 HOH B O   1 
HETATM 1662 O O   . HOH D 2 .   ? 3.475   12.971  -2.874  1.00 42.68 ? 172 HOH B O   1 
HETATM 1663 O O   . HOH D 2 .   ? 2.652   -0.918  8.460   1.00 34.57 ? 173 HOH B O   1 
HETATM 1664 O O   . HOH D 2 .   ? -6.554  26.103  11.535  1.00 34.29 ? 174 HOH B O   1 
HETATM 1665 O O   . HOH D 2 .   ? 13.916  23.499  4.402   1.00 35.28 ? 175 HOH B O   1 
HETATM 1666 O O   . HOH D 2 .   ? -6.608  0.239   -3.854  1.00 26.81 ? 176 HOH B O   1 
HETATM 1667 O O   . HOH D 2 .   ? -9.802  31.264  -3.649  1.00 40.16 ? 177 HOH B O   1 
# 
loop_
_pdbx_poly_seq_scheme.asym_id 
_pdbx_poly_seq_scheme.entity_id 
_pdbx_poly_seq_scheme.seq_id 
_pdbx_poly_seq_scheme.mon_id 
_pdbx_poly_seq_scheme.ndb_seq_num 
_pdbx_poly_seq_scheme.pdb_seq_num 
_pdbx_poly_seq_scheme.auth_seq_num 
_pdbx_poly_seq_scheme.pdb_mon_id 
_pdbx_poly_seq_scheme.auth_mon_id 
_pdbx_poly_seq_scheme.pdb_strand_id 
_pdbx_poly_seq_scheme.pdb_ins_code 
_pdbx_poly_seq_scheme.hetero 
A 1 1   ALA 1   42  42  ALA ALA A . n 
A 1 2   LYS 2   43  43  LYS LYS A . n 
A 1 3   GLU 3   44  44  GLU GLU A . n 
A 1 4   MET 4   45  45  MET MET A . n 
A 1 5   GLN 5   46  46  GLN GLN A . n 
A 1 6   ASN 6   47  47  ASN ASN A . n 
A 1 7   VAL 7   48  48  VAL VAL A . n 
A 1 8   PRO 8   49  49  PRO PRO A . n 
A 1 9   TYR 9   50  50  TYR TYR A . n 
A 1 10  THR 10  51  51  THR THR A . n 
A 1 11  ILE 11  52  52  ILE ILE A . n 
A 1 12  ALA 12  53  53  ALA ALA A . n 
A 1 13  VAL 13  54  54  VAL VAL A . n 
A 1 14  ASP 14  55  55  ASP ASP A . n 
A 1 15  GLY 15  56  56  GLY GLY A . n 
A 1 16  ILE 16  57  57  ILE ALA A . n 
A 1 17  MET 17  58  58  MET MET A . n 
A 1 18  ALA 18  59  59  ALA ALA A . n 
A 1 19  PHE 19  60  60  PHE PHE A . n 
A 1 20  ASN 20  61  61  ASN ASN A . n 
A 1 21  GLN 21  62  62  GLN GLN A . n 
A 1 22  SER 22  63  63  SER SER A . n 
A 1 23  TYR 23  64  64  TYR TYR A . n 
A 1 24  LEU 24  65  65  LEU LEU A . n 
A 1 25  ASN 25  66  66  ASN ASN A . n 
A 1 26  LEU 26  67  67  LEU LEU A . n 
A 1 27  PRO 27  68  68  PRO PRO A . n 
A 1 28  LYS 28  69  69  LYS LYS A . n 
A 1 29  ASP 29  70  70  ASP ASP A . n 
A 1 30  SER 30  71  71  SER SER A . n 
A 1 31  GLN 31  72  72  GLN GLN A . n 
A 1 32  LEU 32  73  73  LEU LEU A . n 
A 1 33  SER 33  74  74  SER SER A . n 
A 1 34  TYR 34  75  75  TYR TYR A . n 
A 1 35  LEU 35  76  76  LEU LEU A . n 
A 1 36  ASP 36  77  77  ASP ASP A . n 
A 1 37  LEU 37  78  78  LEU LEU A . n 
A 1 38  GLY 38  79  79  GLY GLY A . n 
A 1 39  ASN 39  80  80  ASN ASN A . n 
A 1 40  LYS 40  81  81  LYS LYS A . n 
A 1 41  VAL 41  82  82  VAL VAL A . n 
A 1 42  LYS 42  83  83  LYS LYS A . n 
A 1 43  ALA 43  84  84  ALA ALA A . n 
A 1 44  LEU 44  85  85  LEU LEU A . n 
A 1 45  LEU 45  86  86  LEU LEU A . n 
A 1 46  TYR 46  87  87  TYR TYR A . n 
A 1 47  ASP 47  88  88  ASP ASP A . n 
A 1 48  GLU 48  89  89  GLU GLU A . n 
A 1 49  ARG 49  90  90  ARG ARG A . n 
A 1 50  GLY 50  91  91  GLY GLY A . n 
A 1 51  VAL 51  92  92  VAL VAL A . n 
A 1 52  THR 52  93  93  THR ALA A . n 
A 1 53  PRO 53  94  94  PRO PRO A . n 
A 1 54  GLU 54  95  95  GLU GLU A . n 
A 1 55  LYS 55  96  96  LYS LYS A . n 
A 1 56  ILE 56  97  97  ILE ILE A . n 
A 1 57  ARG 57  98  98  ARG ARG A . n 
A 1 58  ASN 58  99  99  ASN ASN A . n 
A 1 59  ALA 59  100 100 ALA ALA A . n 
A 1 60  LYS 60  101 101 LYS LYS A . n 
A 1 61  SER 61  102 102 SER SER A . n 
A 1 62  ALA 62  103 103 ALA ALA A . n 
A 1 63  VAL 63  104 104 VAL VAL A . n 
A 1 64  TYR 64  105 105 TYR TYR A . n 
A 1 65  THR 65  106 106 THR THR A . n 
A 1 66  ILE 66  107 107 ILE ILE A . n 
A 1 67  THR 67  108 108 THR THR A . n 
A 1 68  TRP 68  109 109 TRP TRP A . n 
A 1 69  LYS 69  110 110 LYS LYS A . n 
A 1 70  ASP 70  111 111 ASP ASP A . n 
A 1 71  GLY 71  112 112 GLY GLY A . n 
A 1 72  SER 72  113 113 SER SER A . n 
A 1 73  LYS 73  114 114 LYS LYS A . n 
A 1 74  LYS 74  115 115 LYS LYS A . n 
A 1 75  GLU 75  116 116 GLU GLU A . n 
A 1 76  VAL 76  117 117 VAL VAL A . n 
A 1 77  ASP 77  118 118 ASP ASP A . n 
A 1 78  LEU 78  119 119 LEU LEU A . n 
A 1 79  LYS 79  120 120 LYS LYS A . n 
A 1 80  LYS 80  121 121 LYS LYS A . n 
A 1 81  ASP 81  122 122 ASP ASP A . n 
A 1 82  SER 82  123 123 SER SER A . n 
A 1 83  TYR 83  124 124 TYR TYR A . n 
A 1 84  THR 84  125 125 THR THR A . n 
A 1 85  ALA 85  126 126 ALA ALA A . n 
A 1 86  ASN 86  127 127 ASN ASN A . n 
A 1 87  LEU 87  128 128 LEU LEU A . n 
A 1 88  PHE 88  129 129 PHE PHE A . n 
A 1 89  ASP 89  130 130 ASP ASP A . n 
A 1 90  SER 90  131 131 SER SER A . n 
A 1 91  ASN 91  132 132 ASN ASN A . n 
A 1 92  SER 92  133 133 SER SER A . n 
A 1 93  ILE 93  134 134 ILE ILE A . n 
A 1 94  LYS 94  135 135 LYS LYS A . n 
A 1 95  GLN 95  136 136 GLN GLN A . n 
A 1 96  ILE 96  137 137 ILE ILE A . n 
A 1 97  ASP 97  138 138 ASP ASP A . n 
A 1 98  ILE 98  139 139 ILE ILE A . n 
A 1 99  ASN 99  140 140 ASN ASN A . n 
A 1 100 VAL 100 141 141 VAL VAL A . n 
A 1 101 LYS 101 142 142 LYS LYS A . n 
A 1 102 THR 102 143 143 THR THR A . n 
A 1 103 LYS 103 144 144 LYS LYS A . n 
B 1 1   ALA 1   42  ?   ?   ?   B . n 
B 1 2   LYS 2   43  ?   ?   ?   B . n 
B 1 3   GLU 3   44  ?   ?   ?   B . n 
B 1 4   MET 4   45  45  MET MET B . n 
B 1 5   GLN 5   46  46  GLN GLN B . n 
B 1 6   ASN 6   47  47  ASN ASN B . n 
B 1 7   VAL 7   48  48  VAL VAL B . n 
B 1 8   PRO 8   49  49  PRO PRO B . n 
B 1 9   TYR 9   50  50  TYR TYR B . n 
B 1 10  THR 10  51  51  THR THR B . n 
B 1 11  ILE 11  52  52  ILE ILE B . n 
B 1 12  ALA 12  53  53  ALA ALA B . n 
B 1 13  VAL 13  54  54  VAL VAL B . n 
B 1 14  ASP 14  55  55  ASP ASP B . n 
B 1 15  GLY 15  56  56  GLY GLY B . n 
B 1 16  ILE 16  57  57  ILE ALA B . n 
B 1 17  MET 17  58  58  MET MET B . n 
B 1 18  ALA 18  59  59  ALA ALA B . n 
B 1 19  PHE 19  60  60  PHE PHE B . n 
B 1 20  ASN 20  61  61  ASN ASN B . n 
B 1 21  GLN 21  62  62  GLN GLN B . n 
B 1 22  SER 22  63  63  SER SER B . n 
B 1 23  TYR 23  64  64  TYR TYR B . n 
B 1 24  LEU 24  65  65  LEU LEU B . n 
B 1 25  ASN 25  66  66  ASN ASN B . n 
B 1 26  LEU 26  67  67  LEU LEU B . n 
B 1 27  PRO 27  68  68  PRO PRO B . n 
B 1 28  LYS 28  69  69  LYS ALA B . n 
B 1 29  ASP 29  70  70  ASP ASP B . n 
B 1 30  SER 30  71  71  SER SER B . n 
B 1 31  GLN 31  72  72  GLN GLN B . n 
B 1 32  LEU 32  73  73  LEU LEU B . n 
B 1 33  SER 33  74  74  SER SER B . n 
B 1 34  TYR 34  75  75  TYR TYR B . n 
B 1 35  LEU 35  76  76  LEU LEU B . n 
B 1 36  ASP 36  77  77  ASP ASP B . n 
B 1 37  LEU 37  78  78  LEU LEU B . n 
B 1 38  GLY 38  79  79  GLY GLY B . n 
B 1 39  ASN 39  80  80  ASN ASN B . n 
B 1 40  LYS 40  81  81  LYS LYS B . n 
B 1 41  VAL 41  82  82  VAL VAL B . n 
B 1 42  LYS 42  83  83  LYS LYS B . n 
B 1 43  ALA 43  84  84  ALA ALA B . n 
B 1 44  LEU 44  85  85  LEU LEU B . n 
B 1 45  LEU 45  86  86  LEU LEU B . n 
B 1 46  TYR 46  87  87  TYR TYR B . n 
B 1 47  ASP 47  88  88  ASP ASP B . n 
B 1 48  GLU 48  89  89  GLU GLU B . n 
B 1 49  ARG 49  90  90  ARG ARG B . n 
B 1 50  GLY 50  91  91  GLY GLY B . n 
B 1 51  VAL 51  92  92  VAL VAL B . n 
B 1 52  THR 52  93  93  THR THR B . n 
B 1 53  PRO 53  94  94  PRO PRO B . n 
B 1 54  GLU 54  95  95  GLU GLU B . n 
B 1 55  LYS 55  96  96  LYS LYS B . n 
B 1 56  ILE 56  97  97  ILE ILE B . n 
B 1 57  ARG 57  98  98  ARG ALA B . n 
B 1 58  ASN 58  99  99  ASN ASN B . n 
B 1 59  ALA 59  100 100 ALA ALA B . n 
B 1 60  LYS 60  101 101 LYS ALA B . n 
B 1 61  SER 61  102 102 SER SER B . n 
B 1 62  ALA 62  103 103 ALA ALA B . n 
B 1 63  VAL 63  104 104 VAL VAL B . n 
B 1 64  TYR 64  105 105 TYR TYR B . n 
B 1 65  THR 65  106 106 THR THR B . n 
B 1 66  ILE 66  107 107 ILE ILE B . n 
B 1 67  THR 67  108 108 THR THR B . n 
B 1 68  TRP 68  109 109 TRP TRP B . n 
B 1 69  LYS 69  110 110 LYS LYS B . n 
B 1 70  ASP 70  111 111 ASP ASP B . n 
B 1 71  GLY 71  112 112 GLY GLY B . n 
B 1 72  SER 72  113 113 SER SER B . n 
B 1 73  LYS 73  114 114 LYS LYS B . n 
B 1 74  LYS 74  115 115 LYS LYS B . n 
B 1 75  GLU 75  116 116 GLU GLU B . n 
B 1 76  VAL 76  117 117 VAL VAL B . n 
B 1 77  ASP 77  118 118 ASP ASP B . n 
B 1 78  LEU 78  119 119 LEU LEU B . n 
B 1 79  LYS 79  120 120 LYS LYS B . n 
B 1 80  LYS 80  121 121 LYS ALA B . n 
B 1 81  ASP 81  122 122 ASP ASP B . n 
B 1 82  SER 82  123 123 SER SER B . n 
B 1 83  TYR 83  124 124 TYR TYR B . n 
B 1 84  THR 84  125 125 THR THR B . n 
B 1 85  ALA 85  126 126 ALA ALA B . n 
B 1 86  ASN 86  127 127 ASN ASN B . n 
B 1 87  LEU 87  128 128 LEU LEU B . n 
B 1 88  PHE 88  129 129 PHE PHE B . n 
B 1 89  ASP 89  130 130 ASP ASP B . n 
B 1 90  SER 90  131 131 SER SER B . n 
B 1 91  ASN 91  132 132 ASN ASN B . n 
B 1 92  SER 92  133 133 SER SER B . n 
B 1 93  ILE 93  134 134 ILE ILE B . n 
B 1 94  LYS 94  135 135 LYS LYS B . n 
B 1 95  GLN 95  136 136 GLN GLN B . n 
B 1 96  ILE 96  137 137 ILE ILE B . n 
B 1 97  ASP 97  138 138 ASP ASP B . n 
B 1 98  ILE 98  139 139 ILE ILE B . n 
B 1 99  ASN 99  140 140 ASN ASN B . n 
B 1 100 VAL 100 141 141 VAL VAL B . n 
B 1 101 LYS 101 142 142 LYS LYS B . n 
B 1 102 THR 102 143 143 THR THR B . n 
B 1 103 LYS 103 144 144 LYS LYS B . n 
# 
loop_
_pdbx_nonpoly_scheme.asym_id 
_pdbx_nonpoly_scheme.entity_id 
_pdbx_nonpoly_scheme.mon_id 
_pdbx_nonpoly_scheme.ndb_seq_num 
_pdbx_nonpoly_scheme.pdb_seq_num 
_pdbx_nonpoly_scheme.auth_seq_num 
_pdbx_nonpoly_scheme.pdb_mon_id 
_pdbx_nonpoly_scheme.auth_mon_id 
_pdbx_nonpoly_scheme.pdb_strand_id 
_pdbx_nonpoly_scheme.pdb_ins_code 
C 2 HOH 1  145 1  HOH WAT A . 
C 2 HOH 2  146 2  HOH WAT A . 
C 2 HOH 3  147 3  HOH WAT A . 
C 2 HOH 4  148 5  HOH WAT A . 
C 2 HOH 5  149 6  HOH WAT A . 
C 2 HOH 6  150 9  HOH WAT A . 
C 2 HOH 7  151 10 HOH WAT A . 
C 2 HOH 8  152 11 HOH WAT A . 
C 2 HOH 9  153 12 HOH WAT A . 
C 2 HOH 10 154 13 HOH WAT A . 
C 2 HOH 11 155 14 HOH WAT A . 
C 2 HOH 12 156 15 HOH WAT A . 
C 2 HOH 13 157 16 HOH WAT A . 
C 2 HOH 14 158 18 HOH WAT A . 
C 2 HOH 15 159 19 HOH WAT A . 
C 2 HOH 16 160 20 HOH WAT A . 
C 2 HOH 17 161 21 HOH WAT A . 
C 2 HOH 18 162 22 HOH WAT A . 
C 2 HOH 19 163 24 HOH WAT A . 
C 2 HOH 20 164 29 HOH WAT A . 
C 2 HOH 21 165 30 HOH WAT A . 
C 2 HOH 22 166 31 HOH WAT A . 
C 2 HOH 23 167 33 HOH WAT A . 
C 2 HOH 24 168 34 HOH WAT A . 
C 2 HOH 25 169 38 HOH WAT A . 
C 2 HOH 26 170 40 HOH WAT A . 
C 2 HOH 27 171 41 HOH WAT A . 
C 2 HOH 28 172 42 HOH WAT A . 
C 2 HOH 29 173 43 HOH WAT A . 
C 2 HOH 30 174 44 HOH WAT A . 
C 2 HOH 31 175 45 HOH WAT A . 
C 2 HOH 32 176 48 HOH WAT A . 
C 2 HOH 33 177 49 HOH WAT A . 
C 2 HOH 34 178 51 HOH WAT A . 
C 2 HOH 35 179 55 HOH WAT A . 
C 2 HOH 36 180 56 HOH WAT A . 
C 2 HOH 37 181 57 HOH WAT A . 
C 2 HOH 38 182 58 HOH WAT A . 
C 2 HOH 39 183 60 HOH WAT A . 
C 2 HOH 40 184 61 HOH WAT A . 
C 2 HOH 41 185 63 HOH WAT A . 
C 2 HOH 42 186 71 HOH WAT A . 
C 2 HOH 43 187 74 HOH WAT A . 
D 2 HOH 1  145 4  HOH WAT B . 
D 2 HOH 2  146 7  HOH WAT B . 
D 2 HOH 3  147 8  HOH WAT B . 
D 2 HOH 4  148 17 HOH WAT B . 
D 2 HOH 5  149 23 HOH WAT B . 
D 2 HOH 6  150 25 HOH WAT B . 
D 2 HOH 7  151 26 HOH WAT B . 
D 2 HOH 8  152 27 HOH WAT B . 
D 2 HOH 9  153 28 HOH WAT B . 
D 2 HOH 10 154 32 HOH WAT B . 
D 2 HOH 11 155 35 HOH WAT B . 
D 2 HOH 12 156 36 HOH WAT B . 
D 2 HOH 13 157 37 HOH WAT B . 
D 2 HOH 14 158 39 HOH WAT B . 
D 2 HOH 15 159 46 HOH WAT B . 
D 2 HOH 16 160 47 HOH WAT B . 
D 2 HOH 17 161 50 HOH WAT B . 
D 2 HOH 18 162 52 HOH WAT B . 
D 2 HOH 19 163 53 HOH WAT B . 
D 2 HOH 20 164 54 HOH WAT B . 
D 2 HOH 21 165 59 HOH WAT B . 
D 2 HOH 22 166 62 HOH WAT B . 
D 2 HOH 23 167 64 HOH WAT B . 
D 2 HOH 24 168 65 HOH WAT B . 
D 2 HOH 25 169 66 HOH WAT B . 
D 2 HOH 26 170 67 HOH WAT B . 
D 2 HOH 27 171 68 HOH WAT B . 
D 2 HOH 28 172 69 HOH WAT B . 
D 2 HOH 29 173 70 HOH WAT B . 
D 2 HOH 30 174 72 HOH WAT B . 
D 2 HOH 31 175 73 HOH WAT B . 
D 2 HOH 32 176 75 HOH WAT B . 
D 2 HOH 33 177 76 HOH WAT B . 
# 
loop_
_pdbx_struct_assembly.id 
_pdbx_struct_assembly.details 
_pdbx_struct_assembly.method_details 
_pdbx_struct_assembly.oligomeric_details 
_pdbx_struct_assembly.oligomeric_count 
1 author_defined_assembly ? monomeric 1 
2 author_defined_assembly ? monomeric 1 
# 
loop_
_pdbx_struct_assembly_gen.assembly_id 
_pdbx_struct_assembly_gen.oper_expression 
_pdbx_struct_assembly_gen.asym_id_list 
1 1 A,C 
2 1 B,D 
# 
_pdbx_struct_oper_list.id                   1 
_pdbx_struct_oper_list.type                 'identity operation' 
_pdbx_struct_oper_list.name                 1_555 
_pdbx_struct_oper_list.symmetry_operation   x,y,z 
_pdbx_struct_oper_list.matrix[1][1]         1.0000000000 
_pdbx_struct_oper_list.matrix[1][2]         0.0000000000 
_pdbx_struct_oper_list.matrix[1][3]         0.0000000000 
_pdbx_struct_oper_list.vector[1]            0.0000000000 
_pdbx_struct_oper_list.matrix[2][1]         0.0000000000 
_pdbx_struct_oper_list.matrix[2][2]         1.0000000000 
_pdbx_struct_oper_list.matrix[2][3]         0.0000000000 
_pdbx_struct_oper_list.vector[2]            0.0000000000 
_pdbx_struct_oper_list.matrix[3][1]         0.0000000000 
_pdbx_struct_oper_list.matrix[3][2]         0.0000000000 
_pdbx_struct_oper_list.matrix[3][3]         1.0000000000 
_pdbx_struct_oper_list.vector[3]            0.0000000000 
# 
loop_
_pdbx_audit_revision_history.ordinal 
_pdbx_audit_revision_history.data_content_type 
_pdbx_audit_revision_history.major_revision 
_pdbx_audit_revision_history.minor_revision 
_pdbx_audit_revision_history.revision_date 
1 'Structure model' 1 0 2005-03-01 
2 'Structure model' 1 1 2008-04-30 
3 'Structure model' 1 2 2011-07-13 
4 'Structure model' 1 3 2023-08-23 
# 
_pdbx_audit_revision_details.ordinal             1 
_pdbx_audit_revision_details.revision_ordinal    1 
_pdbx_audit_revision_details.data_content_type   'Structure model' 
_pdbx_audit_revision_details.provider            repository 
_pdbx_audit_revision_details.type                'Initial release' 
_pdbx_audit_revision_details.description         ? 
_pdbx_audit_revision_details.details             ? 
# 
loop_
_pdbx_audit_revision_group.ordinal 
_pdbx_audit_revision_group.revision_ordinal 
_pdbx_audit_revision_group.data_content_type 
_pdbx_audit_revision_group.group 
1 2 'Structure model' 'Version format compliance' 
2 3 'Structure model' 'Version format compliance' 
3 4 'Structure model' 'Data collection'           
4 4 'Structure model' 'Database references'       
5 4 'Structure model' 'Refinement description'    
# 
loop_
_pdbx_audit_revision_category.ordinal 
_pdbx_audit_revision_category.revision_ordinal 
_pdbx_audit_revision_category.data_content_type 
_pdbx_audit_revision_category.category 
1 4 'Structure model' chem_comp_atom                
2 4 'Structure model' chem_comp_bond                
3 4 'Structure model' database_2                    
4 4 'Structure model' pdbx_initial_refinement_model 
# 
loop_
_pdbx_audit_revision_item.ordinal 
_pdbx_audit_revision_item.revision_ordinal 
_pdbx_audit_revision_item.data_content_type 
_pdbx_audit_revision_item.item 
1 4 'Structure model' '_database_2.pdbx_DOI'                
2 4 'Structure model' '_database_2.pdbx_database_accession' 
# 
loop_
_software.name 
_software.classification 
_software.version 
_software.citation_id 
_software.pdbx_ordinal 
DENZO     'data reduction' .   ? 1 
SCALEPACK 'data scaling'   .   ? 2 
MOLREP    phasing          .   ? 3 
CNS       refinement       1.0 ? 4 
# 
_pdbx_validate_close_contact.id               1 
_pdbx_validate_close_contact.PDB_model_num    1 
_pdbx_validate_close_contact.auth_atom_id_1   NE2 
_pdbx_validate_close_contact.auth_asym_id_1   B 
_pdbx_validate_close_contact.auth_comp_id_1   GLN 
_pdbx_validate_close_contact.auth_seq_id_1    46 
_pdbx_validate_close_contact.PDB_ins_code_1   ? 
_pdbx_validate_close_contact.label_alt_id_1   ? 
_pdbx_validate_close_contact.auth_atom_id_2   O 
_pdbx_validate_close_contact.auth_asym_id_2   B 
_pdbx_validate_close_contact.auth_comp_id_2   HOH 
_pdbx_validate_close_contact.auth_seq_id_2    154 
_pdbx_validate_close_contact.PDB_ins_code_2   ? 
_pdbx_validate_close_contact.label_alt_id_2   ? 
_pdbx_validate_close_contact.dist             2.18 
# 
loop_
_pdbx_validate_symm_contact.id 
_pdbx_validate_symm_contact.PDB_model_num 
_pdbx_validate_symm_contact.auth_atom_id_1 
_pdbx_validate_symm_contact.auth_asym_id_1 
_pdbx_validate_symm_contact.auth_comp_id_1 
_pdbx_validate_symm_contact.auth_seq_id_1 
_pdbx_validate_symm_contact.PDB_ins_code_1 
_pdbx_validate_symm_contact.label_alt_id_1 
_pdbx_validate_symm_contact.site_symmetry_1 
_pdbx_validate_symm_contact.auth_atom_id_2 
_pdbx_validate_symm_contact.auth_asym_id_2 
_pdbx_validate_symm_contact.auth_comp_id_2 
_pdbx_validate_symm_contact.auth_seq_id_2 
_pdbx_validate_symm_contact.PDB_ins_code_2 
_pdbx_validate_symm_contact.label_alt_id_2 
_pdbx_validate_symm_contact.site_symmetry_2 
_pdbx_validate_symm_contact.dist 
1 1 NE2 A GLN 46 ? ? 1_555 OD1 A ASN 61 ? ? 2_655 1.75 
2 1 CD  A GLN 46 ? ? 1_555 OD1 A ASN 61 ? ? 2_655 2.04 
# 
loop_
_pdbx_validate_rmsd_angle.id 
_pdbx_validate_rmsd_angle.PDB_model_num 
_pdbx_validate_rmsd_angle.auth_atom_id_1 
_pdbx_validate_rmsd_angle.auth_asym_id_1 
_pdbx_validate_rmsd_angle.auth_comp_id_1 
_pdbx_validate_rmsd_angle.auth_seq_id_1 
_pdbx_validate_rmsd_angle.PDB_ins_code_1 
_pdbx_validate_rmsd_angle.label_alt_id_1 
_pdbx_validate_rmsd_angle.auth_atom_id_2 
_pdbx_validate_rmsd_angle.auth_asym_id_2 
_pdbx_validate_rmsd_angle.auth_comp_id_2 
_pdbx_validate_rmsd_angle.auth_seq_id_2 
_pdbx_validate_rmsd_angle.PDB_ins_code_2 
_pdbx_validate_rmsd_angle.label_alt_id_2 
_pdbx_validate_rmsd_angle.auth_atom_id_3 
_pdbx_validate_rmsd_angle.auth_asym_id_3 
_pdbx_validate_rmsd_angle.auth_comp_id_3 
_pdbx_validate_rmsd_angle.auth_seq_id_3 
_pdbx_validate_rmsd_angle.PDB_ins_code_3 
_pdbx_validate_rmsd_angle.label_alt_id_3 
_pdbx_validate_rmsd_angle.angle_value 
_pdbx_validate_rmsd_angle.angle_target_value 
_pdbx_validate_rmsd_angle.angle_deviation 
_pdbx_validate_rmsd_angle.angle_standard_deviation 
_pdbx_validate_rmsd_angle.linker_flag 
1 1 CA A PHE 60 ? ? C A PHE 60 ? ? N  A ASN 61 ? ? 130.71 117.20 13.51  2.20 Y 
2 1 C  A ASN 61 ? ? N A GLN 62 ? ? CA A GLN 62 ? ? 105.77 121.70 -15.93 2.50 Y 
# 
loop_
_pdbx_validate_torsion.id 
_pdbx_validate_torsion.PDB_model_num 
_pdbx_validate_torsion.auth_comp_id 
_pdbx_validate_torsion.auth_asym_id 
_pdbx_validate_torsion.auth_seq_id 
_pdbx_validate_torsion.PDB_ins_code 
_pdbx_validate_torsion.label_alt_id 
_pdbx_validate_torsion.phi 
_pdbx_validate_torsion.psi 
1 1 ASN A 61  ? ? -133.52 -78.63 
2 1 GLN A 62  ? ? -176.71 141.12 
3 1 SER A 123 ? ? 173.94  142.17 
4 1 LYS B 121 ? ? -109.18 76.15  
# 
loop_
_pdbx_unobs_or_zero_occ_atoms.id 
_pdbx_unobs_or_zero_occ_atoms.PDB_model_num 
_pdbx_unobs_or_zero_occ_atoms.polymer_flag 
_pdbx_unobs_or_zero_occ_atoms.occupancy_flag 
_pdbx_unobs_or_zero_occ_atoms.auth_asym_id 
_pdbx_unobs_or_zero_occ_atoms.auth_comp_id 
_pdbx_unobs_or_zero_occ_atoms.auth_seq_id 
_pdbx_unobs_or_zero_occ_atoms.PDB_ins_code 
_pdbx_unobs_or_zero_occ_atoms.auth_atom_id 
_pdbx_unobs_or_zero_occ_atoms.label_alt_id 
_pdbx_unobs_or_zero_occ_atoms.label_asym_id 
_pdbx_unobs_or_zero_occ_atoms.label_comp_id 
_pdbx_unobs_or_zero_occ_atoms.label_seq_id 
_pdbx_unobs_or_zero_occ_atoms.label_atom_id 
1  1 Y 1 A ILE 57  ? CG1 ? A ILE 16 CG1 
2  1 Y 1 A ILE 57  ? CG2 ? A ILE 16 CG2 
3  1 Y 1 A ILE 57  ? CD1 ? A ILE 16 CD1 
4  1 Y 1 A THR 93  ? OG1 ? A THR 52 OG1 
5  1 Y 1 A THR 93  ? CG2 ? A THR 52 CG2 
6  1 Y 1 B ILE 57  ? CG1 ? B ILE 16 CG1 
7  1 Y 1 B ILE 57  ? CG2 ? B ILE 16 CG2 
8  1 Y 1 B ILE 57  ? CD1 ? B ILE 16 CD1 
9  1 Y 1 B LYS 69  ? CG  ? B LYS 28 CG  
10 1 Y 1 B LYS 69  ? CD  ? B LYS 28 CD  
11 1 Y 1 B LYS 69  ? CE  ? B LYS 28 CE  
12 1 Y 1 B LYS 69  ? NZ  ? B LYS 28 NZ  
13 1 Y 1 B ARG 98  ? CG  ? B ARG 57 CG  
14 1 Y 1 B ARG 98  ? CD  ? B ARG 57 CD  
15 1 Y 1 B ARG 98  ? NE  ? B ARG 57 NE  
16 1 Y 1 B ARG 98  ? CZ  ? B ARG 57 CZ  
17 1 Y 1 B ARG 98  ? NH1 ? B ARG 57 NH1 
18 1 Y 1 B ARG 98  ? NH2 ? B ARG 57 NH2 
19 1 Y 1 B LYS 101 ? CG  ? B LYS 60 CG  
20 1 Y 1 B LYS 101 ? CD  ? B LYS 60 CD  
21 1 Y 1 B LYS 101 ? CE  ? B LYS 60 CE  
22 1 Y 1 B LYS 101 ? NZ  ? B LYS 60 NZ  
23 1 Y 1 B LYS 121 ? CG  ? B LYS 80 CG  
24 1 Y 1 B LYS 121 ? CD  ? B LYS 80 CD  
25 1 Y 1 B LYS 121 ? CE  ? B LYS 80 CE  
26 1 Y 1 B LYS 121 ? NZ  ? B LYS 80 NZ  
# 
loop_
_pdbx_unobs_or_zero_occ_residues.id 
_pdbx_unobs_or_zero_occ_residues.PDB_model_num 
_pdbx_unobs_or_zero_occ_residues.polymer_flag 
_pdbx_unobs_or_zero_occ_residues.occupancy_flag 
_pdbx_unobs_or_zero_occ_residues.auth_asym_id 
_pdbx_unobs_or_zero_occ_residues.auth_comp_id 
_pdbx_unobs_or_zero_occ_residues.auth_seq_id 
_pdbx_unobs_or_zero_occ_residues.PDB_ins_code 
_pdbx_unobs_or_zero_occ_residues.label_asym_id 
_pdbx_unobs_or_zero_occ_residues.label_comp_id 
_pdbx_unobs_or_zero_occ_residues.label_seq_id 
1 1 Y 1 B ALA 42 ? B ALA 1 
2 1 Y 1 B LYS 43 ? B LYS 2 
3 1 Y 1 B GLU 44 ? B GLU 3 
# 
loop_
_chem_comp_atom.comp_id 
_chem_comp_atom.atom_id 
_chem_comp_atom.type_symbol 
_chem_comp_atom.pdbx_aromatic_flag 
_chem_comp_atom.pdbx_stereo_config 
_chem_comp_atom.pdbx_ordinal 
ALA N    N N N 1   
ALA CA   C N S 2   
ALA C    C N N 3   
ALA O    O N N 4   
ALA CB   C N N 5   
ALA OXT  O N N 6   
ALA H    H N N 7   
ALA H2   H N N 8   
ALA HA   H N N 9   
ALA HB1  H N N 10  
ALA HB2  H N N 11  
ALA HB3  H N N 12  
ALA HXT  H N N 13  
ARG N    N N N 14  
ARG CA   C N S 15  
ARG C    C N N 16  
ARG O    O N N 17  
ARG CB   C N N 18  
ARG CG   C N N 19  
ARG CD   C N N 20  
ARG NE   N N N 21  
ARG CZ   C N N 22  
ARG NH1  N N N 23  
ARG NH2  N N N 24  
ARG OXT  O N N 25  
ARG H    H N N 26  
ARG H2   H N N 27  
ARG HA   H N N 28  
ARG HB2  H N N 29  
ARG HB3  H N N 30  
ARG HG2  H N N 31  
ARG HG3  H N N 32  
ARG HD2  H N N 33  
ARG HD3  H N N 34  
ARG HE   H N N 35  
ARG HH11 H N N 36  
ARG HH12 H N N 37  
ARG HH21 H N N 38  
ARG HH22 H N N 39  
ARG HXT  H N N 40  
ASN N    N N N 41  
ASN CA   C N S 42  
ASN C    C N N 43  
ASN O    O N N 44  
ASN CB   C N N 45  
ASN CG   C N N 46  
ASN OD1  O N N 47  
ASN ND2  N N N 48  
ASN OXT  O N N 49  
ASN H    H N N 50  
ASN H2   H N N 51  
ASN HA   H N N 52  
ASN HB2  H N N 53  
ASN HB3  H N N 54  
ASN HD21 H N N 55  
ASN HD22 H N N 56  
ASN HXT  H N N 57  
ASP N    N N N 58  
ASP CA   C N S 59  
ASP C    C N N 60  
ASP O    O N N 61  
ASP CB   C N N 62  
ASP CG   C N N 63  
ASP OD1  O N N 64  
ASP OD2  O N N 65  
ASP OXT  O N N 66  
ASP H    H N N 67  
ASP H2   H N N 68  
ASP HA   H N N 69  
ASP HB2  H N N 70  
ASP HB3  H N N 71  
ASP HD2  H N N 72  
ASP HXT  H N N 73  
GLN N    N N N 74  
GLN CA   C N S 75  
GLN C    C N N 76  
GLN O    O N N 77  
GLN CB   C N N 78  
GLN CG   C N N 79  
GLN CD   C N N 80  
GLN OE1  O N N 81  
GLN NE2  N N N 82  
GLN OXT  O N N 83  
GLN H    H N N 84  
GLN H2   H N N 85  
GLN HA   H N N 86  
GLN HB2  H N N 87  
GLN HB3  H N N 88  
GLN HG2  H N N 89  
GLN HG3  H N N 90  
GLN HE21 H N N 91  
GLN HE22 H N N 92  
GLN HXT  H N N 93  
GLU N    N N N 94  
GLU CA   C N S 95  
GLU C    C N N 96  
GLU O    O N N 97  
GLU CB   C N N 98  
GLU CG   C N N 99  
GLU CD   C N N 100 
GLU OE1  O N N 101 
GLU OE2  O N N 102 
GLU OXT  O N N 103 
GLU H    H N N 104 
GLU H2   H N N 105 
GLU HA   H N N 106 
GLU HB2  H N N 107 
GLU HB3  H N N 108 
GLU HG2  H N N 109 
GLU HG3  H N N 110 
GLU HE2  H N N 111 
GLU HXT  H N N 112 
GLY N    N N N 113 
GLY CA   C N N 114 
GLY C    C N N 115 
GLY O    O N N 116 
GLY OXT  O N N 117 
GLY H    H N N 118 
GLY H2   H N N 119 
GLY HA2  H N N 120 
GLY HA3  H N N 121 
GLY HXT  H N N 122 
HOH O    O N N 123 
HOH H1   H N N 124 
HOH H2   H N N 125 
ILE N    N N N 126 
ILE CA   C N S 127 
ILE C    C N N 128 
ILE O    O N N 129 
ILE CB   C N S 130 
ILE CG1  C N N 131 
ILE CG2  C N N 132 
ILE CD1  C N N 133 
ILE OXT  O N N 134 
ILE H    H N N 135 
ILE H2   H N N 136 
ILE HA   H N N 137 
ILE HB   H N N 138 
ILE HG12 H N N 139 
ILE HG13 H N N 140 
ILE HG21 H N N 141 
ILE HG22 H N N 142 
ILE HG23 H N N 143 
ILE HD11 H N N 144 
ILE HD12 H N N 145 
ILE HD13 H N N 146 
ILE HXT  H N N 147 
LEU N    N N N 148 
LEU CA   C N S 149 
LEU C    C N N 150 
LEU O    O N N 151 
LEU CB   C N N 152 
LEU CG   C N N 153 
LEU CD1  C N N 154 
LEU CD2  C N N 155 
LEU OXT  O N N 156 
LEU H    H N N 157 
LEU H2   H N N 158 
LEU HA   H N N 159 
LEU HB2  H N N 160 
LEU HB3  H N N 161 
LEU HG   H N N 162 
LEU HD11 H N N 163 
LEU HD12 H N N 164 
LEU HD13 H N N 165 
LEU HD21 H N N 166 
LEU HD22 H N N 167 
LEU HD23 H N N 168 
LEU HXT  H N N 169 
LYS N    N N N 170 
LYS CA   C N S 171 
LYS C    C N N 172 
LYS O    O N N 173 
LYS CB   C N N 174 
LYS CG   C N N 175 
LYS CD   C N N 176 
LYS CE   C N N 177 
LYS NZ   N N N 178 
LYS OXT  O N N 179 
LYS H    H N N 180 
LYS H2   H N N 181 
LYS HA   H N N 182 
LYS HB2  H N N 183 
LYS HB3  H N N 184 
LYS HG2  H N N 185 
LYS HG3  H N N 186 
LYS HD2  H N N 187 
LYS HD3  H N N 188 
LYS HE2  H N N 189 
LYS HE3  H N N 190 
LYS HZ1  H N N 191 
LYS HZ2  H N N 192 
LYS HZ3  H N N 193 
LYS HXT  H N N 194 
MET N    N N N 195 
MET CA   C N S 196 
MET C    C N N 197 
MET O    O N N 198 
MET CB   C N N 199 
MET CG   C N N 200 
MET SD   S N N 201 
MET CE   C N N 202 
MET OXT  O N N 203 
MET H    H N N 204 
MET H2   H N N 205 
MET HA   H N N 206 
MET HB2  H N N 207 
MET HB3  H N N 208 
MET HG2  H N N 209 
MET HG3  H N N 210 
MET HE1  H N N 211 
MET HE2  H N N 212 
MET HE3  H N N 213 
MET HXT  H N N 214 
PHE N    N N N 215 
PHE CA   C N S 216 
PHE C    C N N 217 
PHE O    O N N 218 
PHE CB   C N N 219 
PHE CG   C Y N 220 
PHE CD1  C Y N 221 
PHE CD2  C Y N 222 
PHE CE1  C Y N 223 
PHE CE2  C Y N 224 
PHE CZ   C Y N 225 
PHE OXT  O N N 226 
PHE H    H N N 227 
PHE H2   H N N 228 
PHE HA   H N N 229 
PHE HB2  H N N 230 
PHE HB3  H N N 231 
PHE HD1  H N N 232 
PHE HD2  H N N 233 
PHE HE1  H N N 234 
PHE HE2  H N N 235 
PHE HZ   H N N 236 
PHE HXT  H N N 237 
PRO N    N N N 238 
PRO CA   C N S 239 
PRO C    C N N 240 
PRO O    O N N 241 
PRO CB   C N N 242 
PRO CG   C N N 243 
PRO CD   C N N 244 
PRO OXT  O N N 245 
PRO H    H N N 246 
PRO HA   H N N 247 
PRO HB2  H N N 248 
PRO HB3  H N N 249 
PRO HG2  H N N 250 
PRO HG3  H N N 251 
PRO HD2  H N N 252 
PRO HD3  H N N 253 
PRO HXT  H N N 254 
SER N    N N N 255 
SER CA   C N S 256 
SER C    C N N 257 
SER O    O N N 258 
SER CB   C N N 259 
SER OG   O N N 260 
SER OXT  O N N 261 
SER H    H N N 262 
SER H2   H N N 263 
SER HA   H N N 264 
SER HB2  H N N 265 
SER HB3  H N N 266 
SER HG   H N N 267 
SER HXT  H N N 268 
THR N    N N N 269 
THR CA   C N S 270 
THR C    C N N 271 
THR O    O N N 272 
THR CB   C N R 273 
THR OG1  O N N 274 
THR CG2  C N N 275 
THR OXT  O N N 276 
THR H    H N N 277 
THR H2   H N N 278 
THR HA   H N N 279 
THR HB   H N N 280 
THR HG1  H N N 281 
THR HG21 H N N 282 
THR HG22 H N N 283 
THR HG23 H N N 284 
THR HXT  H N N 285 
TRP N    N N N 286 
TRP CA   C N S 287 
TRP C    C N N 288 
TRP O    O N N 289 
TRP CB   C N N 290 
TRP CG   C Y N 291 
TRP CD1  C Y N 292 
TRP CD2  C Y N 293 
TRP NE1  N Y N 294 
TRP CE2  C Y N 295 
TRP CE3  C Y N 296 
TRP CZ2  C Y N 297 
TRP CZ3  C Y N 298 
TRP CH2  C Y N 299 
TRP OXT  O N N 300 
TRP H    H N N 301 
TRP H2   H N N 302 
TRP HA   H N N 303 
TRP HB2  H N N 304 
TRP HB3  H N N 305 
TRP HD1  H N N 306 
TRP HE1  H N N 307 
TRP HE3  H N N 308 
TRP HZ2  H N N 309 
TRP HZ3  H N N 310 
TRP HH2  H N N 311 
TRP HXT  H N N 312 
TYR N    N N N 313 
TYR CA   C N S 314 
TYR C    C N N 315 
TYR O    O N N 316 
TYR CB   C N N 317 
TYR CG   C Y N 318 
TYR CD1  C Y N 319 
TYR CD2  C Y N 320 
TYR CE1  C Y N 321 
TYR CE2  C Y N 322 
TYR CZ   C Y N 323 
TYR OH   O N N 324 
TYR OXT  O N N 325 
TYR H    H N N 326 
TYR H2   H N N 327 
TYR HA   H N N 328 
TYR HB2  H N N 329 
TYR HB3  H N N 330 
TYR HD1  H N N 331 
TYR HD2  H N N 332 
TYR HE1  H N N 333 
TYR HE2  H N N 334 
TYR HH   H N N 335 
TYR HXT  H N N 336 
VAL N    N N N 337 
VAL CA   C N S 338 
VAL C    C N N 339 
VAL O    O N N 340 
VAL CB   C N N 341 
VAL CG1  C N N 342 
VAL CG2  C N N 343 
VAL OXT  O N N 344 
VAL H    H N N 345 
VAL H2   H N N 346 
VAL HA   H N N 347 
VAL HB   H N N 348 
VAL HG11 H N N 349 
VAL HG12 H N N 350 
VAL HG13 H N N 351 
VAL HG21 H N N 352 
VAL HG22 H N N 353 
VAL HG23 H N N 354 
VAL HXT  H N N 355 
# 
loop_
_chem_comp_bond.comp_id 
_chem_comp_bond.atom_id_1 
_chem_comp_bond.atom_id_2 
_chem_comp_bond.value_order 
_chem_comp_bond.pdbx_aromatic_flag 
_chem_comp_bond.pdbx_stereo_config 
_chem_comp_bond.pdbx_ordinal 
ALA N   CA   sing N N 1   
ALA N   H    sing N N 2   
ALA N   H2   sing N N 3   
ALA CA  C    sing N N 4   
ALA CA  CB   sing N N 5   
ALA CA  HA   sing N N 6   
ALA C   O    doub N N 7   
ALA C   OXT  sing N N 8   
ALA CB  HB1  sing N N 9   
ALA CB  HB2  sing N N 10  
ALA CB  HB3  sing N N 11  
ALA OXT HXT  sing N N 12  
ARG N   CA   sing N N 13  
ARG N   H    sing N N 14  
ARG N   H2   sing N N 15  
ARG CA  C    sing N N 16  
ARG CA  CB   sing N N 17  
ARG CA  HA   sing N N 18  
ARG C   O    doub N N 19  
ARG C   OXT  sing N N 20  
ARG CB  CG   sing N N 21  
ARG CB  HB2  sing N N 22  
ARG CB  HB3  sing N N 23  
ARG CG  CD   sing N N 24  
ARG CG  HG2  sing N N 25  
ARG CG  HG3  sing N N 26  
ARG CD  NE   sing N N 27  
ARG CD  HD2  sing N N 28  
ARG CD  HD3  sing N N 29  
ARG NE  CZ   sing N N 30  
ARG NE  HE   sing N N 31  
ARG CZ  NH1  sing N N 32  
ARG CZ  NH2  doub N N 33  
ARG NH1 HH11 sing N N 34  
ARG NH1 HH12 sing N N 35  
ARG NH2 HH21 sing N N 36  
ARG NH2 HH22 sing N N 37  
ARG OXT HXT  sing N N 38  
ASN N   CA   sing N N 39  
ASN N   H    sing N N 40  
ASN N   H2   sing N N 41  
ASN CA  C    sing N N 42  
ASN CA  CB   sing N N 43  
ASN CA  HA   sing N N 44  
ASN C   O    doub N N 45  
ASN C   OXT  sing N N 46  
ASN CB  CG   sing N N 47  
ASN CB  HB2  sing N N 48  
ASN CB  HB3  sing N N 49  
ASN CG  OD1  doub N N 50  
ASN CG  ND2  sing N N 51  
ASN ND2 HD21 sing N N 52  
ASN ND2 HD22 sing N N 53  
ASN OXT HXT  sing N N 54  
ASP N   CA   sing N N 55  
ASP N   H    sing N N 56  
ASP N   H2   sing N N 57  
ASP CA  C    sing N N 58  
ASP CA  CB   sing N N 59  
ASP CA  HA   sing N N 60  
ASP C   O    doub N N 61  
ASP C   OXT  sing N N 62  
ASP CB  CG   sing N N 63  
ASP CB  HB2  sing N N 64  
ASP CB  HB3  sing N N 65  
ASP CG  OD1  doub N N 66  
ASP CG  OD2  sing N N 67  
ASP OD2 HD2  sing N N 68  
ASP OXT HXT  sing N N 69  
GLN N   CA   sing N N 70  
GLN N   H    sing N N 71  
GLN N   H2   sing N N 72  
GLN CA  C    sing N N 73  
GLN CA  CB   sing N N 74  
GLN CA  HA   sing N N 75  
GLN C   O    doub N N 76  
GLN C   OXT  sing N N 77  
GLN CB  CG   sing N N 78  
GLN CB  HB2  sing N N 79  
GLN CB  HB3  sing N N 80  
GLN CG  CD   sing N N 81  
GLN CG  HG2  sing N N 82  
GLN CG  HG3  sing N N 83  
GLN CD  OE1  doub N N 84  
GLN CD  NE2  sing N N 85  
GLN NE2 HE21 sing N N 86  
GLN NE2 HE22 sing N N 87  
GLN OXT HXT  sing N N 88  
GLU N   CA   sing N N 89  
GLU N   H    sing N N 90  
GLU N   H2   sing N N 91  
GLU CA  C    sing N N 92  
GLU CA  CB   sing N N 93  
GLU CA  HA   sing N N 94  
GLU C   O    doub N N 95  
GLU C   OXT  sing N N 96  
GLU CB  CG   sing N N 97  
GLU CB  HB2  sing N N 98  
GLU CB  HB3  sing N N 99  
GLU CG  CD   sing N N 100 
GLU CG  HG2  sing N N 101 
GLU CG  HG3  sing N N 102 
GLU CD  OE1  doub N N 103 
GLU CD  OE2  sing N N 104 
GLU OE2 HE2  sing N N 105 
GLU OXT HXT  sing N N 106 
GLY N   CA   sing N N 107 
GLY N   H    sing N N 108 
GLY N   H2   sing N N 109 
GLY CA  C    sing N N 110 
GLY CA  HA2  sing N N 111 
GLY CA  HA3  sing N N 112 
GLY C   O    doub N N 113 
GLY C   OXT  sing N N 114 
GLY OXT HXT  sing N N 115 
HOH O   H1   sing N N 116 
HOH O   H2   sing N N 117 
ILE N   CA   sing N N 118 
ILE N   H    sing N N 119 
ILE N   H2   sing N N 120 
ILE CA  C    sing N N 121 
ILE CA  CB   sing N N 122 
ILE CA  HA   sing N N 123 
ILE C   O    doub N N 124 
ILE C   OXT  sing N N 125 
ILE CB  CG1  sing N N 126 
ILE CB  CG2  sing N N 127 
ILE CB  HB   sing N N 128 
ILE CG1 CD1  sing N N 129 
ILE CG1 HG12 sing N N 130 
ILE CG1 HG13 sing N N 131 
ILE CG2 HG21 sing N N 132 
ILE CG2 HG22 sing N N 133 
ILE CG2 HG23 sing N N 134 
ILE CD1 HD11 sing N N 135 
ILE CD1 HD12 sing N N 136 
ILE CD1 HD13 sing N N 137 
ILE OXT HXT  sing N N 138 
LEU N   CA   sing N N 139 
LEU N   H    sing N N 140 
LEU N   H2   sing N N 141 
LEU CA  C    sing N N 142 
LEU CA  CB   sing N N 143 
LEU CA  HA   sing N N 144 
LEU C   O    doub N N 145 
LEU C   OXT  sing N N 146 
LEU CB  CG   sing N N 147 
LEU CB  HB2  sing N N 148 
LEU CB  HB3  sing N N 149 
LEU CG  CD1  sing N N 150 
LEU CG  CD2  sing N N 151 
LEU CG  HG   sing N N 152 
LEU CD1 HD11 sing N N 153 
LEU CD1 HD12 sing N N 154 
LEU CD1 HD13 sing N N 155 
LEU CD2 HD21 sing N N 156 
LEU CD2 HD22 sing N N 157 
LEU CD2 HD23 sing N N 158 
LEU OXT HXT  sing N N 159 
LYS N   CA   sing N N 160 
LYS N   H    sing N N 161 
LYS N   H2   sing N N 162 
LYS CA  C    sing N N 163 
LYS CA  CB   sing N N 164 
LYS CA  HA   sing N N 165 
LYS C   O    doub N N 166 
LYS C   OXT  sing N N 167 
LYS CB  CG   sing N N 168 
LYS CB  HB2  sing N N 169 
LYS CB  HB3  sing N N 170 
LYS CG  CD   sing N N 171 
LYS CG  HG2  sing N N 172 
LYS CG  HG3  sing N N 173 
LYS CD  CE   sing N N 174 
LYS CD  HD2  sing N N 175 
LYS CD  HD3  sing N N 176 
LYS CE  NZ   sing N N 177 
LYS CE  HE2  sing N N 178 
LYS CE  HE3  sing N N 179 
LYS NZ  HZ1  sing N N 180 
LYS NZ  HZ2  sing N N 181 
LYS NZ  HZ3  sing N N 182 
LYS OXT HXT  sing N N 183 
MET N   CA   sing N N 184 
MET N   H    sing N N 185 
MET N   H2   sing N N 186 
MET CA  C    sing N N 187 
MET CA  CB   sing N N 188 
MET CA  HA   sing N N 189 
MET C   O    doub N N 190 
MET C   OXT  sing N N 191 
MET CB  CG   sing N N 192 
MET CB  HB2  sing N N 193 
MET CB  HB3  sing N N 194 
MET CG  SD   sing N N 195 
MET CG  HG2  sing N N 196 
MET CG  HG3  sing N N 197 
MET SD  CE   sing N N 198 
MET CE  HE1  sing N N 199 
MET CE  HE2  sing N N 200 
MET CE  HE3  sing N N 201 
MET OXT HXT  sing N N 202 
PHE N   CA   sing N N 203 
PHE N   H    sing N N 204 
PHE N   H2   sing N N 205 
PHE CA  C    sing N N 206 
PHE CA  CB   sing N N 207 
PHE CA  HA   sing N N 208 
PHE C   O    doub N N 209 
PHE C   OXT  sing N N 210 
PHE CB  CG   sing N N 211 
PHE CB  HB2  sing N N 212 
PHE CB  HB3  sing N N 213 
PHE CG  CD1  doub Y N 214 
PHE CG  CD2  sing Y N 215 
PHE CD1 CE1  sing Y N 216 
PHE CD1 HD1  sing N N 217 
PHE CD2 CE2  doub Y N 218 
PHE CD2 HD2  sing N N 219 
PHE CE1 CZ   doub Y N 220 
PHE CE1 HE1  sing N N 221 
PHE CE2 CZ   sing Y N 222 
PHE CE2 HE2  sing N N 223 
PHE CZ  HZ   sing N N 224 
PHE OXT HXT  sing N N 225 
PRO N   CA   sing N N 226 
PRO N   CD   sing N N 227 
PRO N   H    sing N N 228 
PRO CA  C    sing N N 229 
PRO CA  CB   sing N N 230 
PRO CA  HA   sing N N 231 
PRO C   O    doub N N 232 
PRO C   OXT  sing N N 233 
PRO CB  CG   sing N N 234 
PRO CB  HB2  sing N N 235 
PRO CB  HB3  sing N N 236 
PRO CG  CD   sing N N 237 
PRO CG  HG2  sing N N 238 
PRO CG  HG3  sing N N 239 
PRO CD  HD2  sing N N 240 
PRO CD  HD3  sing N N 241 
PRO OXT HXT  sing N N 242 
SER N   CA   sing N N 243 
SER N   H    sing N N 244 
SER N   H2   sing N N 245 
SER CA  C    sing N N 246 
SER CA  CB   sing N N 247 
SER CA  HA   sing N N 248 
SER C   O    doub N N 249 
SER C   OXT  sing N N 250 
SER CB  OG   sing N N 251 
SER CB  HB2  sing N N 252 
SER CB  HB3  sing N N 253 
SER OG  HG   sing N N 254 
SER OXT HXT  sing N N 255 
THR N   CA   sing N N 256 
THR N   H    sing N N 257 
THR N   H2   sing N N 258 
THR CA  C    sing N N 259 
THR CA  CB   sing N N 260 
THR CA  HA   sing N N 261 
THR C   O    doub N N 262 
THR C   OXT  sing N N 263 
THR CB  OG1  sing N N 264 
THR CB  CG2  sing N N 265 
THR CB  HB   sing N N 266 
THR OG1 HG1  sing N N 267 
THR CG2 HG21 sing N N 268 
THR CG2 HG22 sing N N 269 
THR CG2 HG23 sing N N 270 
THR OXT HXT  sing N N 271 
TRP N   CA   sing N N 272 
TRP N   H    sing N N 273 
TRP N   H2   sing N N 274 
TRP CA  C    sing N N 275 
TRP CA  CB   sing N N 276 
TRP CA  HA   sing N N 277 
TRP C   O    doub N N 278 
TRP C   OXT  sing N N 279 
TRP CB  CG   sing N N 280 
TRP CB  HB2  sing N N 281 
TRP CB  HB3  sing N N 282 
TRP CG  CD1  doub Y N 283 
TRP CG  CD2  sing Y N 284 
TRP CD1 NE1  sing Y N 285 
TRP CD1 HD1  sing N N 286 
TRP CD2 CE2  doub Y N 287 
TRP CD2 CE3  sing Y N 288 
TRP NE1 CE2  sing Y N 289 
TRP NE1 HE1  sing N N 290 
TRP CE2 CZ2  sing Y N 291 
TRP CE3 CZ3  doub Y N 292 
TRP CE3 HE3  sing N N 293 
TRP CZ2 CH2  doub Y N 294 
TRP CZ2 HZ2  sing N N 295 
TRP CZ3 CH2  sing Y N 296 
TRP CZ3 HZ3  sing N N 297 
TRP CH2 HH2  sing N N 298 
TRP OXT HXT  sing N N 299 
TYR N   CA   sing N N 300 
TYR N   H    sing N N 301 
TYR N   H2   sing N N 302 
TYR CA  C    sing N N 303 
TYR CA  CB   sing N N 304 
TYR CA  HA   sing N N 305 
TYR C   O    doub N N 306 
TYR C   OXT  sing N N 307 
TYR CB  CG   sing N N 308 
TYR CB  HB2  sing N N 309 
TYR CB  HB3  sing N N 310 
TYR CG  CD1  doub Y N 311 
TYR CG  CD2  sing Y N 312 
TYR CD1 CE1  sing Y N 313 
TYR CD1 HD1  sing N N 314 
TYR CD2 CE2  doub Y N 315 
TYR CD2 HD2  sing N N 316 
TYR CE1 CZ   doub Y N 317 
TYR CE1 HE1  sing N N 318 
TYR CE2 CZ   sing Y N 319 
TYR CE2 HE2  sing N N 320 
TYR CZ  OH   sing N N 321 
TYR OH  HH   sing N N 322 
TYR OXT HXT  sing N N 323 
VAL N   CA   sing N N 324 
VAL N   H    sing N N 325 
VAL N   H2   sing N N 326 
VAL CA  C    sing N N 327 
VAL CA  CB   sing N N 328 
VAL CA  HA   sing N N 329 
VAL C   O    doub N N 330 
VAL C   OXT  sing N N 331 
VAL CB  CG1  sing N N 332 
VAL CB  CG2  sing N N 333 
VAL CB  HB   sing N N 334 
VAL CG1 HG11 sing N N 335 
VAL CG1 HG12 sing N N 336 
VAL CG1 HG13 sing N N 337 
VAL CG2 HG21 sing N N 338 
VAL CG2 HG22 sing N N 339 
VAL CG2 HG23 sing N N 340 
VAL OXT HXT  sing N N 341 
# 
_pdbx_entity_nonpoly.entity_id   2 
_pdbx_entity_nonpoly.name        water 
_pdbx_entity_nonpoly.comp_id     HOH 
# 
_pdbx_initial_refinement_model.id               1 
_pdbx_initial_refinement_model.entity_id_list   ? 
_pdbx_initial_refinement_model.type             'experimental model' 
_pdbx_initial_refinement_model.source_name      PDB 
_pdbx_initial_refinement_model.accession_code   1YN4 
_pdbx_initial_refinement_model.details          'EapH1, pdb entry 1YN4' 
# 
